data_6HWM
#
_entry.id   6HWM
#
_cell.length_a   135.139
_cell.length_b   168.740
_cell.length_c   166.083
_cell.angle_alpha   90.00
_cell.angle_beta   90.00
_cell.angle_gamma   90.00
#
_symmetry.space_group_name_H-M   'C 2 2 21'
#
loop_
_entity.id
_entity.type
_entity.pdbx_description
1 polymer 'ATP-dependent Clp protease proteolytic subunit'
2 non-polymer N-[(1R)-1-(DIHYDROXYBORYL)-3-METHYLBUTYL]-N-(PYRAZIN-2-YLCARBONYL)-L-PHENYLALANINAMIDE
3 non-polymer DI(HYDROXYETHYL)ETHER
#
_entity_poly.entity_id   1
_entity_poly.type   'polypeptide(L)'
_entity_poly.pdbx_seq_one_letter_code
;MVIPYVIEQTARGERVYDIYSRLLKDRIIFLGTPIDAQVANVVVAQLLFLDAQNPNQEIKLYINSPGGEVDAGLAIYDTM
QFVRAPVSTIVIGMAASMAAVILAAGEKGRRYALPHAKVMIHQPWGGVRGTASDIAIQAQEILKAKKLLNEILAKHTGQP
LEKVEKDTDRDYYLSAQEALEYGLIDQVVTREEALEHHHHHHHH
;
_entity_poly.pdbx_strand_id   A,B,C,D,E,F,G
#
# COMPACT_ATOMS: atom_id res chain seq x y z
N ILE A 3 9.68 8.10 -7.15
CA ILE A 3 9.75 7.66 -8.52
C ILE A 3 8.87 8.48 -9.40
N PRO A 4 9.48 9.42 -10.11
CA PRO A 4 8.98 10.42 -11.03
C PRO A 4 8.45 9.83 -12.28
N TYR A 5 7.55 10.52 -12.96
CA TYR A 5 6.97 10.01 -14.21
C TYR A 5 7.24 10.94 -15.42
N VAL A 6 7.12 10.42 -16.64
CA VAL A 6 7.38 11.23 -17.83
C VAL A 6 6.27 10.90 -18.82
N ILE A 7 5.78 11.88 -19.56
CA ILE A 7 4.86 11.55 -20.63
C ILE A 7 5.62 11.77 -21.91
N GLU A 8 5.57 10.82 -22.79
CA GLU A 8 6.34 10.91 -24.01
C GLU A 8 5.38 11.05 -25.17
N GLN A 9 5.62 12.11 -25.93
CA GLN A 9 4.63 12.80 -26.75
C GLN A 9 4.80 12.24 -28.17
N VAL A 16 2.87 7.14 -20.93
CA VAL A 16 3.41 7.52 -19.62
C VAL A 16 4.29 6.40 -19.04
N TYR A 17 5.52 6.77 -18.62
CA TYR A 17 6.45 5.87 -17.96
C TYR A 17 6.93 6.47 -16.64
N ASP A 18 7.35 5.60 -15.72
CA ASP A 18 8.23 6.00 -14.63
C ASP A 18 9.68 6.06 -15.14
N ILE A 19 10.53 6.75 -14.37
CA ILE A 19 11.81 7.19 -14.89
C ILE A 19 12.68 6.00 -15.27
N TYR A 20 12.61 4.91 -14.52
CA TYR A 20 13.44 3.77 -14.89
C TYR A 20 12.88 3.06 -16.11
N SER A 21 11.55 3.04 -16.24
CA SER A 21 10.91 2.42 -17.40
C SER A 21 11.18 3.22 -18.68
N ARG A 22 11.32 4.54 -18.57
CA ARG A 22 11.66 5.35 -19.74
C ARG A 22 13.10 5.11 -20.17
N LEU A 23 14.04 5.06 -19.23
CA LEU A 23 15.39 4.75 -19.62
C LEU A 23 15.52 3.32 -20.13
N LEU A 24 14.52 2.48 -19.86
CA LEU A 24 14.56 1.15 -20.45
C LEU A 24 14.28 1.21 -21.95
N LYS A 25 13.43 2.14 -22.41
CA LYS A 25 13.22 2.29 -23.85
C LYS A 25 14.49 2.71 -24.55
N ASP A 26 15.40 3.38 -23.80
CA ASP A 26 16.75 3.72 -24.27
C ASP A 26 17.76 2.60 -24.00
N ARG A 27 17.28 1.39 -23.71
CA ARG A 27 18.12 0.21 -23.46
C ARG A 27 19.08 0.41 -22.28
N ILE A 28 18.56 1.08 -21.22
CA ILE A 28 19.25 1.22 -19.95
C ILE A 28 18.52 0.40 -18.87
N ILE A 29 19.30 -0.37 -18.12
CA ILE A 29 18.87 -1.18 -16.99
C ILE A 29 19.63 -0.73 -15.74
N PHE A 30 18.91 -0.60 -14.63
CA PHE A 30 19.54 -0.29 -13.36
C PHE A 30 19.61 -1.52 -12.46
N LEU A 31 20.79 -1.75 -11.89
CA LEU A 31 20.99 -2.74 -10.85
C LEU A 31 21.46 -1.95 -9.63
N GLY A 32 20.51 -1.40 -8.89
CA GLY A 32 20.80 -0.49 -7.80
C GLY A 32 20.51 -0.94 -6.39
N THR A 33 20.07 -2.16 -6.22
CA THR A 33 19.75 -2.64 -4.89
C THR A 33 20.62 -3.84 -4.64
N PRO A 34 20.60 -4.38 -3.41
CA PRO A 34 21.26 -5.66 -3.15
C PRO A 34 20.59 -6.76 -3.96
N ILE A 35 21.35 -7.80 -4.26
CA ILE A 35 20.91 -8.80 -5.21
C ILE A 35 20.34 -9.99 -4.47
N ASP A 36 19.06 -10.23 -4.72
CA ASP A 36 18.28 -11.31 -4.16
C ASP A 36 17.59 -12.02 -5.33
N ALA A 37 17.07 -13.22 -5.10
CA ALA A 37 16.47 -13.97 -6.20
C ALA A 37 15.30 -13.22 -6.85
N GLN A 38 14.53 -12.51 -6.08
CA GLN A 38 13.40 -11.78 -6.60
C GLN A 38 13.76 -10.65 -7.48
N VAL A 39 14.69 -9.87 -7.01
CA VAL A 39 15.21 -8.71 -7.75
C VAL A 39 16.06 -9.06 -8.97
N ALA A 40 16.86 -10.11 -8.86
CA ALA A 40 17.76 -10.56 -9.93
C ALA A 40 16.99 -10.97 -11.17
N ASN A 41 15.85 -11.62 -10.96
CA ASN A 41 15.04 -12.09 -12.07
C ASN A 41 14.55 -10.92 -12.92
N VAL A 42 14.18 -9.81 -12.28
CA VAL A 42 13.68 -8.66 -13.04
C VAL A 42 14.79 -8.08 -13.92
N VAL A 43 16.06 -8.24 -13.54
CA VAL A 43 17.15 -7.80 -14.42
C VAL A 43 17.24 -8.74 -15.62
N VAL A 44 17.35 -10.05 -15.36
CA VAL A 44 17.28 -11.07 -16.41
C VAL A 44 16.14 -10.79 -17.38
N ALA A 45 14.96 -10.51 -16.87
CA ALA A 45 13.82 -10.32 -17.76
C ALA A 45 14.01 -9.09 -18.65
N GLN A 46 14.62 -8.03 -18.11
CA GLN A 46 14.81 -6.83 -18.94
C GLN A 46 15.81 -7.11 -20.06
N LEU A 47 16.89 -7.82 -19.74
CA LEU A 47 17.86 -8.24 -20.75
C LEU A 47 17.18 -9.04 -21.87
N LEU A 48 16.51 -10.13 -21.51
CA LEU A 48 15.77 -10.94 -22.49
C LEU A 48 14.87 -10.10 -23.39
N PHE A 49 14.21 -9.09 -22.83
CA PHE A 49 13.31 -8.26 -23.63
C PHE A 49 14.09 -7.35 -24.57
N LEU A 50 15.15 -6.71 -24.06
CA LEU A 50 15.96 -5.78 -24.84
C LEU A 50 16.71 -6.49 -25.97
N ASP A 51 17.09 -7.74 -25.75
CA ASP A 51 17.74 -8.53 -26.79
C ASP A 51 16.74 -9.01 -27.83
N ALA A 52 15.52 -9.34 -27.39
CA ALA A 52 14.46 -9.64 -28.35
C ALA A 52 14.10 -8.42 -29.18
N GLN A 53 14.12 -7.25 -28.63
CA GLN A 53 13.80 -6.10 -29.48
C GLN A 53 14.87 -5.89 -30.53
N ASN A 54 16.14 -6.05 -30.15
CA ASN A 54 17.23 -5.82 -31.08
C ASN A 54 18.54 -6.47 -30.62
N PRO A 55 18.87 -7.65 -31.15
CA PRO A 55 20.01 -8.41 -30.62
C PRO A 55 21.37 -7.80 -30.94
N ASN A 56 21.42 -6.68 -31.65
CA ASN A 56 22.70 -6.12 -32.06
C ASN A 56 23.04 -4.84 -31.35
N GLN A 57 22.04 -4.08 -30.92
CA GLN A 57 22.30 -2.84 -30.19
C GLN A 57 22.82 -3.15 -28.79
N GLU A 58 23.55 -2.20 -28.22
CA GLU A 58 24.13 -2.39 -26.91
C GLU A 58 23.08 -2.11 -25.83
N ILE A 59 23.27 -2.78 -24.70
CA ILE A 59 22.53 -2.52 -23.48
C ILE A 59 23.50 -1.94 -22.45
N LYS A 60 23.12 -0.81 -21.85
CA LYS A 60 23.87 -0.23 -20.75
C LYS A 60 23.24 -0.69 -19.44
N LEU A 61 24.08 -1.22 -18.54
CA LEU A 61 23.68 -1.71 -17.22
C LEU A 61 24.43 -0.87 -16.16
N TYR A 62 23.73 0.10 -15.57
CA TYR A 62 24.28 0.91 -14.49
C TYR A 62 24.25 0.14 -13.17
N ILE A 63 25.36 0.16 -12.43
CA ILE A 63 25.52 -0.69 -11.27
C ILE A 63 25.77 0.17 -10.05
N ASN A 64 24.89 0.07 -9.06
CA ASN A 64 25.14 0.59 -7.72
C ASN A 64 24.55 -0.44 -6.75
N SER A 65 25.38 -1.37 -6.29
CA SER A 65 24.88 -2.50 -5.50
C SER A 65 25.97 -3.02 -4.59
N PRO A 66 25.63 -3.45 -3.39
CA PRO A 66 26.61 -4.04 -2.47
C PRO A 66 26.79 -5.53 -2.65
N GLY A 67 26.08 -6.12 -3.60
CA GLY A 67 26.22 -7.55 -3.78
C GLY A 67 24.96 -8.31 -3.42
N GLY A 68 25.11 -9.56 -3.04
CA GLY A 68 23.93 -10.36 -2.79
C GLY A 68 24.22 -11.85 -2.89
N GLU A 69 23.17 -12.59 -3.23
CA GLU A 69 23.26 -14.04 -3.29
C GLU A 69 24.00 -14.50 -4.54
N VAL A 70 24.95 -15.43 -4.37
CA VAL A 70 25.71 -15.90 -5.53
C VAL A 70 24.77 -16.47 -6.58
N ASP A 71 23.78 -17.27 -6.17
CA ASP A 71 22.95 -17.92 -7.18
C ASP A 71 22.23 -16.87 -8.02
N ALA A 72 21.66 -15.86 -7.37
CA ALA A 72 20.98 -14.81 -8.13
C ALA A 72 21.96 -14.01 -8.97
N GLY A 73 23.15 -13.75 -8.45
CA GLY A 73 24.13 -13.02 -9.23
C GLY A 73 24.52 -13.77 -10.48
N LEU A 74 24.88 -15.06 -10.32
CA LEU A 74 25.21 -15.88 -11.49
C LEU A 74 24.09 -15.86 -12.52
N ALA A 75 22.84 -15.87 -12.07
CA ALA A 75 21.73 -15.75 -13.02
C ALA A 75 21.92 -14.53 -13.91
N ILE A 76 22.23 -13.38 -13.29
CA ILE A 76 22.45 -12.17 -14.07
C ILE A 76 23.67 -12.36 -14.97
N TYR A 77 24.76 -12.89 -14.42
CA TYR A 77 25.97 -13.16 -15.20
C TYR A 77 25.68 -14.05 -16.39
N ASP A 78 25.19 -15.27 -16.13
CA ASP A 78 24.92 -16.20 -17.21
C ASP A 78 24.03 -15.57 -18.29
N THR A 79 23.03 -14.78 -17.87
CA THR A 79 22.16 -14.15 -18.87
C THR A 79 22.89 -13.10 -19.70
N MET A 80 23.88 -12.40 -19.13
CA MET A 80 24.61 -11.43 -19.94
C MET A 80 25.43 -12.12 -21.02
N GLN A 81 26.19 -13.15 -20.65
CA GLN A 81 26.93 -13.93 -21.63
C GLN A 81 26.01 -14.55 -22.69
N PHE A 82 24.88 -15.12 -22.27
CA PHE A 82 24.03 -15.85 -23.20
C PHE A 82 23.41 -14.93 -24.25
N VAL A 83 23.04 -13.73 -23.84
CA VAL A 83 22.26 -12.85 -24.71
C VAL A 83 23.17 -12.27 -25.80
N ARG A 84 22.63 -12.14 -27.02
CA ARG A 84 23.45 -11.76 -28.17
C ARG A 84 23.91 -10.33 -28.07
N ALA A 85 23.04 -9.46 -27.56
CA ALA A 85 23.40 -8.06 -27.44
C ALA A 85 24.56 -7.90 -26.46
N PRO A 86 25.52 -7.03 -26.75
CA PRO A 86 26.61 -6.79 -25.80
C PRO A 86 26.14 -5.82 -24.72
N VAL A 87 26.47 -6.13 -23.47
CA VAL A 87 26.02 -5.30 -22.35
C VAL A 87 27.23 -4.57 -21.79
N SER A 88 27.19 -3.25 -21.85
CA SER A 88 28.20 -2.43 -21.21
C SER A 88 27.79 -2.22 -19.76
N THR A 89 28.67 -2.61 -18.85
CA THR A 89 28.50 -2.35 -17.43
C THR A 89 29.14 -1.01 -17.05
N ILE A 90 28.43 -0.21 -16.25
CA ILE A 90 28.95 1.07 -15.71
C ILE A 90 28.69 1.10 -14.21
N VAL A 91 29.74 1.06 -13.40
CA VAL A 91 29.58 1.23 -11.95
C VAL A 91 29.61 2.71 -11.58
N ILE A 92 28.50 3.19 -11.03
CA ILE A 92 28.39 4.51 -10.40
C ILE A 92 28.30 4.29 -8.89
N GLY A 93 29.05 5.05 -8.11
CA GLY A 93 29.08 4.70 -6.70
C GLY A 93 29.73 3.36 -6.33
N MET A 94 28.95 2.29 -6.10
CA MET A 94 29.49 1.06 -5.50
C MET A 94 29.13 -0.18 -6.31
N ALA A 95 30.13 -1.06 -6.52
CA ALA A 95 29.90 -2.42 -7.03
C ALA A 95 30.72 -3.42 -6.23
N ALA A 96 30.07 -4.18 -5.35
CA ALA A 96 30.75 -5.08 -4.42
C ALA A 96 30.28 -6.52 -4.59
N SER A 97 31.12 -7.45 -4.14
CA SER A 97 30.77 -8.89 -4.12
C SER A 97 30.22 -9.28 -5.48
N MET A 98 29.05 -9.94 -5.58
CA MET A 98 28.49 -10.34 -6.86
C MET A 98 28.33 -9.17 -7.82
N ALA A 99 28.18 -7.96 -7.30
CA ALA A 99 27.99 -6.82 -8.19
C ALA A 99 29.30 -6.45 -8.87
N ALA A 100 30.42 -6.71 -8.20
CA ALA A 100 31.71 -6.57 -8.87
C ALA A 100 31.84 -7.57 -10.01
N VAL A 101 31.48 -8.82 -9.75
CA VAL A 101 31.54 -9.84 -10.78
C VAL A 101 30.71 -9.44 -11.99
N ILE A 102 29.50 -8.95 -11.76
CA ILE A 102 28.65 -8.54 -12.88
C ILE A 102 29.30 -7.40 -13.65
N LEU A 103 29.95 -6.47 -12.93
CA LEU A 103 30.66 -5.37 -13.57
C LEU A 103 31.77 -5.90 -14.48
N ALA A 104 32.63 -6.75 -13.93
CA ALA A 104 33.74 -7.31 -14.65
C ALA A 104 33.31 -8.11 -15.88
N ALA A 105 32.05 -8.52 -15.98
CA ALA A 105 31.63 -9.43 -17.03
C ALA A 105 30.87 -8.73 -18.13
N GLY A 106 30.93 -7.40 -18.18
CA GLY A 106 30.46 -6.69 -19.34
C GLY A 106 31.35 -6.99 -20.53
N GLU A 107 30.84 -6.64 -21.71
CA GLU A 107 31.61 -6.71 -22.96
C GLU A 107 32.98 -6.11 -22.81
N LYS A 108 34.03 -6.93 -23.06
CA LYS A 108 35.39 -6.41 -22.91
C LYS A 108 35.54 -5.14 -23.73
N GLY A 109 36.22 -4.15 -23.13
CA GLY A 109 36.29 -2.81 -23.69
C GLY A 109 35.11 -1.90 -23.40
N ARG A 110 34.00 -2.44 -22.89
CA ARG A 110 32.83 -1.62 -22.63
C ARG A 110 32.42 -1.68 -21.15
N ARG A 111 33.42 -1.81 -20.24
CA ARG A 111 33.23 -1.82 -18.80
C ARG A 111 33.81 -0.53 -18.22
N TYR A 112 32.94 0.31 -17.63
CA TYR A 112 33.28 1.66 -17.21
C TYR A 112 32.97 1.92 -15.73
N ALA A 113 33.82 2.73 -15.10
CA ALA A 113 33.61 3.28 -13.76
C ALA A 113 33.60 4.81 -13.80
N LEU A 114 32.77 5.45 -12.94
CA LEU A 114 32.94 6.88 -12.70
C LEU A 114 34.08 7.11 -11.71
N PRO A 115 34.63 8.33 -11.65
CA PRO A 115 35.92 8.52 -10.95
C PRO A 115 35.93 8.08 -9.51
N HIS A 116 34.89 8.39 -8.75
CA HIS A 116 34.91 8.08 -7.34
C HIS A 116 34.15 6.81 -6.98
N ALA A 117 33.70 6.04 -7.98
CA ALA A 117 33.10 4.73 -7.76
C ALA A 117 34.11 3.74 -7.18
N LYS A 118 33.58 2.66 -6.60
CA LYS A 118 34.43 1.64 -6.02
C LYS A 118 34.00 0.28 -6.48
N VAL A 119 34.95 -0.63 -6.33
CA VAL A 119 34.79 -2.05 -6.52
C VAL A 119 35.35 -2.72 -5.28
N MET A 120 34.63 -3.72 -4.84
CA MET A 120 35.11 -4.54 -3.74
C MET A 120 34.78 -5.96 -4.06
N ILE A 121 35.75 -6.79 -3.72
CA ILE A 121 35.68 -8.21 -3.96
C ILE A 121 36.13 -8.94 -2.72
N HIS A 122 35.61 -10.14 -2.58
CA HIS A 122 35.90 -11.02 -1.45
C HIS A 122 35.20 -12.36 -1.72
N GLN A 123 35.49 -13.32 -0.86
CA GLN A 123 34.96 -14.65 -0.99
C GLN A 123 33.55 -14.67 -0.44
N PRO A 124 32.78 -15.72 -0.72
CA PRO A 124 31.40 -15.74 -0.28
C PRO A 124 31.31 -15.97 1.22
N TRP A 125 30.14 -15.63 1.74
CA TRP A 125 29.81 -15.91 3.12
C TRP A 125 28.41 -16.49 3.15
N GLY A 126 28.10 -17.18 4.23
CA GLY A 126 26.80 -17.80 4.34
C GLY A 126 26.59 -18.41 5.71
N GLY A 127 25.66 -19.35 5.75
CA GLY A 127 25.31 -19.97 7.01
C GLY A 127 24.53 -21.24 6.79
N VAL A 128 24.74 -22.20 7.68
CA VAL A 128 24.08 -23.49 7.63
C VAL A 128 23.71 -23.94 9.04
N ARG A 129 22.62 -24.61 9.12
CA ARG A 129 22.16 -25.19 10.33
C ARG A 129 21.77 -26.58 9.94
N GLY A 130 21.95 -27.49 10.85
CA GLY A 130 21.47 -28.83 10.57
C GLY A 130 22.35 -29.84 11.26
N THR A 131 22.19 -31.09 10.86
CA THR A 131 23.05 -32.10 11.45
C THR A 131 24.43 -32.08 10.72
N ALA A 132 25.39 -32.77 11.33
CA ALA A 132 26.74 -32.89 10.77
C ALA A 132 26.74 -33.28 9.29
N SER A 133 26.00 -34.34 8.93
CA SER A 133 25.82 -34.71 7.52
C SER A 133 25.32 -33.54 6.69
N ASP A 134 24.33 -32.81 7.21
CA ASP A 134 23.76 -31.70 6.45
C ASP A 134 24.78 -30.57 6.31
N ILE A 135 25.49 -30.23 7.39
CA ILE A 135 26.52 -29.20 7.30
C ILE A 135 27.61 -29.58 6.31
N ALA A 136 28.07 -30.82 6.36
CA ALA A 136 29.11 -31.24 5.42
C ALA A 136 28.70 -30.95 3.97
N ILE A 137 27.45 -31.28 3.61
CA ILE A 137 26.95 -31.03 2.25
C ILE A 137 26.99 -29.53 1.92
N GLN A 138 26.48 -28.71 2.83
CA GLN A 138 26.39 -27.30 2.51
C GLN A 138 27.78 -26.67 2.50
N ALA A 139 28.68 -27.09 3.40
CA ALA A 139 30.07 -26.68 3.37
C ALA A 139 30.72 -26.99 2.01
N GLN A 140 30.54 -28.22 1.50
CA GLN A 140 31.08 -28.49 0.16
C GLN A 140 30.49 -27.54 -0.89
N GLU A 141 29.19 -27.22 -0.78
CA GLU A 141 28.61 -26.33 -1.79
C GLU A 141 29.26 -24.95 -1.76
N ILE A 142 29.61 -24.44 -0.58
CA ILE A 142 30.12 -23.06 -0.50
C ILE A 142 31.54 -23.02 -1.04
N LEU A 143 32.24 -24.13 -0.83
CA LEU A 143 33.59 -24.29 -1.35
C LEU A 143 33.59 -24.27 -2.90
N LYS A 144 32.63 -24.92 -3.55
CA LYS A 144 32.59 -24.85 -5.00
C LYS A 144 32.32 -23.43 -5.48
N ALA A 145 31.35 -22.78 -4.86
CA ALA A 145 31.02 -21.40 -5.22
C ALA A 145 32.25 -20.51 -5.09
N LYS A 146 33.01 -20.68 -4.00
CA LYS A 146 34.24 -19.92 -3.84
C LYS A 146 35.17 -20.14 -5.02
N LYS A 147 35.54 -21.40 -5.31
CA LYS A 147 36.43 -21.64 -6.44
C LYS A 147 35.79 -21.17 -7.75
N LEU A 148 34.52 -21.48 -7.96
CA LEU A 148 33.86 -21.04 -9.20
C LEU A 148 33.97 -19.53 -9.39
N LEU A 149 33.72 -18.74 -8.34
CA LEU A 149 33.71 -17.28 -8.49
C LEU A 149 35.12 -16.73 -8.66
N ASN A 150 36.10 -17.30 -7.95
CA ASN A 150 37.49 -16.97 -8.24
C ASN A 150 37.83 -17.23 -9.71
N GLU A 151 37.36 -18.34 -10.29
CA GLU A 151 37.70 -18.60 -11.68
C GLU A 151 37.05 -17.59 -12.60
N ILE A 152 35.76 -17.30 -12.39
CA ILE A 152 35.08 -16.30 -13.20
C ILE A 152 35.80 -14.95 -13.15
N LEU A 153 36.38 -14.62 -11.99
CA LEU A 153 37.06 -13.33 -11.88
C LEU A 153 38.34 -13.36 -12.68
N ALA A 154 39.17 -14.40 -12.46
CA ALA A 154 40.39 -14.59 -13.24
C ALA A 154 40.14 -14.51 -14.76
N LYS A 155 39.12 -15.18 -15.23
CA LYS A 155 38.89 -15.14 -16.61
C LYS A 155 38.58 -13.79 -17.18
N HIS A 156 37.85 -12.94 -16.47
CA HIS A 156 37.42 -11.66 -17.01
C HIS A 156 38.33 -10.50 -16.67
N THR A 157 39.26 -10.66 -15.74
CA THR A 157 40.28 -9.64 -15.48
C THR A 157 41.59 -9.95 -16.16
N GLY A 158 41.93 -11.23 -16.34
CA GLY A 158 43.22 -11.64 -16.85
C GLY A 158 44.21 -11.97 -15.77
N GLN A 159 43.82 -11.96 -14.55
CA GLN A 159 44.79 -12.19 -13.51
C GLN A 159 44.97 -13.69 -13.27
N PRO A 160 46.16 -14.06 -12.84
CA PRO A 160 46.39 -15.44 -12.45
C PRO A 160 45.47 -15.81 -11.29
N LEU A 161 44.97 -17.04 -11.32
CA LEU A 161 43.97 -17.44 -10.33
C LEU A 161 44.54 -17.47 -8.93
N GLU A 162 45.79 -17.86 -8.74
CA GLU A 162 46.16 -17.86 -7.33
C GLU A 162 46.35 -16.45 -6.78
N LYS A 163 46.24 -15.41 -7.62
CA LYS A 163 46.21 -14.03 -7.15
C LYS A 163 44.81 -13.61 -6.71
N VAL A 164 43.77 -13.92 -7.52
CA VAL A 164 42.41 -13.58 -7.08
C VAL A 164 42.09 -14.33 -5.79
N GLU A 165 42.53 -15.59 -5.66
CA GLU A 165 42.24 -16.33 -4.42
C GLU A 165 42.89 -15.64 -3.22
N LYS A 166 44.13 -15.23 -3.38
CA LYS A 166 44.86 -14.53 -2.32
C LYS A 166 44.25 -13.16 -2.00
N ASP A 167 43.82 -12.44 -3.03
CA ASP A 167 43.27 -11.10 -2.87
C ASP A 167 41.87 -11.11 -2.22
N THR A 168 41.01 -12.06 -2.62
CA THR A 168 39.64 -12.10 -2.11
C THR A 168 39.51 -12.75 -0.74
N ASP A 169 40.62 -13.09 -0.07
CA ASP A 169 40.49 -13.75 1.22
C ASP A 169 39.81 -12.85 2.23
N ARG A 170 40.09 -11.54 2.18
CA ARG A 170 39.27 -10.63 2.95
C ARG A 170 38.74 -9.54 2.04
N ASP A 171 38.07 -8.52 2.60
CA ASP A 171 37.54 -7.46 1.75
C ASP A 171 38.69 -6.75 1.05
N TYR A 172 38.56 -6.60 -0.27
CA TYR A 172 39.61 -6.00 -1.10
C TYR A 172 38.97 -4.83 -1.83
N TYR A 173 39.23 -3.61 -1.35
CA TYR A 173 38.60 -2.43 -1.94
C TYR A 173 39.50 -1.85 -3.02
N LEU A 174 38.88 -1.45 -4.13
CA LEU A 174 39.59 -0.90 -5.26
C LEU A 174 39.00 0.45 -5.61
N SER A 175 39.86 1.45 -5.76
CA SER A 175 39.40 2.66 -6.45
C SER A 175 39.18 2.35 -7.93
N ALA A 176 38.58 3.31 -8.64
CA ALA A 176 38.29 3.05 -10.04
C ALA A 176 39.57 2.91 -10.85
N GLN A 177 40.56 3.75 -10.58
CA GLN A 177 41.85 3.56 -11.20
C GLN A 177 42.43 2.20 -10.85
N GLU A 178 42.46 1.84 -9.56
CA GLU A 178 42.96 0.52 -9.16
C GLU A 178 42.21 -0.62 -9.83
N ALA A 179 40.93 -0.37 -10.17
CA ALA A 179 40.11 -1.36 -10.83
C ALA A 179 40.51 -1.51 -12.30
N LEU A 180 40.87 -0.38 -12.93
CA LEU A 180 41.53 -0.37 -14.24
C LEU A 180 42.80 -1.22 -14.25
N GLU A 181 43.77 -0.94 -13.44
CA GLU A 181 44.97 -1.79 -13.40
C GLU A 181 44.69 -3.24 -13.07
N TYR A 182 43.64 -3.49 -12.28
CA TYR A 182 43.36 -4.88 -11.93
C TYR A 182 42.69 -5.62 -13.07
N GLY A 183 42.08 -4.92 -14.03
CA GLY A 183 41.38 -5.59 -15.08
C GLY A 183 39.88 -5.67 -14.92
N LEU A 184 39.30 -5.07 -13.86
CA LEU A 184 37.87 -5.24 -13.64
C LEU A 184 37.08 -4.35 -14.59
N ILE A 185 37.68 -3.29 -15.07
CA ILE A 185 37.02 -2.37 -15.97
C ILE A 185 38.01 -2.00 -17.12
N ASP A 186 37.51 -1.18 -18.03
CA ASP A 186 38.34 -0.79 -19.16
C ASP A 186 38.64 0.71 -19.22
N GLN A 187 37.73 1.56 -18.75
CA GLN A 187 37.94 3.00 -18.73
C GLN A 187 37.36 3.65 -17.49
N VAL A 188 38.13 4.57 -16.91
CA VAL A 188 37.61 5.47 -15.90
C VAL A 188 37.11 6.70 -16.64
N VAL A 189 35.80 6.87 -16.68
CA VAL A 189 35.13 7.90 -17.47
C VAL A 189 34.78 9.11 -16.58
N THR A 190 35.28 10.29 -16.92
CA THR A 190 34.99 11.51 -16.16
C THR A 190 34.01 12.48 -16.85
N ARG A 191 34.18 12.65 -18.17
CA ARG A 191 33.37 13.54 -19.01
C ARG A 191 32.69 12.75 -20.10
N GLU A 192 31.68 13.31 -20.74
CA GLU A 192 30.77 12.56 -21.61
C GLU A 192 31.18 12.57 -23.09
N GLU A 193 32.39 12.85 -23.53
CA GLU A 193 32.76 12.57 -24.95
C GLU A 193 31.70 13.07 -25.96
N ILE B 3 9.19 -3.07 -10.27
CA ILE B 3 9.21 -3.65 -11.60
C ILE B 3 8.95 -2.55 -12.62
N PRO B 4 9.68 -2.54 -13.72
CA PRO B 4 9.58 -1.49 -14.73
C PRO B 4 8.45 -1.66 -15.67
N TYR B 5 8.11 -0.62 -16.39
CA TYR B 5 7.00 -0.65 -17.33
C TYR B 5 7.39 -0.37 -18.77
N VAL B 6 6.60 -0.95 -19.72
CA VAL B 6 6.68 -0.83 -21.19
C VAL B 6 5.28 -0.68 -21.85
N ILE B 7 5.13 0.37 -22.65
CA ILE B 7 3.91 0.72 -23.37
C ILE B 7 4.03 0.47 -24.88
N ARG B 15 -1.28 0.41 -25.60
CA ARG B 15 -1.13 -0.73 -24.70
C ARG B 15 0.15 -0.66 -23.85
N VAL B 16 0.01 -0.93 -22.54
CA VAL B 16 1.04 -0.80 -21.52
C VAL B 16 1.10 -2.10 -20.70
N TYR B 17 2.30 -2.44 -20.22
CA TYR B 17 2.52 -3.62 -19.41
C TYR B 17 3.68 -3.40 -18.44
N ASP B 18 3.66 -4.15 -17.33
CA ASP B 18 4.88 -4.38 -16.57
C ASP B 18 5.70 -5.51 -17.23
N ILE B 19 6.97 -5.57 -16.85
CA ILE B 19 7.94 -6.33 -17.64
C ILE B 19 7.57 -7.81 -17.69
N TYR B 20 7.04 -8.36 -16.60
CA TYR B 20 6.69 -9.77 -16.66
C TYR B 20 5.43 -9.99 -17.49
N SER B 21 4.50 -9.03 -17.44
CA SER B 21 3.28 -9.12 -18.23
C SER B 21 3.57 -8.98 -19.73
N ARG B 22 4.60 -8.21 -20.10
CA ARG B 22 4.98 -8.11 -21.51
C ARG B 22 5.62 -9.39 -22.00
N LEU B 23 6.51 -9.98 -21.21
CA LEU B 23 7.06 -11.27 -21.64
C LEU B 23 5.99 -12.36 -21.63
N LEU B 24 4.86 -12.12 -20.98
CA LEU B 24 3.78 -13.10 -21.07
C LEU B 24 3.15 -13.07 -22.46
N LYS B 25 3.06 -11.86 -23.03
CA LYS B 25 2.68 -11.66 -24.41
C LYS B 25 3.47 -12.56 -25.34
N ASP B 26 4.74 -12.76 -25.07
CA ASP B 26 5.69 -13.62 -25.78
C ASP B 26 5.68 -15.06 -25.25
N ARG B 27 4.65 -15.44 -24.52
CA ARG B 27 4.48 -16.80 -23.98
C ARG B 27 5.63 -17.21 -23.06
N ILE B 28 6.10 -16.25 -22.25
CA ILE B 28 7.08 -16.48 -21.18
C ILE B 28 6.41 -16.31 -19.82
N ILE B 29 6.64 -17.29 -18.94
CA ILE B 29 6.18 -17.33 -17.56
C ILE B 29 7.39 -17.43 -16.65
N PHE B 30 7.39 -16.65 -15.58
CA PHE B 30 8.44 -16.73 -14.57
C PHE B 30 7.95 -17.45 -13.31
N LEU B 31 8.75 -18.40 -12.84
CA LEU B 31 8.55 -19.04 -11.55
C LEU B 31 9.81 -18.71 -10.76
N GLY B 32 9.80 -17.54 -10.13
CA GLY B 32 10.98 -17.00 -9.47
C GLY B 32 10.95 -16.88 -7.96
N THR B 33 9.90 -17.31 -7.32
CA THR B 33 9.77 -17.20 -5.87
C THR B 33 9.63 -18.59 -5.32
N PRO B 34 9.66 -18.74 -4.02
CA PRO B 34 9.31 -20.04 -3.41
C PRO B 34 7.87 -20.37 -3.70
N ILE B 35 7.56 -21.66 -3.72
CA ILE B 35 6.26 -22.11 -4.22
C ILE B 35 5.34 -22.36 -3.04
N ASP B 36 4.29 -21.58 -3.01
CA ASP B 36 3.17 -21.78 -2.11
C ASP B 36 1.91 -21.77 -2.96
N ALA B 37 0.76 -22.02 -2.33
CA ALA B 37 -0.46 -22.13 -3.12
C ALA B 37 -0.69 -20.90 -3.99
N GLN B 38 -0.40 -19.71 -3.50
CA GLN B 38 -0.79 -18.57 -4.33
C GLN B 38 0.09 -18.42 -5.57
N VAL B 39 1.33 -18.86 -5.53
CA VAL B 39 2.13 -18.71 -6.73
C VAL B 39 1.85 -19.86 -7.70
N ALA B 40 1.63 -21.07 -7.18
CA ALA B 40 1.09 -22.15 -8.01
C ALA B 40 -0.14 -21.69 -8.78
N ASN B 41 -1.15 -21.16 -8.08
CA ASN B 41 -2.36 -20.73 -8.77
C ASN B 41 -2.05 -19.75 -9.90
N VAL B 42 -1.17 -18.76 -9.66
CA VAL B 42 -0.98 -17.75 -10.70
C VAL B 42 -0.14 -18.33 -11.85
N VAL B 43 0.71 -19.32 -11.59
CA VAL B 43 1.42 -19.97 -12.69
C VAL B 43 0.44 -20.83 -13.50
N VAL B 44 -0.29 -21.73 -12.81
CA VAL B 44 -1.36 -22.49 -13.44
C VAL B 44 -2.26 -21.60 -14.31
N ALA B 45 -2.67 -20.46 -13.78
CA ALA B 45 -3.58 -19.61 -14.55
C ALA B 45 -2.92 -19.07 -15.81
N GLN B 46 -1.62 -18.76 -15.76
CA GLN B 46 -0.96 -18.26 -16.97
C GLN B 46 -0.87 -19.34 -18.02
N LEU B 47 -0.54 -20.57 -17.61
CA LEU B 47 -0.52 -21.70 -18.53
C LEU B 47 -1.88 -21.87 -19.22
N LEU B 48 -2.95 -22.04 -18.42
CA LEU B 48 -4.30 -22.16 -18.97
C LEU B 48 -4.62 -21.07 -20.00
N PHE B 49 -4.17 -19.83 -19.74
CA PHE B 49 -4.46 -18.74 -20.65
C PHE B 49 -3.66 -18.86 -21.94
N LEU B 50 -2.36 -19.16 -21.80
CA LEU B 50 -1.46 -19.29 -22.96
C LEU B 50 -1.83 -20.47 -23.85
N ASP B 51 -2.36 -21.53 -23.26
CA ASP B 51 -2.80 -22.68 -24.04
C ASP B 51 -4.13 -22.39 -24.73
N ALA B 52 -5.01 -21.62 -24.06
CA ALA B 52 -6.23 -21.18 -24.73
C ALA B 52 -5.92 -20.23 -25.88
N GLN B 53 -4.88 -19.39 -25.70
CA GLN B 53 -4.46 -18.49 -26.76
C GLN B 53 -4.08 -19.26 -28.00
N ASN B 54 -3.29 -20.35 -27.83
CA ASN B 54 -2.74 -21.15 -28.90
C ASN B 54 -2.17 -22.48 -28.41
N PRO B 55 -2.93 -23.57 -28.53
CA PRO B 55 -2.52 -24.84 -27.93
C PRO B 55 -1.33 -25.51 -28.58
N ASN B 56 -0.76 -24.92 -29.64
CA ASN B 56 0.31 -25.57 -30.37
C ASN B 56 1.65 -24.90 -30.19
N GLN B 57 1.65 -23.58 -29.93
CA GLN B 57 2.90 -22.88 -29.70
C GLN B 57 3.50 -23.26 -28.35
N GLU B 58 4.81 -23.10 -28.24
CA GLU B 58 5.50 -23.47 -27.01
C GLU B 58 5.36 -22.36 -25.98
N ILE B 59 5.41 -22.77 -24.72
CA ILE B 59 5.52 -21.86 -23.59
C ILE B 59 6.88 -22.07 -22.94
N LYS B 60 7.60 -20.97 -22.73
CA LYS B 60 8.86 -20.99 -21.99
C LYS B 60 8.56 -20.63 -20.53
N LEU B 61 9.05 -21.47 -19.61
CA LEU B 61 8.91 -21.30 -18.16
C LEU B 61 10.31 -21.17 -17.55
N TYR B 62 10.71 -19.93 -17.26
CA TYR B 62 11.99 -19.65 -16.59
C TYR B 62 11.89 -19.94 -15.09
N ILE B 63 12.86 -20.66 -14.55
CA ILE B 63 12.77 -21.16 -13.19
C ILE B 63 13.94 -20.60 -12.38
N ASN B 64 13.61 -19.87 -11.32
CA ASN B 64 14.58 -19.53 -10.27
C ASN B 64 13.82 -19.62 -8.96
N SER B 65 13.88 -20.78 -8.30
CA SER B 65 13.05 -21.01 -7.12
C SER B 65 13.72 -22.04 -6.23
N PRO B 66 13.59 -21.89 -4.91
CA PRO B 66 14.15 -22.88 -3.97
C PRO B 66 13.20 -24.00 -3.65
N GLY B 67 12.02 -24.00 -4.24
CA GLY B 67 11.07 -25.06 -3.94
C GLY B 67 9.86 -24.55 -3.20
N GLY B 68 9.23 -25.43 -2.42
CA GLY B 68 8.00 -25.02 -1.78
C GLY B 68 7.15 -26.23 -1.41
N GLU B 69 5.85 -25.97 -1.34
CA GLU B 69 4.89 -27.00 -0.90
C GLU B 69 4.66 -28.02 -2.01
N VAL B 70 4.70 -29.31 -1.64
CA VAL B 70 4.49 -30.35 -2.65
C VAL B 70 3.13 -30.17 -3.32
N ASP B 71 2.08 -29.89 -2.55
CA ASP B 71 0.76 -29.83 -3.17
C ASP B 71 0.72 -28.74 -4.22
N ALA B 72 1.25 -27.56 -3.90
CA ALA B 72 1.27 -26.48 -4.89
C ALA B 72 2.17 -26.82 -6.06
N GLY B 73 3.30 -27.46 -5.79
CA GLY B 73 4.17 -27.83 -6.90
C GLY B 73 3.51 -28.80 -7.85
N LEU B 74 2.92 -29.87 -7.30
CA LEU B 74 2.19 -30.82 -8.15
C LEU B 74 1.14 -30.12 -8.99
N ALA B 75 0.45 -29.13 -8.42
CA ALA B 75 -0.50 -28.36 -9.20
C ALA B 75 0.16 -27.84 -10.48
N ILE B 76 1.33 -27.23 -10.34
CA ILE B 76 2.04 -26.73 -11.50
C ILE B 76 2.41 -27.89 -12.41
N TYR B 77 2.95 -28.96 -11.85
CA TYR B 77 3.30 -30.15 -12.63
C TYR B 77 2.11 -30.69 -13.39
N ASP B 78 1.05 -31.07 -12.67
CA ASP B 78 -0.12 -31.63 -13.34
C ASP B 78 -0.63 -30.71 -14.45
N THR B 79 -0.62 -29.40 -14.22
CA THR B 79 -1.09 -28.49 -15.25
C THR B 79 -0.17 -28.46 -16.47
N MET B 80 1.13 -28.67 -16.30
CA MET B 80 2.00 -28.69 -17.47
C MET B 80 1.71 -29.91 -18.35
N GLN B 81 1.62 -31.09 -17.74
CA GLN B 81 1.27 -32.30 -18.47
C GLN B 81 -0.11 -32.17 -19.14
N PHE B 82 -1.09 -31.65 -18.42
CA PHE B 82 -2.46 -31.61 -18.94
C PHE B 82 -2.58 -30.70 -20.15
N VAL B 83 -1.89 -29.59 -20.14
CA VAL B 83 -2.09 -28.56 -21.15
C VAL B 83 -1.46 -29.02 -22.47
N ARG B 84 -2.14 -28.71 -23.59
CA ARG B 84 -1.72 -29.24 -24.89
C ARG B 84 -0.42 -28.63 -25.35
N ALA B 85 -0.23 -27.34 -25.07
CA ALA B 85 1.00 -26.69 -25.48
C ALA B 85 2.20 -27.31 -24.75
N PRO B 86 3.32 -27.49 -25.43
CA PRO B 86 4.51 -28.03 -24.76
C PRO B 86 5.23 -26.89 -24.04
N VAL B 87 5.65 -27.15 -22.80
CA VAL B 87 6.29 -26.12 -22.00
C VAL B 87 7.76 -26.47 -21.87
N SER B 88 8.61 -25.59 -22.36
CA SER B 88 10.04 -25.72 -22.18
C SER B 88 10.39 -25.06 -20.85
N THR B 89 11.00 -25.85 -19.96
CA THR B 89 11.55 -25.34 -18.71
C THR B 89 13.01 -24.90 -18.89
N ILE B 90 13.35 -23.73 -18.34
CA ILE B 90 14.73 -23.21 -18.34
C ILE B 90 15.08 -22.78 -16.92
N VAL B 91 16.01 -23.48 -16.27
CA VAL B 91 16.51 -23.04 -14.96
C VAL B 91 17.66 -22.05 -15.13
N ILE B 92 17.44 -20.82 -14.65
CA ILE B 92 18.48 -19.80 -14.51
C ILE B 92 18.76 -19.66 -13.01
N GLY B 93 20.03 -19.60 -12.64
CA GLY B 93 20.28 -19.66 -11.20
C GLY B 93 19.93 -20.96 -10.47
N MET B 94 18.77 -21.04 -9.81
CA MET B 94 18.48 -22.15 -8.89
C MET B 94 17.13 -22.81 -9.18
N ALA B 95 17.13 -24.16 -9.18
CA ALA B 95 15.87 -24.93 -9.17
C ALA B 95 16.01 -26.09 -8.18
N ALA B 96 15.35 -25.97 -7.02
CA ALA B 96 15.50 -26.93 -5.93
C ALA B 96 14.17 -27.52 -5.53
N SER B 97 14.23 -28.70 -4.89
CA SER B 97 13.04 -29.37 -4.33
C SER B 97 11.95 -29.41 -5.41
N MET B 98 10.71 -28.97 -5.13
CA MET B 98 9.63 -29.01 -6.13
C MET B 98 10.01 -28.27 -7.41
N ALA B 99 10.91 -27.29 -7.32
CA ALA B 99 11.25 -26.54 -8.51
C ALA B 99 12.13 -27.37 -9.42
N ALA B 100 12.93 -28.28 -8.85
CA ALA B 100 13.64 -29.26 -9.67
C ALA B 100 12.66 -30.16 -10.41
N VAL B 101 11.67 -30.67 -9.69
CA VAL B 101 10.68 -31.52 -10.31
C VAL B 101 9.99 -30.81 -11.48
N ILE B 102 9.61 -29.56 -11.29
CA ILE B 102 8.96 -28.83 -12.37
C ILE B 102 9.91 -28.68 -13.56
N LEU B 103 11.20 -28.45 -13.28
CA LEU B 103 12.20 -28.36 -14.34
C LEU B 103 12.26 -29.66 -15.13
N ALA B 104 12.44 -30.77 -14.43
CA ALA B 104 12.54 -32.08 -15.05
C ALA B 104 11.30 -32.45 -15.87
N ALA B 105 10.17 -31.79 -15.66
CA ALA B 105 8.92 -32.22 -16.28
C ALA B 105 8.54 -31.36 -17.47
N GLY B 106 9.46 -30.55 -17.97
CA GLY B 106 9.25 -29.90 -19.24
C GLY B 106 9.24 -30.94 -20.35
N GLU B 107 8.74 -30.50 -21.52
CA GLU B 107 8.78 -31.29 -22.75
C GLU B 107 10.14 -31.91 -22.96
N LYS B 108 10.19 -33.25 -23.05
CA LYS B 108 11.48 -33.91 -23.25
C LYS B 108 12.17 -33.31 -24.47
N GLY B 109 13.48 -33.09 -24.33
CA GLY B 109 14.25 -32.36 -25.31
C GLY B 109 14.19 -30.84 -25.22
N ARG B 110 13.32 -30.25 -24.42
CA ARG B 110 13.24 -28.80 -24.33
C ARG B 110 13.41 -28.34 -22.89
N ARG B 111 14.20 -29.07 -22.10
CA ARG B 111 14.56 -28.73 -20.73
C ARG B 111 16.00 -28.24 -20.71
N TYR B 112 16.20 -26.96 -20.34
CA TYR B 112 17.48 -26.28 -20.46
C TYR B 112 17.94 -25.66 -19.12
N ALA B 113 19.26 -25.68 -18.91
CA ALA B 113 19.94 -24.97 -17.83
C ALA B 113 20.95 -23.98 -18.40
N LEU B 114 21.12 -22.81 -17.71
CA LEU B 114 22.29 -21.97 -17.99
C LEU B 114 23.53 -22.55 -17.29
N PRO B 115 24.73 -22.15 -17.73
CA PRO B 115 25.94 -22.89 -17.30
C PRO B 115 26.12 -22.97 -15.79
N HIS B 116 25.91 -21.89 -15.08
CA HIS B 116 26.19 -21.91 -13.66
C HIS B 116 24.95 -22.11 -12.80
N ALA B 117 23.80 -22.41 -13.40
CA ALA B 117 22.59 -22.79 -12.68
C ALA B 117 22.77 -24.10 -11.92
N LYS B 118 21.88 -24.33 -10.95
CA LYS B 118 21.95 -25.54 -10.16
C LYS B 118 20.57 -26.17 -10.07
N VAL B 119 20.64 -27.44 -9.73
CA VAL B 119 19.51 -28.27 -9.40
C VAL B 119 19.83 -28.93 -8.08
N MET B 120 18.83 -29.00 -7.24
CA MET B 120 18.95 -29.73 -6.00
C MET B 120 17.67 -30.45 -5.76
N ILE B 121 17.85 -31.67 -5.28
CA ILE B 121 16.76 -32.58 -5.01
C ILE B 121 16.97 -33.21 -3.65
N HIS B 122 15.86 -33.57 -3.06
CA HIS B 122 15.83 -34.20 -1.72
C HIS B 122 14.38 -34.58 -1.44
N GLN B 123 14.20 -35.30 -0.35
CA GLN B 123 12.91 -35.80 0.06
C GLN B 123 12.15 -34.67 0.74
N PRO B 124 10.85 -34.82 0.93
CA PRO B 124 10.07 -33.73 1.52
C PRO B 124 10.35 -33.60 3.00
N TRP B 125 10.00 -32.44 3.51
CA TRP B 125 10.06 -32.17 4.93
C TRP B 125 8.76 -31.50 5.32
N GLY B 126 8.44 -31.56 6.61
CA GLY B 126 7.21 -30.98 7.07
C GLY B 126 7.11 -31.02 8.58
N GLY B 127 5.88 -30.93 9.06
CA GLY B 127 5.65 -30.89 10.47
C GLY B 127 4.21 -31.16 10.80
N VAL B 128 3.98 -31.81 11.94
CA VAL B 128 2.65 -32.18 12.41
C VAL B 128 2.59 -31.98 13.92
N ARG B 129 1.56 -31.36 14.42
CA ARG B 129 1.25 -31.36 15.85
C ARG B 129 -0.15 -31.93 16.02
N GLY B 130 -0.39 -32.71 17.04
CA GLY B 130 -1.68 -33.27 17.30
C GLY B 130 -1.57 -34.49 18.18
N THR B 131 -2.66 -35.23 18.26
CA THR B 131 -2.59 -36.45 19.03
C THR B 131 -1.91 -37.55 18.19
N ALA B 132 -1.54 -38.64 18.88
CA ALA B 132 -0.93 -39.81 18.24
C ALA B 132 -1.68 -40.29 17.01
N SER B 133 -3.01 -40.46 17.12
CA SER B 133 -3.85 -40.77 15.95
C SER B 133 -3.66 -39.76 14.83
N ASP B 134 -3.64 -38.47 15.19
CA ASP B 134 -3.51 -37.44 14.17
C ASP B 134 -2.13 -37.48 13.52
N ILE B 135 -1.07 -37.64 14.33
CA ILE B 135 0.28 -37.74 13.77
C ILE B 135 0.40 -38.95 12.86
N ALA B 136 -0.13 -40.10 13.27
CA ALA B 136 -0.05 -41.27 12.41
C ALA B 136 -0.59 -40.98 11.01
N ILE B 137 -1.76 -40.34 10.93
CA ILE B 137 -2.36 -39.99 9.65
C ILE B 137 -1.44 -39.09 8.83
N GLN B 138 -0.84 -38.08 9.42
CA GLN B 138 -0.06 -37.21 8.56
C GLN B 138 1.29 -37.82 8.22
N ALA B 139 1.82 -38.55 9.16
CA ALA B 139 3.01 -39.33 8.83
C ALA B 139 2.76 -40.21 7.58
N GLN B 140 1.64 -40.94 7.55
CA GLN B 140 1.36 -41.72 6.34
C GLN B 140 1.28 -40.81 5.11
N GLU B 141 0.68 -39.62 5.25
CA GLU B 141 0.57 -38.75 4.07
C GLU B 141 1.93 -38.35 3.54
N ILE B 142 2.90 -38.09 4.43
CA ILE B 142 4.19 -37.57 3.97
C ILE B 142 4.97 -38.68 3.28
N LEU B 143 4.75 -39.90 3.78
CA LEU B 143 5.35 -41.09 3.18
C LEU B 143 4.85 -41.29 1.74
N LYS B 144 3.57 -41.09 1.47
CA LYS B 144 3.10 -41.23 0.09
C LYS B 144 3.73 -40.18 -0.81
N ALA B 145 3.74 -38.93 -0.33
CA ALA B 145 4.34 -37.84 -1.11
C ALA B 145 5.79 -38.17 -1.42
N LYS B 146 6.53 -38.68 -0.45
CA LYS B 146 7.91 -39.08 -0.70
C LYS B 146 7.99 -40.09 -1.85
N LYS B 147 7.29 -41.19 -1.75
CA LYS B 147 7.36 -42.11 -2.84
C LYS B 147 6.80 -41.54 -4.11
N LEU B 148 5.66 -40.90 -4.05
CA LEU B 148 5.11 -40.30 -5.26
C LEU B 148 6.15 -39.43 -5.98
N LEU B 149 6.87 -38.59 -5.24
CA LEU B 149 7.80 -37.65 -5.89
C LEU B 149 9.05 -38.37 -6.40
N ASN B 150 9.54 -39.36 -5.66
CA ASN B 150 10.57 -40.22 -6.21
C ASN B 150 10.13 -40.86 -7.53
N GLU B 151 8.88 -41.32 -7.62
CA GLU B 151 8.46 -41.95 -8.87
C GLU B 151 8.42 -40.93 -10.01
N ILE B 152 7.84 -39.76 -9.75
CA ILE B 152 7.80 -38.71 -10.77
C ILE B 152 9.21 -38.37 -11.27
N LEU B 153 10.19 -38.41 -10.37
CA LEU B 153 11.55 -38.07 -10.80
C LEU B 153 12.11 -39.16 -11.69
N ALA B 154 12.02 -40.41 -11.22
CA ALA B 154 12.42 -41.56 -12.03
C ALA B 154 11.81 -41.55 -13.43
N LYS B 155 10.52 -41.22 -13.53
CA LYS B 155 9.81 -41.21 -14.81
C LYS B 155 10.44 -40.22 -15.79
N HIS B 156 10.80 -39.06 -15.30
CA HIS B 156 11.21 -37.98 -16.19
C HIS B 156 12.71 -37.86 -16.39
N THR B 157 13.53 -38.53 -15.57
CA THR B 157 14.96 -38.60 -15.80
C THR B 157 15.40 -39.88 -16.48
N GLY B 158 14.68 -40.98 -16.25
CA GLY B 158 15.08 -42.28 -16.74
C GLY B 158 15.86 -43.09 -15.73
N GLN B 159 16.02 -42.60 -14.56
CA GLN B 159 16.84 -43.33 -13.62
C GLN B 159 16.03 -44.40 -12.92
N PRO B 160 16.70 -45.47 -12.53
CA PRO B 160 16.04 -46.49 -11.71
C PRO B 160 15.57 -45.87 -10.40
N LEU B 161 14.40 -46.31 -9.94
CA LEU B 161 13.81 -45.68 -8.78
C LEU B 161 14.62 -45.92 -7.51
N GLU B 162 15.29 -47.07 -7.32
CA GLU B 162 16.02 -47.07 -6.05
C GLU B 162 17.16 -46.07 -6.05
N LYS B 163 17.57 -45.66 -7.20
CA LYS B 163 18.64 -44.67 -7.24
C LYS B 163 18.16 -43.29 -6.80
N VAL B 164 17.00 -42.83 -7.32
CA VAL B 164 16.48 -41.54 -6.88
C VAL B 164 16.19 -41.60 -5.38
N GLU B 165 15.67 -42.73 -4.88
CA GLU B 165 15.39 -42.81 -3.43
C GLU B 165 16.68 -42.67 -2.63
N LYS B 166 17.78 -43.31 -3.06
CA LYS B 166 18.98 -43.17 -2.24
C LYS B 166 19.64 -41.84 -2.45
N ASP B 167 19.53 -41.27 -3.65
CA ASP B 167 20.13 -39.95 -3.90
C ASP B 167 19.43 -38.84 -3.14
N THR B 168 18.09 -38.86 -3.07
CA THR B 168 17.33 -37.79 -2.42
C THR B 168 17.26 -37.92 -0.91
N ASP B 169 17.97 -38.88 -0.30
CA ASP B 169 17.87 -39.02 1.15
C ASP B 169 18.38 -37.78 1.86
N ARG B 170 19.43 -37.14 1.33
CA ARG B 170 19.77 -35.83 1.83
C ARG B 170 19.86 -34.86 0.67
N ASP B 171 20.29 -33.62 0.93
CA ASP B 171 20.39 -32.65 -0.16
C ASP B 171 21.39 -33.14 -1.20
N TYR B 172 20.98 -33.15 -2.46
CA TYR B 172 21.78 -33.66 -3.56
C TYR B 172 21.93 -32.53 -4.57
N TYR B 173 23.07 -31.86 -4.58
CA TYR B 173 23.27 -30.70 -5.46
C TYR B 173 23.89 -31.16 -6.77
N LEU B 174 23.38 -30.59 -7.86
CA LEU B 174 23.85 -30.93 -9.19
C LEU B 174 24.25 -29.65 -9.91
N SER B 175 25.45 -29.67 -10.51
CA SER B 175 25.74 -28.65 -11.50
C SER B 175 24.89 -28.89 -12.75
N ALA B 176 24.91 -27.93 -13.66
CA ALA B 176 24.08 -28.08 -14.85
C ALA B 176 24.56 -29.25 -15.70
N GLN B 177 25.86 -29.40 -15.86
CA GLN B 177 26.38 -30.58 -16.52
C GLN B 177 25.95 -31.84 -15.80
N GLU B 178 26.16 -31.91 -14.49
CA GLU B 178 25.73 -33.08 -13.71
C GLU B 178 24.23 -33.35 -13.86
N ALA B 179 23.45 -32.30 -14.10
CA ALA B 179 22.01 -32.43 -14.29
C ALA B 179 21.69 -33.03 -15.65
N LEU B 180 22.48 -32.65 -16.67
CA LEU B 180 22.48 -33.32 -17.97
C LEU B 180 22.73 -34.83 -17.84
N GLU B 181 23.85 -35.18 -17.22
CA GLU B 181 24.16 -36.59 -17.07
C GLU B 181 23.14 -37.33 -16.22
N TYR B 182 22.40 -36.65 -15.32
CA TYR B 182 21.39 -37.29 -14.49
C TYR B 182 20.06 -37.43 -15.22
N GLY B 183 19.84 -36.66 -16.27
CA GLY B 183 18.56 -36.72 -16.96
C GLY B 183 17.58 -35.63 -16.59
N LEU B 184 17.96 -34.67 -15.74
CA LEU B 184 16.98 -33.67 -15.30
C LEU B 184 16.76 -32.65 -16.39
N ILE B 185 17.72 -32.47 -17.29
CA ILE B 185 17.60 -31.51 -18.36
C ILE B 185 18.11 -32.16 -19.67
N ASP B 186 18.04 -31.40 -20.75
CA ASP B 186 18.47 -31.93 -22.05
C ASP B 186 19.67 -31.18 -22.64
N GLN B 187 19.81 -29.89 -22.38
CA GLN B 187 20.93 -29.10 -22.88
C GLN B 187 21.40 -28.07 -21.89
N VAL B 188 22.72 -27.97 -21.75
CA VAL B 188 23.32 -26.84 -21.05
C VAL B 188 23.59 -25.77 -22.11
N VAL B 189 22.83 -24.69 -22.05
CA VAL B 189 22.83 -23.63 -23.06
C VAL B 189 23.71 -22.46 -22.60
N THR B 190 24.72 -22.11 -23.40
CA THR B 190 25.62 -21.02 -23.07
C THR B 190 25.40 -19.76 -23.90
N ARG B 191 25.20 -19.81 -25.21
CA ARG B 191 24.99 -18.56 -25.92
C ARG B 191 23.81 -18.65 -26.82
N GLU B 192 23.04 -17.63 -26.87
CA GLU B 192 21.84 -17.66 -27.66
C GLU B 192 22.27 -17.87 -29.07
N GLU B 193 21.63 -18.79 -29.73
CA GLU B 193 22.20 -19.39 -30.93
C GLU B 193 22.18 -18.31 -31.96
N ALA B 194 23.24 -18.20 -32.76
CA ALA B 194 23.33 -17.09 -33.69
C ALA B 194 22.19 -16.95 -34.69
N LEU B 195 21.80 -15.71 -34.98
CA LEU B 195 20.73 -15.49 -35.96
C LEU B 195 21.40 -15.51 -37.32
N GLU B 196 21.00 -16.46 -38.14
CA GLU B 196 21.67 -16.64 -39.40
C GLU B 196 20.81 -16.69 -40.62
N HIS B 197 21.48 -16.47 -41.71
CA HIS B 197 20.90 -16.46 -43.05
C HIS B 197 20.97 -17.88 -43.64
N HIS B 198 19.83 -18.39 -44.14
CA HIS B 198 19.73 -19.78 -44.57
C HIS B 198 19.60 -19.93 -46.09
N HIS B 199 20.34 -20.90 -46.65
CA HIS B 199 20.21 -21.26 -48.07
C HIS B 199 18.82 -21.82 -48.36
N HIS B 200 18.23 -21.43 -49.50
CA HIS B 200 16.94 -21.99 -49.97
C HIS B 200 17.13 -22.41 -51.45
N HIS B 201 17.65 -23.62 -51.64
CA HIS B 201 18.03 -24.09 -52.96
C HIS B 201 16.83 -24.38 -53.85
N VAL C 2 3.21 -9.00 -8.55
CA VAL C 2 2.57 -10.17 -7.99
C VAL C 2 1.83 -10.87 -9.08
N ILE C 3 0.71 -10.27 -9.50
CA ILE C 3 -0.11 -10.88 -10.55
C ILE C 3 0.13 -10.13 -11.85
N PRO C 4 0.20 -10.82 -12.99
CA PRO C 4 0.52 -10.16 -14.25
C PRO C 4 -0.75 -9.68 -14.96
N TYR C 5 -0.51 -8.86 -16.01
CA TYR C 5 -1.58 -8.16 -16.72
C TYR C 5 -1.60 -8.54 -18.20
N VAL C 6 -2.79 -8.41 -18.83
CA VAL C 6 -2.94 -8.75 -20.24
C VAL C 6 -3.69 -7.61 -20.92
N ILE C 7 -3.40 -7.37 -22.21
CA ILE C 7 -4.04 -6.33 -23.00
C ILE C 7 -4.36 -6.86 -24.39
N TYR C 17 -6.69 -6.34 -18.27
CA TYR C 17 -7.08 -7.15 -17.12
C TYR C 17 -5.84 -7.70 -16.42
N ASP C 18 -5.99 -8.01 -15.13
CA ASP C 18 -5.10 -8.94 -14.46
C ASP C 18 -5.52 -10.39 -14.77
N ILE C 19 -4.59 -11.31 -14.54
CA ILE C 19 -4.70 -12.65 -15.12
C ILE C 19 -5.96 -13.35 -14.62
N TYR C 20 -6.33 -13.15 -13.36
CA TYR C 20 -7.53 -13.83 -12.88
C TYR C 20 -8.79 -13.17 -13.45
N SER C 21 -8.74 -11.85 -13.64
CA SER C 21 -9.88 -11.13 -14.22
C SER C 21 -10.08 -11.49 -15.68
N ARG C 22 -9.00 -11.81 -16.41
CA ARG C 22 -9.13 -12.23 -17.80
C ARG C 22 -9.73 -13.63 -17.89
N LEU C 23 -9.27 -14.56 -17.04
CA LEU C 23 -9.91 -15.87 -17.05
C LEU C 23 -11.35 -15.80 -16.56
N LEU C 24 -11.74 -14.70 -15.90
CA LEU C 24 -13.14 -14.57 -15.54
C LEU C 24 -13.99 -14.29 -16.79
N LYS C 25 -13.45 -13.55 -17.79
CA LYS C 25 -14.24 -13.36 -18.99
C LYS C 25 -14.41 -14.65 -19.76
N ASP C 26 -13.57 -15.68 -19.49
CA ASP C 26 -13.74 -17.05 -19.96
C ASP C 26 -14.54 -17.91 -18.98
N ARG C 27 -15.25 -17.28 -18.05
CA ARG C 27 -16.10 -17.96 -17.06
C ARG C 27 -15.30 -18.95 -16.19
N ILE C 28 -14.08 -18.53 -15.81
CA ILE C 28 -13.25 -19.23 -14.84
C ILE C 28 -13.13 -18.41 -13.55
N ILE C 29 -13.36 -19.09 -12.43
CA ILE C 29 -13.24 -18.56 -11.08
C ILE C 29 -12.20 -19.38 -10.32
N PHE C 30 -11.34 -18.70 -9.59
CA PHE C 30 -10.37 -19.36 -8.73
C PHE C 30 -10.77 -19.27 -7.26
N LEU C 31 -10.72 -20.42 -6.58
CA LEU C 31 -10.87 -20.49 -5.14
C LEU C 31 -9.54 -21.07 -4.64
N GLY C 32 -8.56 -20.19 -4.46
CA GLY C 32 -7.20 -20.61 -4.15
C GLY C 32 -6.64 -20.27 -2.79
N THR C 33 -7.47 -19.72 -1.96
CA THR C 33 -7.04 -19.27 -0.66
C THR C 33 -7.81 -20.07 0.37
N PRO C 34 -7.48 -19.93 1.67
CA PRO C 34 -8.38 -20.42 2.71
C PRO C 34 -9.66 -19.62 2.71
N ILE C 35 -10.74 -20.24 3.17
CA ILE C 35 -12.06 -19.66 3.01
C ILE C 35 -12.47 -18.96 4.29
N ASP C 36 -12.64 -17.66 4.16
CA ASP C 36 -13.24 -16.83 5.19
C ASP C 36 -14.33 -16.02 4.53
N ALA C 37 -15.06 -15.24 5.33
CA ALA C 37 -16.20 -14.54 4.77
C ALA C 37 -15.82 -13.70 3.55
N GLN C 38 -14.67 -13.07 3.56
CA GLN C 38 -14.32 -12.16 2.48
C GLN C 38 -14.16 -12.89 1.16
N VAL C 39 -13.60 -14.09 1.20
CA VAL C 39 -13.36 -14.78 -0.06
C VAL C 39 -14.62 -15.48 -0.54
N ALA C 40 -15.42 -16.02 0.39
CA ALA C 40 -16.78 -16.47 0.04
C ALA C 40 -17.54 -15.37 -0.71
N ASN C 41 -17.62 -14.18 -0.13
CA ASN C 41 -18.37 -13.10 -0.79
C ASN C 41 -17.86 -12.87 -2.21
N VAL C 42 -16.54 -12.84 -2.42
CA VAL C 42 -16.07 -12.48 -3.76
C VAL C 42 -16.27 -13.65 -4.73
N VAL C 43 -16.29 -14.89 -4.23
CA VAL C 43 -16.61 -16.01 -5.10
C VAL C 43 -18.10 -15.98 -5.46
N VAL C 44 -18.97 -15.92 -4.44
CA VAL C 44 -20.40 -15.73 -4.64
C VAL C 44 -20.68 -14.63 -5.67
N ALA C 45 -20.02 -13.49 -5.53
CA ALA C 45 -20.30 -12.38 -6.44
C ALA C 45 -19.90 -12.72 -7.86
N GLN C 46 -18.82 -13.46 -8.06
CA GLN C 46 -18.43 -13.81 -9.42
C GLN C 46 -19.44 -14.75 -10.05
N LEU C 47 -19.91 -15.74 -9.28
CA LEU C 47 -20.96 -16.63 -9.74
C LEU C 47 -22.20 -15.85 -10.18
N LEU C 48 -22.76 -15.05 -9.28
CA LEU C 48 -23.92 -14.22 -9.61
C LEU C 48 -23.74 -13.43 -10.90
N PHE C 49 -22.54 -12.91 -11.14
CA PHE C 49 -22.29 -12.11 -12.34
C PHE C 49 -22.24 -13.00 -13.59
N LEU C 50 -21.54 -14.13 -13.49
CA LEU C 50 -21.40 -15.06 -14.61
C LEU C 50 -22.72 -15.70 -15.01
N ASP C 51 -23.60 -15.91 -14.03
CA ASP C 51 -24.92 -16.46 -14.32
C ASP C 51 -25.84 -15.40 -14.91
N ALA C 52 -25.70 -14.15 -14.47
CA ALA C 52 -26.42 -13.05 -15.10
C ALA C 52 -25.95 -12.84 -16.53
N GLN C 53 -24.64 -13.01 -16.83
CA GLN C 53 -24.15 -12.88 -18.20
C GLN C 53 -24.79 -13.91 -19.10
N ASN C 54 -24.91 -15.16 -18.60
CA ASN C 54 -25.43 -16.27 -19.39
C ASN C 54 -25.78 -17.48 -18.53
N PRO C 55 -27.06 -17.66 -18.19
CA PRO C 55 -27.44 -18.71 -17.22
C PRO C 55 -27.31 -20.12 -17.74
N ASN C 56 -26.88 -20.32 -18.98
CA ASN C 56 -26.84 -21.65 -19.56
C ASN C 56 -25.43 -22.17 -19.76
N GLN C 57 -24.46 -21.26 -19.98
CA GLN C 57 -23.09 -21.69 -20.13
C GLN C 57 -22.51 -22.17 -18.81
N GLU C 58 -21.49 -23.02 -18.91
CA GLU C 58 -20.88 -23.58 -17.71
C GLU C 58 -19.89 -22.59 -17.12
N ILE C 59 -19.73 -22.69 -15.80
CA ILE C 59 -18.68 -22.00 -15.06
C ILE C 59 -17.70 -23.03 -14.54
N LYS C 60 -16.41 -22.80 -14.79
CA LYS C 60 -15.36 -23.62 -14.22
C LYS C 60 -14.83 -22.95 -12.97
N LEU C 61 -14.78 -23.72 -11.87
CA LEU C 61 -14.29 -23.26 -10.56
C LEU C 61 -13.07 -24.12 -10.19
N TYR C 62 -11.87 -23.56 -10.38
CA TYR C 62 -10.62 -24.21 -9.99
C TYR C 62 -10.40 -24.09 -8.48
N ILE C 63 -10.05 -25.20 -7.84
CA ILE C 63 -10.00 -25.25 -6.38
C ILE C 63 -8.60 -25.61 -5.95
N ASN C 64 -7.97 -24.73 -5.18
CA ASN C 64 -6.77 -25.06 -4.42
C ASN C 64 -6.90 -24.34 -3.07
N SER C 65 -7.43 -25.05 -2.07
CA SER C 65 -7.75 -24.40 -0.81
C SER C 65 -7.70 -25.44 0.31
N PRO C 66 -7.27 -25.03 1.51
CA PRO C 66 -7.26 -25.94 2.66
C PRO C 66 -8.54 -25.92 3.45
N GLY C 67 -9.51 -25.14 3.01
CA GLY C 67 -10.75 -25.11 3.76
C GLY C 67 -10.99 -23.75 4.41
N GLY C 68 -11.75 -23.74 5.50
CA GLY C 68 -12.08 -22.47 6.10
C GLY C 68 -13.33 -22.57 6.95
N GLU C 69 -14.01 -21.44 7.07
CA GLU C 69 -15.18 -21.34 7.93
C GLU C 69 -16.39 -22.01 7.29
N VAL C 70 -17.11 -22.82 8.07
CA VAL C 70 -18.27 -23.52 7.50
C VAL C 70 -19.28 -22.51 6.96
N ASP C 71 -19.54 -21.42 7.69
CA ASP C 71 -20.58 -20.51 7.23
C ASP C 71 -20.22 -19.92 5.87
N ALA C 72 -18.97 -19.49 5.72
CA ALA C 72 -18.55 -18.95 4.43
C ALA C 72 -18.56 -20.02 3.35
N GLY C 73 -18.15 -21.24 3.70
CA GLY C 73 -18.17 -22.29 2.71
C GLY C 73 -19.57 -22.58 2.22
N LEU C 74 -20.51 -22.77 3.16
CA LEU C 74 -21.90 -22.99 2.78
C LEU C 74 -22.42 -21.89 1.87
N ALA C 75 -22.03 -20.64 2.13
CA ALA C 75 -22.39 -19.56 1.23
C ALA C 75 -22.01 -19.90 -0.20
N ILE C 76 -20.78 -20.34 -0.40
CA ILE C 76 -20.35 -20.72 -1.75
C ILE C 76 -21.17 -21.90 -2.24
N TYR C 77 -21.35 -22.92 -1.40
CA TYR C 77 -22.17 -24.08 -1.76
C TYR C 77 -23.58 -23.67 -2.15
N ASP C 78 -24.30 -23.03 -1.24
CA ASP C 78 -25.68 -22.63 -1.54
C ASP C 78 -25.76 -21.83 -2.84
N THR C 79 -24.79 -20.95 -3.07
CA THR C 79 -24.83 -20.15 -4.30
C THR C 79 -24.60 -21.01 -5.55
N MET C 80 -23.81 -22.08 -5.45
CA MET C 80 -23.63 -22.93 -6.64
C MET C 80 -24.92 -23.65 -7.00
N GLN C 81 -25.58 -24.26 -6.02
CA GLN C 81 -26.86 -24.90 -6.24
C GLN C 81 -27.91 -23.91 -6.77
N PHE C 82 -27.97 -22.72 -6.17
CA PHE C 82 -29.03 -21.77 -6.52
C PHE C 82 -28.91 -21.27 -7.94
N VAL C 83 -27.68 -21.05 -8.39
CA VAL C 83 -27.46 -20.39 -9.67
C VAL C 83 -27.78 -21.36 -10.82
N ARG C 84 -28.38 -20.84 -11.90
CA ARG C 84 -28.88 -21.69 -12.97
C ARG C 84 -27.75 -22.34 -13.74
N ALA C 85 -26.68 -21.59 -13.95
CA ALA C 85 -25.55 -22.13 -14.69
C ALA C 85 -24.94 -23.30 -13.92
N PRO C 86 -24.53 -24.35 -14.62
CA PRO C 86 -23.87 -25.47 -13.93
C PRO C 86 -22.40 -25.15 -13.73
N VAL C 87 -21.89 -25.43 -12.53
CA VAL C 87 -20.51 -25.10 -12.20
C VAL C 87 -19.72 -26.41 -12.11
N SER C 88 -18.73 -26.52 -12.98
CA SER C 88 -17.80 -27.64 -12.91
C SER C 88 -16.70 -27.26 -11.93
N THR C 89 -16.53 -28.08 -10.90
CA THR C 89 -15.42 -27.97 -9.97
C THR C 89 -14.21 -28.77 -10.44
N ILE C 90 -13.02 -28.18 -10.37
CA ILE C 90 -11.74 -28.85 -10.69
C ILE C 90 -10.77 -28.60 -9.56
N VAL C 91 -10.39 -29.64 -8.81
CA VAL C 91 -9.35 -29.52 -7.80
C VAL C 91 -7.98 -29.74 -8.42
N ILE C 92 -7.13 -28.70 -8.36
CA ILE C 92 -5.71 -28.77 -8.69
C ILE C 92 -4.95 -28.66 -7.38
N GLY C 93 -3.95 -29.49 -7.18
CA GLY C 93 -3.35 -29.49 -5.86
C GLY C 93 -4.22 -29.97 -4.69
N MET C 94 -4.83 -29.07 -3.91
CA MET C 94 -5.47 -29.44 -2.65
C MET C 94 -6.90 -28.92 -2.55
N ALA C 95 -7.81 -29.80 -2.08
CA ALA C 95 -9.17 -29.38 -1.67
C ALA C 95 -9.53 -30.08 -0.36
N ALA C 96 -9.51 -29.34 0.74
CA ALA C 96 -9.70 -29.91 2.07
C ALA C 96 -10.87 -29.25 2.80
N SER C 97 -11.40 -29.97 3.79
CA SER C 97 -12.47 -29.45 4.66
C SER C 97 -13.57 -28.84 3.80
N MET C 98 -14.02 -27.59 4.03
CA MET C 98 -15.07 -26.98 3.24
C MET C 98 -14.74 -26.96 1.75
N ALA C 99 -13.46 -26.97 1.40
CA ALA C 99 -13.11 -26.92 -0.01
C ALA C 99 -13.38 -28.26 -0.67
N ALA C 100 -13.28 -29.36 0.09
CA ALA C 100 -13.72 -30.64 -0.42
C ALA C 100 -15.21 -30.65 -0.69
N VAL C 101 -15.99 -30.13 0.27
CA VAL C 101 -17.44 -30.05 0.08
C VAL C 101 -17.78 -29.27 -1.17
N ILE C 102 -17.13 -28.13 -1.38
CA ILE C 102 -17.43 -27.34 -2.58
C ILE C 102 -17.08 -28.13 -3.84
N LEU C 103 -15.98 -28.89 -3.79
CA LEU C 103 -15.59 -29.74 -4.92
C LEU C 103 -16.69 -30.76 -5.22
N ALA C 104 -17.08 -31.51 -4.20
CA ALA C 104 -18.09 -32.53 -4.34
C ALA C 104 -19.43 -32.00 -4.84
N ALA C 105 -19.68 -30.70 -4.76
CA ALA C 105 -21.00 -30.16 -5.05
C ALA C 105 -21.06 -29.48 -6.41
N GLY C 106 -20.06 -29.71 -7.26
CA GLY C 106 -20.18 -29.35 -8.65
C GLY C 106 -21.24 -30.19 -9.32
N GLU C 107 -21.66 -29.72 -10.51
CA GLU C 107 -22.56 -30.45 -11.38
C GLU C 107 -22.15 -31.90 -11.52
N LYS C 108 -23.04 -32.83 -11.15
CA LYS C 108 -22.68 -34.25 -11.24
C LYS C 108 -22.22 -34.56 -12.66
N GLY C 109 -21.15 -35.36 -12.75
CA GLY C 109 -20.48 -35.60 -14.00
C GLY C 109 -19.46 -34.54 -14.43
N ARG C 110 -19.37 -33.36 -13.87
CA ARG C 110 -18.29 -32.51 -14.33
C ARG C 110 -17.40 -32.03 -13.18
N ARG C 111 -17.25 -32.89 -12.13
CA ARG C 111 -16.35 -32.72 -11.00
C ARG C 111 -15.04 -33.46 -11.31
N TYR C 112 -13.94 -32.71 -11.42
CA TYR C 112 -12.67 -33.22 -11.90
C TYR C 112 -11.51 -32.95 -10.93
N ALA C 113 -10.57 -33.90 -10.87
CA ALA C 113 -9.29 -33.76 -10.17
C ALA C 113 -8.13 -33.95 -11.15
N LEU C 114 -7.02 -33.21 -10.93
CA LEU C 114 -5.77 -33.56 -11.62
C LEU C 114 -5.09 -34.74 -10.89
N PRO C 115 -4.16 -35.43 -11.56
CA PRO C 115 -3.72 -36.74 -11.03
C PRO C 115 -3.17 -36.70 -9.62
N HIS C 116 -2.35 -35.72 -9.30
CA HIS C 116 -1.73 -35.71 -8.00
C HIS C 116 -2.41 -34.80 -7.00
N ALA C 117 -3.57 -34.24 -7.34
CA ALA C 117 -4.38 -33.48 -6.41
C ALA C 117 -4.90 -34.36 -5.26
N LYS C 118 -5.33 -33.69 -4.18
CA LYS C 118 -5.84 -34.41 -3.04
C LYS C 118 -7.16 -33.80 -2.59
N VAL C 119 -7.85 -34.64 -1.84
CA VAL C 119 -9.05 -34.30 -1.13
C VAL C 119 -8.87 -34.77 0.30
N MET C 120 -9.30 -33.93 1.21
CA MET C 120 -9.30 -34.31 2.61
C MET C 120 -10.57 -33.79 3.21
N ILE C 121 -11.12 -34.65 4.07
CA ILE C 121 -12.36 -34.40 4.74
C ILE C 121 -12.20 -34.77 6.20
N HIS C 122 -12.99 -34.09 7.01
CA HIS C 122 -13.01 -34.26 8.47
C HIS C 122 -14.13 -33.40 9.02
N GLN C 123 -14.38 -33.58 10.30
CA GLN C 123 -15.44 -32.87 10.99
C GLN C 123 -14.97 -31.48 11.33
N PRO C 124 -15.88 -30.58 11.69
CA PRO C 124 -15.48 -29.20 11.95
C PRO C 124 -14.72 -29.09 13.26
N TRP C 125 -14.02 -27.99 13.37
CA TRP C 125 -13.33 -27.63 14.60
C TRP C 125 -13.62 -26.16 14.87
N GLY C 126 -13.45 -25.76 16.12
CA GLY C 126 -13.74 -24.40 16.49
C GLY C 126 -13.34 -24.11 17.92
N GLY C 127 -13.95 -23.08 18.47
CA GLY C 127 -13.61 -22.66 19.80
C GLY C 127 -14.65 -21.72 20.35
N VAL C 128 -14.86 -21.81 21.67
CA VAL C 128 -15.84 -20.99 22.37
C VAL C 128 -15.26 -20.58 23.72
N ARG C 129 -15.45 -19.35 24.02
CA ARG C 129 -15.23 -18.82 25.34
C ARG C 129 -16.61 -18.43 25.86
N GLY C 130 -16.73 -18.37 27.20
CA GLY C 130 -17.89 -17.73 27.77
C GLY C 130 -18.33 -18.49 28.99
N THR C 131 -19.54 -18.16 29.44
CA THR C 131 -20.05 -18.89 30.58
C THR C 131 -20.62 -20.25 30.11
N ALA C 132 -20.89 -21.12 31.08
CA ALA C 132 -21.46 -22.44 30.82
C ALA C 132 -22.68 -22.39 29.91
N SER C 133 -23.65 -21.51 30.21
CA SER C 133 -24.80 -21.27 29.33
C SER C 133 -24.36 -20.93 27.92
N ASP C 134 -23.36 -20.03 27.80
CA ASP C 134 -22.91 -19.62 26.48
C ASP C 134 -22.23 -20.77 25.74
N ILE C 135 -21.37 -21.53 26.44
CA ILE C 135 -20.73 -22.67 25.81
C ILE C 135 -21.74 -23.71 25.36
N ALA C 136 -22.73 -24.00 26.20
CA ALA C 136 -23.75 -24.97 25.79
C ALA C 136 -24.38 -24.60 24.44
N ILE C 137 -24.74 -23.32 24.27
CA ILE C 137 -25.33 -22.85 23.01
C ILE C 137 -24.38 -23.07 21.84
N GLN C 138 -23.13 -22.73 21.94
CA GLN C 138 -22.25 -22.85 20.78
C GLN C 138 -21.83 -24.30 20.54
N ALA C 139 -21.73 -25.07 21.62
CA ALA C 139 -21.58 -26.51 21.45
C ALA C 139 -22.73 -27.10 20.62
N GLN C 140 -23.94 -26.68 20.87
CA GLN C 140 -25.05 -27.17 20.10
C GLN C 140 -24.90 -26.76 18.68
N GLU C 141 -24.48 -25.55 18.45
CA GLU C 141 -24.36 -25.08 17.09
C GLU C 141 -23.34 -25.90 16.30
N ILE C 142 -22.23 -26.31 16.93
CA ILE C 142 -21.17 -26.99 16.18
C ILE C 142 -21.63 -28.41 15.84
N LEU C 143 -22.43 -28.96 16.74
CA LEU C 143 -23.02 -30.27 16.54
C LEU C 143 -23.95 -30.27 15.32
N LYS C 144 -24.77 -29.23 15.13
CA LYS C 144 -25.61 -29.20 13.94
C LYS C 144 -24.78 -29.11 12.68
N ALA C 145 -23.78 -28.23 12.69
CA ALA C 145 -22.91 -28.08 11.53
C ALA C 145 -22.27 -29.41 11.18
N LYS C 146 -21.79 -30.15 12.20
CA LYS C 146 -21.24 -31.47 11.95
C LYS C 146 -22.23 -32.36 11.22
N LYS C 147 -23.43 -32.56 11.81
CA LYS C 147 -24.42 -33.41 11.13
C LYS C 147 -24.78 -32.83 9.77
N LEU C 148 -25.03 -31.53 9.69
CA LEU C 148 -25.39 -30.92 8.41
C LEU C 148 -24.35 -31.21 7.33
N LEU C 149 -23.05 -31.08 7.66
CA LEU C 149 -22.02 -31.26 6.63
C LEU C 149 -21.83 -32.73 6.27
N ASN C 150 -21.94 -33.62 7.25
CA ASN C 150 -22.01 -35.05 6.92
C ASN C 150 -23.16 -35.35 5.96
N GLU C 151 -24.33 -34.74 6.16
CA GLU C 151 -25.43 -35.04 5.25
C GLU C 151 -25.15 -34.52 3.84
N ILE C 152 -24.67 -33.28 3.75
CA ILE C 152 -24.31 -32.72 2.44
C ILE C 152 -23.32 -33.61 1.71
N LEU C 153 -22.39 -34.22 2.45
CA LEU C 153 -21.40 -35.06 1.79
C LEU C 153 -22.05 -36.34 1.29
N ALA C 154 -22.80 -37.03 2.16
CA ALA C 154 -23.56 -38.20 1.76
C ALA C 154 -24.42 -37.96 0.50
N LYS C 155 -25.14 -36.83 0.38
CA LYS C 155 -25.98 -36.55 -0.78
C LYS C 155 -25.16 -36.53 -2.07
N HIS C 156 -24.02 -35.88 -1.99
CA HIS C 156 -23.31 -35.61 -3.23
C HIS C 156 -22.30 -36.67 -3.62
N THR C 157 -21.94 -37.58 -2.71
CA THR C 157 -21.10 -38.72 -3.06
C THR C 157 -21.89 -39.98 -3.30
N GLY C 158 -23.03 -40.14 -2.63
CA GLY C 158 -23.80 -41.36 -2.68
C GLY C 158 -23.49 -42.33 -1.55
N GLN C 159 -22.68 -41.94 -0.64
CA GLN C 159 -22.31 -42.87 0.41
C GLN C 159 -23.35 -42.87 1.52
N PRO C 160 -23.50 -44.00 2.17
CA PRO C 160 -24.36 -44.05 3.36
C PRO C 160 -23.83 -43.09 4.42
N LEU C 161 -24.75 -42.45 5.12
CA LEU C 161 -24.34 -41.40 6.06
C LEU C 161 -23.56 -41.97 7.23
N GLU C 162 -23.82 -43.19 7.64
CA GLU C 162 -23.08 -43.76 8.77
C GLU C 162 -21.60 -43.80 8.41
N LYS C 163 -21.31 -43.93 7.12
CA LYS C 163 -19.95 -44.08 6.62
C LYS C 163 -19.21 -42.74 6.61
N VAL C 164 -19.84 -41.67 6.09
CA VAL C 164 -19.17 -40.37 6.12
C VAL C 164 -18.91 -39.96 7.57
N GLU C 165 -19.86 -40.23 8.48
CA GLU C 165 -19.63 -39.86 9.88
C GLU C 165 -18.42 -40.59 10.45
N LYS C 166 -18.25 -41.89 10.15
CA LYS C 166 -17.10 -42.56 10.73
C LYS C 166 -15.82 -42.21 10.00
N ASP C 167 -15.91 -41.93 8.70
CA ASP C 167 -14.71 -41.56 7.96
C ASP C 167 -14.18 -40.18 8.37
N THR C 168 -15.06 -39.19 8.58
CA THR C 168 -14.64 -37.83 8.89
C THR C 168 -14.28 -37.63 10.36
N ASP C 169 -14.24 -38.69 11.18
CA ASP C 169 -13.95 -38.49 12.59
C ASP C 169 -12.54 -37.93 12.76
N ARG C 170 -11.59 -38.37 11.94
CA ARG C 170 -10.32 -37.68 11.93
C ARG C 170 -9.98 -37.29 10.49
N ASP C 171 -8.77 -36.76 10.26
CA ASP C 171 -8.42 -36.36 8.90
C ASP C 171 -8.41 -37.59 8.00
N TYR C 172 -9.11 -37.48 6.87
CA TYR C 172 -9.27 -38.59 5.93
C TYR C 172 -8.74 -38.11 4.58
N TYR C 173 -7.53 -38.52 4.22
CA TYR C 173 -6.91 -38.04 2.99
C TYR C 173 -7.23 -39.00 1.85
N LEU C 174 -7.54 -38.43 0.70
CA LEU C 174 -7.88 -39.21 -0.48
C LEU C 174 -6.99 -38.78 -1.64
N SER C 175 -6.39 -39.77 -2.32
CA SER C 175 -5.85 -39.47 -3.63
C SER C 175 -6.97 -39.20 -4.61
N ALA C 176 -6.61 -38.72 -5.81
CA ALA C 176 -7.65 -38.39 -6.77
C ALA C 176 -8.40 -39.64 -7.21
N GLN C 177 -7.68 -40.73 -7.44
CA GLN C 177 -8.33 -41.99 -7.72
C GLN C 177 -9.24 -42.39 -6.56
N GLU C 178 -8.72 -42.38 -5.33
CA GLU C 178 -9.54 -42.71 -4.16
C GLU C 178 -10.77 -41.81 -4.05
N ALA C 179 -10.66 -40.58 -4.54
CA ALA C 179 -11.77 -39.64 -4.52
C ALA C 179 -12.83 -40.01 -5.56
N LEU C 180 -12.37 -40.50 -6.72
CA LEU C 180 -13.25 -41.15 -7.70
C LEU C 180 -14.06 -42.30 -7.09
N GLU C 181 -13.37 -43.25 -6.53
CA GLU C 181 -14.10 -44.37 -5.97
C GLU C 181 -15.01 -43.95 -4.83
N TYR C 182 -14.68 -42.85 -4.08
CA TYR C 182 -15.51 -42.40 -2.98
C TYR C 182 -16.73 -41.63 -3.47
N GLY C 183 -16.70 -41.12 -4.69
CA GLY C 183 -17.81 -40.33 -5.17
C GLY C 183 -17.62 -38.83 -5.11
N LEU C 184 -16.44 -38.35 -4.67
CA LEU C 184 -16.29 -36.90 -4.50
C LEU C 184 -16.10 -36.23 -5.85
N ILE C 185 -15.63 -36.97 -6.85
CA ILE C 185 -15.41 -36.41 -8.17
C ILE C 185 -15.94 -37.43 -9.22
N ASP C 186 -15.82 -37.04 -10.48
CA ASP C 186 -16.30 -37.91 -11.55
C ASP C 186 -15.20 -38.40 -12.49
N GLN C 187 -14.16 -37.61 -12.72
CA GLN C 187 -13.05 -38.00 -13.58
C GLN C 187 -11.71 -37.51 -13.05
N VAL C 188 -10.73 -38.41 -13.10
CA VAL C 188 -9.34 -38.00 -12.90
C VAL C 188 -8.79 -37.66 -14.27
N VAL C 189 -8.54 -36.38 -14.52
CA VAL C 189 -8.16 -35.85 -15.82
C VAL C 189 -6.64 -35.65 -15.89
N THR C 190 -6.00 -36.28 -16.87
CA THR C 190 -4.56 -36.19 -17.03
C THR C 190 -4.13 -35.33 -18.22
N ARG C 191 -4.66 -35.52 -19.46
CA ARG C 191 -4.40 -34.65 -20.60
C ARG C 191 -5.72 -34.04 -21.08
N GLU C 192 -5.65 -33.11 -21.96
CA GLU C 192 -6.67 -32.10 -22.26
C GLU C 192 -7.61 -32.49 -23.40
N GLU C 193 -7.71 -33.76 -23.75
CA GLU C 193 -8.57 -34.31 -24.83
C GLU C 193 -8.98 -33.25 -25.85
N VAL D 2 -7.32 -9.55 -3.13
CA VAL D 2 -7.49 -9.90 -4.53
C VAL D 2 -8.97 -9.87 -4.93
N ILE D 3 -9.43 -8.71 -5.47
CA ILE D 3 -10.72 -8.66 -6.15
C ILE D 3 -10.47 -8.55 -7.65
N PRO D 4 -11.25 -9.22 -8.48
CA PRO D 4 -11.01 -9.21 -9.92
C PRO D 4 -11.75 -8.07 -10.61
N TYR D 5 -11.33 -7.80 -11.84
CA TYR D 5 -11.86 -6.68 -12.61
C TYR D 5 -12.61 -7.16 -13.85
N VAL D 6 -13.48 -6.31 -14.45
CA VAL D 6 -14.27 -6.64 -15.63
C VAL D 6 -14.21 -5.43 -16.56
N ILE D 7 -14.39 -5.58 -17.85
CA ILE D 7 -14.11 -4.44 -18.74
C ILE D 7 -15.21 -3.37 -18.66
N GLU D 8 -14.81 -2.10 -18.47
CA GLU D 8 -15.73 -0.96 -18.37
C GLU D 8 -16.27 -0.45 -19.71
N TYR D 17 -14.47 -1.97 -14.20
CA TYR D 17 -14.91 -2.04 -12.81
C TYR D 17 -14.25 -3.22 -12.09
N ASP D 18 -14.14 -3.11 -10.77
CA ASP D 18 -13.96 -4.29 -9.93
C ASP D 18 -15.32 -4.95 -9.68
N ILE D 19 -15.26 -6.22 -9.25
CA ILE D 19 -16.42 -7.09 -9.33
C ILE D 19 -17.57 -6.54 -8.49
N TYR D 20 -17.28 -5.94 -7.34
CA TYR D 20 -18.37 -5.42 -6.53
C TYR D 20 -18.94 -4.15 -7.15
N SER D 21 -18.08 -3.35 -7.78
CA SER D 21 -18.52 -2.13 -8.44
C SER D 21 -19.37 -2.43 -9.67
N ARG D 22 -19.10 -3.55 -10.35
CA ARG D 22 -19.93 -3.93 -11.49
C ARG D 22 -21.30 -4.42 -11.03
N LEU D 23 -21.36 -5.24 -9.98
CA LEU D 23 -22.68 -5.61 -9.48
C LEU D 23 -23.42 -4.43 -8.88
N LEU D 24 -22.72 -3.33 -8.60
CA LEU D 24 -23.44 -2.15 -8.16
C LEU D 24 -24.21 -1.52 -9.32
N LYS D 25 -23.72 -1.68 -10.54
CA LYS D 25 -24.43 -1.14 -11.69
C LYS D 25 -25.77 -1.85 -11.73
N ASP D 26 -25.75 -3.15 -11.42
CA ASP D 26 -26.94 -3.98 -11.38
C ASP D 26 -27.74 -3.80 -10.08
N ARG D 27 -27.48 -2.72 -9.34
CA ARG D 27 -28.19 -2.39 -8.10
C ARG D 27 -28.05 -3.48 -7.04
N ILE D 28 -26.83 -4.05 -6.95
CA ILE D 28 -26.44 -4.99 -5.90
C ILE D 28 -25.40 -4.34 -4.99
N ILE D 29 -25.63 -4.46 -3.68
CA ILE D 29 -24.77 -4.00 -2.62
C ILE D 29 -24.39 -5.18 -1.75
N PHE D 30 -23.12 -5.27 -1.38
CA PHE D 30 -22.65 -6.30 -0.46
C PHE D 30 -22.38 -5.72 0.92
N LEU D 31 -22.91 -6.40 1.94
CA LEU D 31 -22.58 -6.11 3.33
C LEU D 31 -21.94 -7.40 3.85
N GLY D 32 -20.64 -7.54 3.61
CA GLY D 32 -19.93 -8.77 3.90
C GLY D 32 -18.89 -8.75 4.99
N THR D 33 -18.69 -7.62 5.64
CA THR D 33 -17.74 -7.44 6.73
C THR D 33 -18.48 -7.24 8.03
N PRO D 34 -17.77 -7.24 9.13
CA PRO D 34 -18.36 -6.73 10.38
C PRO D 34 -18.66 -5.26 10.24
N ILE D 35 -19.65 -4.80 11.00
CA ILE D 35 -20.19 -3.45 10.79
C ILE D 35 -19.57 -2.50 11.79
N ASP D 36 -18.83 -1.55 11.25
CA ASP D 36 -18.33 -0.41 12.00
C ASP D 36 -18.73 0.83 11.22
N ALA D 37 -18.43 2.00 11.78
CA ALA D 37 -18.88 3.22 11.14
C ALA D 37 -18.45 3.31 9.68
N GLN D 38 -17.21 2.86 9.38
CA GLN D 38 -16.74 3.06 8.01
C GLN D 38 -17.56 2.25 7.02
N VAL D 39 -18.01 1.05 7.37
CA VAL D 39 -18.72 0.23 6.40
C VAL D 39 -20.19 0.64 6.33
N ALA D 40 -20.78 1.02 7.47
CA ALA D 40 -22.09 1.67 7.44
C ALA D 40 -22.09 2.85 6.45
N ASN D 41 -21.16 3.78 6.60
CA ASN D 41 -21.13 4.93 5.69
C ASN D 41 -21.10 4.49 4.23
N VAL D 42 -20.27 3.50 3.88
CA VAL D 42 -20.16 3.17 2.46
C VAL D 42 -21.40 2.42 1.97
N VAL D 43 -22.09 1.70 2.86
CA VAL D 43 -23.34 1.08 2.46
C VAL D 43 -24.42 2.14 2.28
N VAL D 44 -24.62 2.98 3.31
CA VAL D 44 -25.50 4.15 3.20
C VAL D 44 -25.27 4.92 1.90
N ALA D 45 -24.01 5.19 1.58
CA ALA D 45 -23.74 5.98 0.39
C ALA D 45 -24.18 5.26 -0.88
N GLN D 46 -24.02 3.93 -0.93
CA GLN D 46 -24.44 3.21 -2.13
C GLN D 46 -25.95 3.25 -2.28
N LEU D 47 -26.68 3.08 -1.18
CA LEU D 47 -28.13 3.20 -1.20
C LEU D 47 -28.57 4.57 -1.74
N LEU D 48 -28.10 5.64 -1.10
CA LEU D 48 -28.40 7.00 -1.56
C LEU D 48 -28.16 7.18 -3.06
N PHE D 49 -27.09 6.59 -3.58
CA PHE D 49 -26.78 6.74 -5.00
C PHE D 49 -27.75 5.94 -5.87
N LEU D 50 -28.02 4.69 -5.47
CA LEU D 50 -28.92 3.82 -6.22
C LEU D 50 -30.36 4.32 -6.23
N ASP D 51 -30.77 4.98 -5.15
CA ASP D 51 -32.10 5.57 -5.09
C ASP D 51 -32.18 6.85 -5.91
N ALA D 52 -31.10 7.62 -5.94
CA ALA D 52 -31.04 8.77 -6.82
C ALA D 52 -31.04 8.35 -8.29
N GLN D 53 -30.36 7.27 -8.57
CA GLN D 53 -30.38 6.84 -9.96
C GLN D 53 -31.77 6.43 -10.40
N ASN D 54 -32.59 5.76 -9.53
CA ASN D 54 -33.95 5.29 -9.84
C ASN D 54 -34.73 4.90 -8.59
N PRO D 55 -35.59 5.79 -8.07
CA PRO D 55 -36.23 5.53 -6.77
C PRO D 55 -37.27 4.43 -6.79
N ASN D 56 -37.52 3.80 -7.93
CA ASN D 56 -38.58 2.80 -8.02
C ASN D 56 -38.07 1.40 -8.20
N GLN D 57 -36.89 1.24 -8.79
CA GLN D 57 -36.31 -0.09 -8.95
C GLN D 57 -35.83 -0.63 -7.61
N GLU D 58 -35.76 -1.96 -7.53
CA GLU D 58 -35.36 -2.59 -6.27
C GLU D 58 -33.84 -2.59 -6.17
N ILE D 59 -33.37 -2.58 -4.93
CA ILE D 59 -31.98 -2.79 -4.58
C ILE D 59 -31.86 -4.11 -3.85
N LYS D 60 -30.94 -4.96 -4.30
CA LYS D 60 -30.62 -6.20 -3.61
C LYS D 60 -29.40 -5.96 -2.72
N LEU D 61 -29.53 -6.34 -1.44
CA LEU D 61 -28.48 -6.20 -0.42
C LEU D 61 -28.13 -7.61 0.08
N TYR D 62 -27.02 -8.17 -0.41
CA TYR D 62 -26.52 -9.46 0.04
C TYR D 62 -25.80 -9.32 1.38
N ILE D 63 -26.11 -10.20 2.32
CA ILE D 63 -25.64 -10.06 3.69
C ILE D 63 -24.82 -11.27 4.07
N ASN D 64 -23.56 -11.04 4.43
CA ASN D 64 -22.74 -12.04 5.11
C ASN D 64 -21.91 -11.27 6.14
N SER D 65 -22.41 -11.19 7.37
CA SER D 65 -21.78 -10.33 8.38
C SER D 65 -22.09 -10.87 9.76
N PRO D 66 -21.14 -10.75 10.69
CA PRO D 66 -21.38 -11.17 12.07
C PRO D 66 -21.96 -10.10 12.95
N GLY D 67 -22.21 -8.93 12.39
CA GLY D 67 -22.75 -7.87 13.20
C GLY D 67 -21.80 -6.71 13.39
N GLY D 68 -21.94 -5.98 14.47
CA GLY D 68 -21.10 -4.80 14.64
C GLY D 68 -21.73 -3.82 15.60
N GLU D 69 -21.36 -2.55 15.40
CA GLU D 69 -21.79 -1.49 16.29
C GLU D 69 -23.25 -1.13 16.05
N VAL D 70 -24.03 -1.00 17.13
CA VAL D 70 -25.45 -0.68 16.97
C VAL D 70 -25.60 0.64 16.23
N ASP D 71 -24.80 1.66 16.58
CA ASP D 71 -25.02 2.96 15.95
C ASP D 71 -24.82 2.86 14.45
N ALA D 72 -23.75 2.19 14.02
CA ALA D 72 -23.53 2.04 12.58
C ALA D 72 -24.61 1.18 11.94
N GLY D 73 -25.05 0.14 12.63
CA GLY D 73 -26.11 -0.69 12.07
C GLY D 73 -27.38 0.09 11.86
N LEU D 74 -27.83 0.81 12.91
CA LEU D 74 -29.02 1.64 12.77
C LEU D 74 -28.90 2.61 11.60
N ALA D 75 -27.71 3.17 11.38
CA ALA D 75 -27.51 4.02 10.21
C ALA D 75 -27.96 3.29 8.95
N ILE D 76 -27.50 2.06 8.78
CA ILE D 76 -27.91 1.28 7.61
C ILE D 76 -29.42 1.06 7.63
N TYR D 77 -29.95 0.66 8.78
CA TYR D 77 -31.39 0.45 8.93
C TYR D 77 -32.18 1.71 8.58
N ASP D 78 -31.93 2.81 9.29
CA ASP D 78 -32.67 4.04 9.03
C ASP D 78 -32.59 4.42 7.55
N THR D 79 -31.42 4.24 6.92
CA THR D 79 -31.32 4.60 5.51
C THR D 79 -32.15 3.68 4.61
N MET D 80 -32.32 2.41 4.97
CA MET D 80 -33.15 1.54 4.14
C MET D 80 -34.62 1.99 4.18
N GLN D 81 -35.15 2.21 5.38
CA GLN D 81 -36.50 2.72 5.53
C GLN D 81 -36.69 4.06 4.81
N PHE D 82 -35.73 4.98 4.97
CA PHE D 82 -35.90 6.33 4.45
C PHE D 82 -35.94 6.35 2.92
N VAL D 83 -35.13 5.52 2.29
CA VAL D 83 -34.94 5.58 0.86
C VAL D 83 -36.18 5.01 0.15
N ARG D 84 -36.58 5.65 -0.97
CA ARG D 84 -37.84 5.30 -1.63
C ARG D 84 -37.77 3.92 -2.26
N ALA D 85 -36.62 3.57 -2.82
CA ALA D 85 -36.49 2.27 -3.44
C ALA D 85 -36.62 1.17 -2.39
N PRO D 86 -37.30 0.08 -2.73
CA PRO D 86 -37.40 -1.04 -1.78
C PRO D 86 -36.14 -1.89 -1.86
N VAL D 87 -35.61 -2.28 -0.71
CA VAL D 87 -34.36 -3.04 -0.65
C VAL D 87 -34.70 -4.45 -0.22
N SER D 88 -34.40 -5.40 -1.09
CA SER D 88 -34.52 -6.80 -0.75
C SER D 88 -33.22 -7.23 -0.09
N THR D 89 -33.33 -7.74 1.14
CA THR D 89 -32.22 -8.34 1.85
C THR D 89 -32.13 -9.84 1.56
N ILE D 90 -30.90 -10.33 1.29
CA ILE D 90 -30.63 -11.75 1.08
C ILE D 90 -29.44 -12.15 1.95
N VAL D 91 -29.67 -12.99 2.96
CA VAL D 91 -28.56 -13.54 3.75
C VAL D 91 -28.01 -14.79 3.11
N ILE D 92 -26.74 -14.73 2.70
CA ILE D 92 -25.94 -15.88 2.26
C ILE D 92 -24.93 -16.18 3.38
N GLY D 93 -24.78 -17.44 3.74
CA GLY D 93 -23.95 -17.68 4.91
C GLY D 93 -24.47 -17.17 6.25
N MET D 94 -24.02 -16.01 6.74
CA MET D 94 -24.27 -15.58 8.12
C MET D 94 -24.84 -14.17 8.19
N ALA D 95 -25.88 -13.99 9.02
CA ALA D 95 -26.37 -12.66 9.41
C ALA D 95 -26.66 -12.64 10.91
N ALA D 96 -25.78 -12.00 11.69
CA ALA D 96 -25.87 -12.04 13.15
C ALA D 96 -25.96 -10.63 13.73
N SER D 97 -26.48 -10.55 14.95
CA SER D 97 -26.55 -9.28 15.71
C SER D 97 -27.15 -8.21 14.81
N MET D 98 -26.52 -7.03 14.65
CA MET D 98 -27.05 -5.96 13.81
C MET D 98 -27.31 -6.41 12.39
N ALA D 99 -26.58 -7.43 11.93
CA ALA D 99 -26.77 -7.87 10.55
C ALA D 99 -28.08 -8.64 10.42
N ALA D 100 -28.50 -9.32 11.49
CA ALA D 100 -29.83 -9.91 11.50
C ALA D 100 -30.90 -8.84 11.42
N VAL D 101 -30.75 -7.78 12.21
CA VAL D 101 -31.71 -6.68 12.17
C VAL D 101 -31.82 -6.11 10.76
N ILE D 102 -30.69 -5.88 10.12
CA ILE D 102 -30.74 -5.33 8.77
C ILE D 102 -31.44 -6.29 7.82
N LEU D 103 -31.22 -7.59 7.99
CA LEU D 103 -31.91 -8.60 7.20
C LEU D 103 -33.41 -8.50 7.37
N ALA D 104 -33.86 -8.55 8.63
CA ALA D 104 -35.27 -8.49 8.95
C ALA D 104 -35.96 -7.22 8.45
N ALA D 105 -35.20 -6.18 8.10
CA ALA D 105 -35.81 -4.88 7.79
C ALA D 105 -35.83 -4.60 6.30
N GLY D 106 -35.60 -5.62 5.48
CA GLY D 106 -35.87 -5.50 4.06
C GLY D 106 -37.36 -5.36 3.84
N GLU D 107 -37.70 -4.93 2.62
CA GLU D 107 -39.08 -4.86 2.15
C GLU D 107 -39.83 -6.15 2.46
N LYS D 108 -40.93 -6.03 3.23
CA LYS D 108 -41.69 -7.24 3.58
C LYS D 108 -42.05 -8.00 2.31
N GLY D 109 -41.92 -9.32 2.38
CA GLY D 109 -42.04 -10.17 1.23
C GLY D 109 -40.79 -10.30 0.35
N ARG D 110 -39.76 -9.45 0.59
CA ARG D 110 -38.57 -9.46 -0.24
C ARG D 110 -37.33 -9.71 0.61
N ARG D 111 -37.47 -10.52 1.70
CA ARG D 111 -36.39 -10.91 2.60
C ARG D 111 -36.13 -12.41 2.42
N TYR D 112 -34.93 -12.75 1.94
CA TYR D 112 -34.58 -14.11 1.53
C TYR D 112 -33.33 -14.64 2.22
N ALA D 113 -33.33 -15.95 2.51
CA ALA D 113 -32.17 -16.70 2.97
C ALA D 113 -31.85 -17.83 2.00
N LEU D 114 -30.54 -18.15 1.83
CA LEU D 114 -30.17 -19.42 1.17
C LEU D 114 -30.29 -20.57 2.18
N PRO D 115 -30.36 -21.82 1.69
CA PRO D 115 -30.79 -22.92 2.58
C PRO D 115 -29.94 -23.08 3.82
N HIS D 116 -28.62 -23.01 3.70
CA HIS D 116 -27.78 -23.27 4.83
C HIS D 116 -27.29 -22.01 5.54
N ALA D 117 -27.79 -20.83 5.16
CA ALA D 117 -27.51 -19.60 5.86
C ALA D 117 -28.08 -19.61 7.29
N LYS D 118 -27.57 -18.70 8.11
CA LYS D 118 -28.03 -18.61 9.48
C LYS D 118 -28.33 -17.18 9.84
N VAL D 119 -29.12 -17.08 10.90
CA VAL D 119 -29.45 -15.86 11.58
C VAL D 119 -29.18 -16.09 13.04
N MET D 120 -28.61 -15.08 13.67
CA MET D 120 -28.41 -15.12 15.09
C MET D 120 -28.71 -13.74 15.62
N ILE D 121 -29.37 -13.78 16.77
CA ILE D 121 -29.80 -12.58 17.45
C ILE D 121 -29.47 -12.72 18.92
N HIS D 122 -29.27 -11.56 19.53
CA HIS D 122 -28.93 -11.45 20.95
C HIS D 122 -28.92 -9.97 21.30
N GLN D 123 -28.78 -9.70 22.58
CA GLN D 123 -28.79 -8.35 23.11
C GLN D 123 -27.42 -7.74 22.89
N PRO D 124 -27.30 -6.42 23.02
CA PRO D 124 -26.01 -5.79 22.76
C PRO D 124 -25.02 -6.08 23.85
N TRP D 125 -23.77 -5.87 23.51
CA TRP D 125 -22.68 -5.96 24.46
C TRP D 125 -21.79 -4.75 24.25
N GLY D 126 -21.00 -4.42 25.27
CA GLY D 126 -20.15 -3.26 25.18
C GLY D 126 -19.23 -3.16 26.37
N GLY D 127 -18.75 -1.95 26.60
CA GLY D 127 -17.81 -1.72 27.66
C GLY D 127 -17.69 -0.25 27.98
N VAL D 128 -17.46 0.05 29.26
CA VAL D 128 -17.33 1.41 29.74
C VAL D 128 -16.23 1.45 30.79
N ARG D 129 -15.43 2.51 30.73
CA ARG D 129 -14.38 2.78 31.72
C ARG D 129 -14.56 4.24 32.15
N GLY D 130 -14.58 4.51 33.45
CA GLY D 130 -14.73 5.87 33.90
C GLY D 130 -15.14 5.90 35.35
N THR D 131 -15.57 7.08 35.79
CA THR D 131 -16.03 7.15 37.16
C THR D 131 -17.48 6.62 37.22
N ALA D 132 -17.93 6.40 38.46
CA ALA D 132 -19.29 5.91 38.74
C ALA D 132 -20.37 6.73 38.00
N SER D 133 -20.30 8.07 38.09
CA SER D 133 -21.19 8.93 37.30
C SER D 133 -21.11 8.62 35.82
N ASP D 134 -19.90 8.44 35.30
CA ASP D 134 -19.75 8.19 33.87
C ASP D 134 -20.30 6.81 33.51
N ILE D 135 -20.03 5.78 34.32
CA ILE D 135 -20.59 4.46 34.05
C ILE D 135 -22.11 4.48 34.09
N ALA D 136 -22.69 5.14 35.08
CA ALA D 136 -24.15 5.21 35.14
C ALA D 136 -24.74 5.71 33.82
N ILE D 137 -24.17 6.79 33.27
CA ILE D 137 -24.65 7.34 32.00
C ILE D 137 -24.55 6.31 30.87
N GLN D 138 -23.39 5.58 30.82
CA GLN D 138 -23.16 4.68 29.69
C GLN D 138 -23.96 3.38 29.84
N ALA D 139 -24.22 3.01 31.06
CA ALA D 139 -25.15 1.93 31.38
C ALA D 139 -26.58 2.28 30.93
N GLN D 140 -27.07 3.48 31.25
CA GLN D 140 -28.40 3.85 30.76
C GLN D 140 -28.46 3.82 29.24
N GLU D 141 -27.38 4.27 28.57
CA GLU D 141 -27.43 4.27 27.11
C GLU D 141 -27.57 2.86 26.54
N ILE D 142 -26.91 1.87 27.16
CA ILE D 142 -26.91 0.53 26.57
C ILE D 142 -28.28 -0.11 26.79
N LEU D 143 -28.90 0.26 27.91
CA LEU D 143 -30.24 -0.18 28.23
C LEU D 143 -31.26 0.32 27.18
N LYS D 144 -31.14 1.58 26.74
CA LYS D 144 -32.07 2.05 25.72
C LYS D 144 -31.86 1.29 24.41
N ALA D 145 -30.60 1.13 24.02
CA ALA D 145 -30.31 0.40 22.79
C ALA D 145 -30.89 -1.01 22.85
N LYS D 146 -30.75 -1.68 23.99
CA LYS D 146 -31.35 -3.00 24.15
C LYS D 146 -32.86 -2.94 23.88
N LYS D 147 -33.60 -2.09 24.62
CA LYS D 147 -35.03 -2.02 24.38
C LYS D 147 -35.33 -1.57 22.96
N LEU D 148 -34.63 -0.56 22.48
CA LEU D 148 -34.87 -0.08 21.10
C LEU D 148 -34.73 -1.22 20.08
N LEU D 149 -33.69 -2.04 20.20
CA LEU D 149 -33.45 -3.08 19.20
C LEU D 149 -34.45 -4.23 19.33
N ASN D 150 -34.80 -4.59 20.56
CA ASN D 150 -35.92 -5.51 20.75
C ASN D 150 -37.19 -5.00 20.08
N GLU D 151 -37.49 -3.70 20.18
CA GLU D 151 -38.71 -3.21 19.55
C GLU D 151 -38.62 -3.29 18.03
N ILE D 152 -37.50 -2.87 17.46
CA ILE D 152 -37.31 -2.95 16.02
C ILE D 152 -37.50 -4.39 15.53
N LEU D 153 -37.05 -5.37 16.34
CA LEU D 153 -37.18 -6.76 15.90
C LEU D 153 -38.64 -7.17 15.92
N ALA D 154 -39.31 -6.93 17.05
CA ALA D 154 -40.75 -7.19 17.16
C ALA D 154 -41.56 -6.59 16.00
N LYS D 155 -41.29 -5.30 15.62
CA LYS D 155 -42.08 -4.70 14.55
C LYS D 155 -41.92 -5.49 13.27
N HIS D 156 -40.68 -5.91 12.93
CA HIS D 156 -40.44 -6.44 11.60
C HIS D 156 -40.62 -7.95 11.49
N THR D 157 -40.69 -8.67 12.61
CA THR D 157 -41.03 -10.09 12.58
C THR D 157 -42.49 -10.36 12.87
N GLY D 158 -43.13 -9.51 13.67
CA GLY D 158 -44.48 -9.75 14.13
C GLY D 158 -44.57 -10.43 15.47
N GLN D 159 -43.48 -10.65 16.10
CA GLN D 159 -43.53 -11.37 17.35
C GLN D 159 -43.85 -10.42 18.50
N PRO D 160 -44.50 -10.96 19.52
CA PRO D 160 -44.72 -10.18 20.74
C PRO D 160 -43.38 -9.78 21.34
N LEU D 161 -43.32 -8.57 21.89
CA LEU D 161 -42.05 -8.06 22.36
C LEU D 161 -41.53 -8.83 23.57
N GLU D 162 -42.44 -9.30 24.41
CA GLU D 162 -42.00 -10.10 25.55
C GLU D 162 -41.25 -11.35 25.10
N LYS D 163 -41.41 -11.79 23.87
CA LYS D 163 -40.77 -12.98 23.32
C LYS D 163 -39.39 -12.66 22.77
N VAL D 164 -39.24 -11.58 22.00
CA VAL D 164 -37.91 -11.21 21.50
C VAL D 164 -36.99 -10.92 22.68
N GLU D 165 -37.51 -10.25 23.74
CA GLU D 165 -36.65 -9.97 24.89
C GLU D 165 -36.16 -11.26 25.54
N LYS D 166 -37.03 -12.27 25.68
CA LYS D 166 -36.53 -13.48 26.33
C LYS D 166 -35.69 -14.31 25.39
N ASP D 167 -35.97 -14.26 24.10
CA ASP D 167 -35.17 -15.02 23.13
C ASP D 167 -33.76 -14.46 22.99
N THR D 168 -33.61 -13.13 22.95
CA THR D 168 -32.30 -12.51 22.74
C THR D 168 -31.45 -12.42 24.00
N ASP D 169 -31.89 -13.00 25.12
CA ASP D 169 -31.09 -12.88 26.33
C ASP D 169 -29.74 -13.53 26.17
N ARG D 170 -29.66 -14.66 25.44
CA ARG D 170 -28.36 -15.15 25.05
C ARG D 170 -28.33 -15.36 23.55
N ASP D 171 -27.25 -15.95 23.02
CA ASP D 171 -27.18 -16.16 21.58
C ASP D 171 -28.31 -17.10 21.14
N TYR D 172 -29.06 -16.69 20.13
CA TYR D 172 -30.22 -17.44 19.64
C TYR D 172 -29.98 -17.72 18.17
N TYR D 173 -29.58 -18.93 17.85
CA TYR D 173 -29.24 -19.27 16.46
C TYR D 173 -30.47 -19.83 15.76
N LEU D 174 -30.67 -19.41 14.52
CA LEU D 174 -31.80 -19.84 13.71
C LEU D 174 -31.30 -20.40 12.40
N SER D 175 -31.78 -21.59 12.04
CA SER D 175 -31.64 -22.00 10.65
C SER D 175 -32.53 -21.13 9.75
N ALA D 176 -32.34 -21.27 8.44
CA ALA D 176 -33.13 -20.43 7.54
C ALA D 176 -34.60 -20.76 7.64
N GLN D 177 -34.94 -22.04 7.71
CA GLN D 177 -36.32 -22.41 7.96
C GLN D 177 -36.82 -21.82 9.27
N GLU D 178 -36.06 -22.02 10.36
CA GLU D 178 -36.45 -21.45 11.66
C GLU D 178 -36.62 -19.92 11.59
N ALA D 179 -35.88 -19.28 10.69
CA ALA D 179 -35.95 -17.84 10.51
C ALA D 179 -37.24 -17.46 9.78
N LEU D 180 -37.68 -18.34 8.89
CA LEU D 180 -38.95 -18.19 8.18
C LEU D 180 -40.15 -18.28 9.14
N GLU D 181 -40.13 -19.25 10.07
CA GLU D 181 -41.20 -19.36 11.05
C GLU D 181 -41.09 -18.32 12.14
N TYR D 182 -39.92 -17.71 12.33
CA TYR D 182 -39.81 -16.62 13.30
C TYR D 182 -40.25 -15.30 12.72
N GLY D 183 -40.27 -15.17 11.40
CA GLY D 183 -40.63 -13.90 10.80
C GLY D 183 -39.47 -13.05 10.33
N LEU D 184 -38.21 -13.55 10.43
CA LEU D 184 -37.08 -12.70 10.09
C LEU D 184 -36.94 -12.60 8.58
N ILE D 185 -37.46 -13.59 7.85
CA ILE D 185 -37.35 -13.58 6.40
C ILE D 185 -38.73 -14.02 5.83
N ASP D 186 -38.81 -14.04 4.51
CA ASP D 186 -40.05 -14.42 3.85
C ASP D 186 -39.96 -15.69 3.02
N GLN D 187 -38.81 -15.99 2.43
CA GLN D 187 -38.62 -17.19 1.64
C GLN D 187 -37.24 -17.79 1.82
N VAL D 188 -37.20 -19.11 1.97
CA VAL D 188 -35.95 -19.84 1.88
C VAL D 188 -35.80 -20.25 0.41
N VAL D 189 -34.85 -19.62 -0.28
CA VAL D 189 -34.65 -19.76 -1.72
C VAL D 189 -33.54 -20.77 -2.01
N THR D 190 -33.87 -21.81 -2.78
CA THR D 190 -32.90 -22.85 -3.13
C THR D 190 -32.41 -22.79 -4.57
N ARG D 191 -33.33 -22.60 -5.52
CA ARG D 191 -32.97 -22.51 -6.93
C ARG D 191 -32.93 -21.06 -7.40
N GLU D 192 -33.02 -20.87 -8.71
CA GLU D 192 -33.00 -19.54 -9.29
C GLU D 192 -34.39 -19.08 -9.69
N GLU D 193 -35.35 -20.01 -9.65
CA GLU D 193 -36.74 -19.73 -10.00
C GLU D 193 -36.86 -19.01 -11.34
N MET E 1 -10.10 -0.33 3.36
CA MET E 1 -11.20 0.40 2.75
C MET E 1 -11.40 0.07 1.29
N VAL E 2 -12.15 -1.00 1.02
CA VAL E 2 -12.53 -1.42 -0.32
C VAL E 2 -13.83 -0.74 -0.82
N ILE E 3 -13.75 0.57 -0.98
CA ILE E 3 -14.77 1.48 -1.49
C ILE E 3 -15.02 1.13 -2.96
N PRO E 4 -16.26 1.18 -3.43
CA PRO E 4 -16.56 0.78 -4.80
C PRO E 4 -16.48 1.97 -5.76
N TYR E 5 -16.56 1.62 -7.03
CA TYR E 5 -16.31 2.55 -8.11
C TYR E 5 -17.57 2.74 -8.94
N VAL E 6 -17.64 3.83 -9.76
CA VAL E 6 -18.76 4.03 -10.66
C VAL E 6 -18.19 4.62 -11.95
N ILE E 7 -18.96 4.50 -13.00
CA ILE E 7 -18.84 5.27 -14.24
C ILE E 7 -20.06 6.17 -14.43
N GLU E 14 -15.52 7.11 -19.73
CA GLU E 14 -14.70 8.30 -19.62
C GLU E 14 -15.03 9.12 -18.36
N ARG E 15 -15.51 8.43 -17.31
CA ARG E 15 -15.74 9.04 -16.00
C ARG E 15 -15.61 7.93 -14.95
N VAL E 16 -14.56 7.99 -14.15
CA VAL E 16 -14.30 6.99 -13.12
C VAL E 16 -14.25 7.70 -11.75
N TYR E 17 -15.24 7.41 -10.87
CA TYR E 17 -15.13 7.89 -9.51
C TYR E 17 -15.27 6.74 -8.51
N ASP E 18 -14.70 6.93 -7.33
CA ASP E 18 -15.11 6.17 -6.16
C ASP E 18 -16.39 6.78 -5.56
N ILE E 19 -17.08 5.99 -4.74
CA ILE E 19 -18.45 6.29 -4.39
C ILE E 19 -18.57 7.63 -3.67
N TYR E 20 -17.58 7.96 -2.83
CA TYR E 20 -17.68 9.24 -2.13
C TYR E 20 -17.38 10.39 -3.09
N SER E 21 -16.47 10.17 -4.04
CA SER E 21 -16.14 11.20 -5.02
C SER E 21 -17.31 11.46 -5.97
N ARG E 22 -18.12 10.42 -6.26
CA ARG E 22 -19.28 10.62 -7.11
C ARG E 22 -20.37 11.42 -6.38
N LEU E 23 -20.62 11.08 -5.11
CA LEU E 23 -21.58 11.90 -4.37
C LEU E 23 -21.06 13.31 -4.14
N LEU E 24 -19.77 13.53 -4.32
CA LEU E 24 -19.28 14.91 -4.23
C LEU E 24 -19.73 15.71 -5.45
N LYS E 25 -19.81 15.05 -6.61
CA LYS E 25 -20.32 15.74 -7.78
C LYS E 25 -21.76 16.16 -7.60
N ASP E 26 -22.53 15.50 -6.71
CA ASP E 26 -23.87 15.86 -6.25
C ASP E 26 -23.85 16.77 -5.01
N ARG E 27 -22.70 17.38 -4.72
CA ARG E 27 -22.53 18.31 -3.59
C ARG E 27 -22.86 17.66 -2.24
N ILE E 28 -22.43 16.40 -2.10
CA ILE E 28 -22.48 15.66 -0.84
C ILE E 28 -21.06 15.42 -0.32
N ILE E 29 -20.87 15.73 0.97
CA ILE E 29 -19.64 15.53 1.72
C ILE E 29 -19.92 14.61 2.89
N PHE E 30 -19.03 13.66 3.13
CA PHE E 30 -19.13 12.78 4.29
C PHE E 30 -18.12 13.17 5.36
N LEU E 31 -18.60 13.27 6.59
CA LEU E 31 -17.75 13.42 7.77
C LEU E 31 -18.05 12.18 8.61
N GLY E 32 -17.36 11.09 8.31
CA GLY E 32 -17.65 9.80 8.91
C GLY E 32 -16.60 9.19 9.82
N THR E 33 -15.51 9.89 10.06
CA THR E 33 -14.40 9.42 10.87
C THR E 33 -14.24 10.35 12.05
N PRO E 34 -13.51 9.95 13.07
CA PRO E 34 -13.15 10.92 14.12
C PRO E 34 -12.38 12.08 13.52
N ILE E 35 -12.45 13.22 14.17
CA ILE E 35 -11.96 14.46 13.59
C ILE E 35 -10.58 14.76 14.13
N ASP E 36 -9.63 14.75 13.23
CA ASP E 36 -8.28 15.22 13.49
C ASP E 36 -7.93 16.19 12.38
N ALA E 37 -6.76 16.81 12.49
CA ALA E 37 -6.43 17.84 11.52
C ALA E 37 -6.56 17.36 10.07
N GLN E 38 -6.16 16.10 9.84
CA GLN E 38 -6.14 15.61 8.46
C GLN E 38 -7.54 15.58 7.87
N VAL E 39 -8.56 15.22 8.64
CA VAL E 39 -9.90 15.09 8.08
C VAL E 39 -10.59 16.43 8.04
N ALA E 40 -10.36 17.30 9.03
CA ALA E 40 -10.77 18.69 8.92
C ALA E 40 -10.30 19.31 7.61
N ASN E 41 -9.00 19.22 7.33
CA ASN E 41 -8.49 19.81 6.08
C ASN E 41 -9.24 19.28 4.86
N VAL E 42 -9.48 17.98 4.78
CA VAL E 42 -10.08 17.47 3.55
C VAL E 42 -11.56 17.84 3.48
N VAL E 43 -12.23 18.02 4.63
CA VAL E 43 -13.60 18.50 4.60
C VAL E 43 -13.63 19.96 4.18
N VAL E 44 -12.86 20.81 4.88
CA VAL E 44 -12.68 22.21 4.48
C VAL E 44 -12.41 22.34 2.98
N ALA E 45 -11.51 21.53 2.46
CA ALA E 45 -11.18 21.66 1.04
C ALA E 45 -12.37 21.33 0.14
N GLN E 46 -13.19 20.35 0.54
CA GLN E 46 -14.34 20.02 -0.31
C GLN E 46 -15.35 21.15 -0.30
N LEU E 47 -15.59 21.75 0.87
CA LEU E 47 -16.46 22.91 0.97
C LEU E 47 -15.98 24.03 0.05
N LEU E 48 -14.74 24.47 0.22
CA LEU E 48 -14.16 25.51 -0.64
C LEU E 48 -14.36 25.23 -2.12
N PHE E 49 -14.23 23.96 -2.53
CA PHE E 49 -14.38 23.62 -3.94
C PHE E 49 -15.84 23.70 -4.37
N LEU E 50 -16.74 23.17 -3.55
CA LEU E 50 -18.17 23.16 -3.87
C LEU E 50 -18.77 24.56 -3.89
N ASP E 51 -18.25 25.45 -3.06
CA ASP E 51 -18.69 26.83 -3.06
C ASP E 51 -18.13 27.59 -4.25
N ALA E 52 -16.90 27.28 -4.65
CA ALA E 52 -16.35 27.86 -5.88
C ALA E 52 -17.12 27.36 -7.10
N GLN E 53 -17.54 26.09 -7.10
CA GLN E 53 -18.32 25.61 -8.22
C GLN E 53 -19.62 26.39 -8.36
N ASN E 54 -20.31 26.66 -7.23
CA ASN E 54 -21.62 27.33 -7.21
C ASN E 54 -21.99 27.84 -5.82
N PRO E 55 -21.79 29.13 -5.55
CA PRO E 55 -21.96 29.65 -4.19
C PRO E 55 -23.40 29.71 -3.71
N ASN E 56 -24.37 29.32 -4.55
CA ASN E 56 -25.76 29.47 -4.17
C ASN E 56 -26.45 28.14 -3.92
N GLN E 57 -25.98 27.07 -4.56
CA GLN E 57 -26.56 25.75 -4.32
C GLN E 57 -26.19 25.25 -2.92
N GLU E 58 -27.02 24.35 -2.40
CA GLU E 58 -26.79 23.82 -1.07
C GLU E 58 -25.76 22.70 -1.12
N ILE E 59 -25.05 22.54 -0.01
CA ILE E 59 -24.17 21.42 0.23
C ILE E 59 -24.76 20.59 1.35
N LYS E 60 -24.88 19.27 1.12
CA LYS E 60 -25.30 18.34 2.15
C LYS E 60 -24.05 17.72 2.77
N LEU E 61 -23.98 17.76 4.11
CA LEU E 61 -22.88 17.22 4.92
C LEU E 61 -23.45 16.11 5.82
N TYR E 62 -23.26 14.86 5.42
CA TYR E 62 -23.67 13.71 6.23
C TYR E 62 -22.67 13.46 7.37
N ILE E 63 -23.18 13.26 8.58
CA ILE E 63 -22.33 13.21 9.76
C ILE E 63 -22.50 11.87 10.44
N ASN E 64 -21.42 11.13 10.55
CA ASN E 64 -21.34 9.97 11.45
C ASN E 64 -19.93 10.01 12.06
N SER E 65 -19.81 10.62 13.24
CA SER E 65 -18.49 10.85 13.82
C SER E 65 -18.61 10.94 15.33
N PRO E 66 -17.61 10.44 16.06
CA PRO E 66 -17.62 10.55 17.53
C PRO E 66 -16.97 11.82 18.04
N GLY E 67 -16.52 12.67 17.14
CA GLY E 67 -15.89 13.90 17.60
C GLY E 67 -14.41 13.94 17.29
N GLY E 68 -13.65 14.69 18.06
CA GLY E 68 -12.25 14.84 17.74
C GLY E 68 -11.67 16.09 18.36
N GLU E 69 -10.63 16.61 17.71
CA GLU E 69 -9.90 17.75 18.24
C GLU E 69 -10.70 19.04 18.04
N VAL E 70 -10.76 19.87 19.10
CA VAL E 70 -11.52 21.11 18.98
C VAL E 70 -10.96 21.98 17.86
N ASP E 71 -9.63 22.08 17.75
CA ASP E 71 -9.09 22.99 16.75
C ASP E 71 -9.51 22.54 15.35
N ALA E 72 -9.40 21.25 15.06
CA ALA E 72 -9.82 20.78 13.75
C ALA E 72 -11.31 20.94 13.56
N GLY E 73 -12.09 20.69 14.60
CA GLY E 73 -13.53 20.87 14.47
C GLY E 73 -13.90 22.30 14.15
N LEU E 74 -13.36 23.25 14.92
CA LEU E 74 -13.61 24.65 14.64
C LEU E 74 -13.25 25.02 13.22
N ALA E 75 -12.16 24.46 12.69
CA ALA E 75 -11.83 24.68 11.29
C ALA E 75 -13.02 24.36 10.40
N ILE E 76 -13.63 23.19 10.61
CA ILE E 76 -14.79 22.83 9.82
C ILE E 76 -15.93 23.81 10.08
N TYR E 77 -16.19 24.13 11.35
CA TYR E 77 -17.22 25.09 11.71
C TYR E 77 -16.99 26.43 11.03
N ASP E 78 -15.85 27.06 11.31
CA ASP E 78 -15.58 28.37 10.71
C ASP E 78 -15.73 28.34 9.20
N THR E 79 -15.30 27.26 8.54
CA THR E 79 -15.43 27.20 7.09
C THR E 79 -16.89 27.09 6.65
N MET E 80 -17.76 26.46 7.44
CA MET E 80 -19.17 26.40 7.05
C MET E 80 -19.81 27.78 7.09
N GLN E 81 -19.61 28.51 8.20
CA GLN E 81 -20.11 29.87 8.30
C GLN E 81 -19.54 30.77 7.19
N PHE E 82 -18.24 30.67 6.94
CA PHE E 82 -17.59 31.60 6.01
C PHE E 82 -18.09 31.41 4.57
N VAL E 83 -18.34 30.17 4.18
CA VAL E 83 -18.64 29.86 2.79
C VAL E 83 -20.06 30.31 2.46
N ARG E 84 -20.24 30.85 1.24
CA ARG E 84 -21.52 31.47 0.88
C ARG E 84 -22.62 30.43 0.75
N ALA E 85 -22.28 29.27 0.22
CA ALA E 85 -23.28 28.24 0.06
C ALA E 85 -23.79 27.77 1.42
N PRO E 86 -25.09 27.52 1.55
CA PRO E 86 -25.61 27.03 2.82
C PRO E 86 -25.40 25.51 2.91
N VAL E 87 -24.95 25.04 4.07
CA VAL E 87 -24.63 23.63 4.24
C VAL E 87 -25.68 23.03 5.16
N SER E 88 -26.42 22.06 4.64
CA SER E 88 -27.35 21.31 5.44
C SER E 88 -26.57 20.15 6.07
N THR E 89 -26.60 20.09 7.40
CA THR E 89 -26.06 18.97 8.15
C THR E 89 -27.12 17.89 8.37
N ILE E 90 -26.73 16.63 8.15
CA ILE E 90 -27.60 15.46 8.42
C ILE E 90 -26.82 14.44 9.25
N VAL E 91 -27.22 14.22 10.50
CA VAL E 91 -26.60 13.16 11.29
C VAL E 91 -27.31 11.83 11.06
N ILE E 92 -26.56 10.86 10.53
CA ILE E 92 -26.98 9.46 10.43
C ILE E 92 -26.16 8.67 11.46
N GLY E 93 -26.80 7.80 12.21
CA GLY E 93 -26.05 7.21 13.30
C GLY E 93 -25.61 8.13 14.43
N MET E 94 -24.36 8.61 14.44
CA MET E 94 -23.80 9.28 15.63
C MET E 94 -23.18 10.63 15.27
N ALA E 95 -23.47 11.65 16.10
CA ALA E 95 -22.75 12.94 16.06
C ALA E 95 -22.45 13.39 17.49
N ALA E 96 -21.18 13.26 17.91
CA ALA E 96 -20.80 13.52 19.29
C ALA E 96 -19.71 14.58 19.37
N SER E 97 -19.60 15.20 20.55
CA SER E 97 -18.53 16.18 20.83
C SER E 97 -18.47 17.19 19.68
N MET E 98 -17.31 17.47 19.07
CA MET E 98 -17.20 18.44 17.99
C MET E 98 -18.14 18.12 16.84
N ALA E 99 -18.51 16.84 16.67
CA ALA E 99 -19.37 16.50 15.56
C ALA E 99 -20.79 16.95 15.83
N ALA E 100 -21.18 17.00 17.10
CA ALA E 100 -22.46 17.61 17.45
C ALA E 100 -22.46 19.10 17.12
N VAL E 101 -21.38 19.79 17.49
CA VAL E 101 -21.27 21.21 17.18
C VAL E 101 -21.40 21.45 15.69
N ILE E 102 -20.71 20.65 14.88
CA ILE E 102 -20.80 20.85 13.44
C ILE E 102 -22.22 20.61 12.95
N LEU E 103 -22.91 19.63 13.54
CA LEU E 103 -24.32 19.37 13.20
C LEU E 103 -25.18 20.58 13.50
N ALA E 104 -25.08 21.08 14.73
CA ALA E 104 -25.87 22.23 15.16
C ALA E 104 -25.61 23.48 14.33
N ALA E 105 -24.51 23.54 13.58
CA ALA E 105 -24.12 24.77 12.92
C ALA E 105 -24.43 24.75 11.43
N GLY E 106 -25.25 23.79 10.98
CA GLY E 106 -25.79 23.87 9.65
C GLY E 106 -26.75 25.05 9.54
N GLU E 107 -27.06 25.39 8.29
CA GLU E 107 -28.07 26.40 7.97
C GLU E 107 -29.34 26.18 8.78
N LYS E 108 -29.74 27.19 9.58
CA LYS E 108 -30.94 27.03 10.39
C LYS E 108 -32.10 26.62 9.51
N GLY E 109 -32.90 25.68 10.01
CA GLY E 109 -33.93 25.05 9.21
C GLY E 109 -33.49 23.90 8.32
N ARG E 110 -32.19 23.63 8.11
CA ARG E 110 -31.83 22.50 7.25
C ARG E 110 -30.93 21.51 7.96
N ARG E 111 -31.03 21.47 9.30
CA ARG E 111 -30.31 20.55 10.15
C ARG E 111 -31.21 19.36 10.47
N TYR E 112 -30.82 18.17 10.01
CA TYR E 112 -31.65 16.97 10.05
C TYR E 112 -30.97 15.78 10.75
N ALA E 113 -31.78 15.00 11.46
CA ALA E 113 -31.39 13.70 12.03
C ALA E 113 -32.26 12.58 11.46
N LEU E 114 -31.68 11.37 11.26
CA LEU E 114 -32.51 10.19 11.05
C LEU E 114 -33.05 9.68 12.39
N PRO E 115 -34.11 8.86 12.37
CA PRO E 115 -34.86 8.59 13.61
C PRO E 115 -34.01 8.04 14.74
N HIS E 116 -33.15 7.09 14.46
CA HIS E 116 -32.41 6.45 15.53
C HIS E 116 -31.00 7.00 15.71
N ALA E 117 -30.65 8.08 15.00
CA ALA E 117 -29.38 8.78 15.22
C ALA E 117 -29.31 9.41 16.60
N LYS E 118 -28.09 9.74 17.02
CA LYS E 118 -27.89 10.34 18.33
C LYS E 118 -26.99 11.55 18.20
N VAL E 119 -27.10 12.35 19.23
CA VAL E 119 -26.26 13.49 19.49
C VAL E 119 -25.77 13.37 20.91
N MET E 120 -24.52 13.68 21.10
CA MET E 120 -23.95 13.72 22.42
C MET E 120 -23.03 14.92 22.49
N ILE E 121 -23.11 15.56 23.64
CA ILE E 121 -22.37 16.76 23.92
C ILE E 121 -21.77 16.64 25.30
N HIS E 122 -20.66 17.33 25.47
CA HIS E 122 -19.90 17.36 26.72
C HIS E 122 -18.75 18.36 26.54
N GLN E 123 -18.07 18.62 27.64
CA GLN E 123 -16.99 19.57 27.67
C GLN E 123 -15.74 18.91 27.12
N PRO E 124 -14.72 19.69 26.78
CA PRO E 124 -13.53 19.10 26.18
C PRO E 124 -12.72 18.33 27.21
N TRP E 125 -11.87 17.48 26.67
CA TRP E 125 -10.91 16.74 27.47
C TRP E 125 -9.56 16.84 26.78
N GLY E 126 -8.51 16.61 27.54
CA GLY E 126 -7.18 16.70 26.97
C GLY E 126 -6.12 16.26 27.96
N GLY E 127 -4.91 16.72 27.71
CA GLY E 127 -3.80 16.31 28.53
C GLY E 127 -2.61 17.21 28.31
N VAL E 128 -1.85 17.43 29.37
CA VAL E 128 -0.66 18.28 29.36
C VAL E 128 0.41 17.65 30.21
N ARG E 129 1.60 17.68 29.76
CA ARG E 129 2.77 17.36 30.55
C ARG E 129 3.67 18.57 30.49
N GLY E 130 4.44 18.78 31.50
CA GLY E 130 5.42 19.85 31.46
C GLY E 130 5.64 20.38 32.85
N THR E 131 6.30 21.53 32.90
CA THR E 131 6.49 22.13 34.22
C THR E 131 5.20 22.89 34.61
N ALA E 132 5.15 23.26 35.90
CA ALA E 132 4.02 24.01 36.45
C ALA E 132 3.63 25.22 35.61
N SER E 133 4.62 26.06 35.23
CA SER E 133 4.38 27.17 34.30
C SER E 133 3.74 26.69 33.00
N ASP E 134 4.24 25.58 32.45
CA ASP E 134 3.71 25.09 31.19
C ASP E 134 2.28 24.56 31.37
N ILE E 135 2.02 23.82 32.45
CA ILE E 135 0.67 23.34 32.70
C ILE E 135 -0.30 24.49 32.89
N ALA E 136 0.09 25.51 33.66
CA ALA E 136 -0.80 26.65 33.84
C ALA E 136 -1.27 27.22 32.50
N ILE E 137 -0.33 27.41 31.56
CA ILE E 137 -0.68 27.94 30.24
C ILE E 137 -1.67 27.02 29.53
N GLN E 138 -1.48 25.72 29.58
CA GLN E 138 -2.37 24.89 28.79
C GLN E 138 -3.71 24.72 29.47
N ALA E 139 -3.66 24.68 30.78
CA ALA E 139 -4.91 24.73 31.54
C ALA E 139 -5.75 25.95 31.15
N GLN E 140 -5.14 27.14 31.10
CA GLN E 140 -5.92 28.31 30.65
C GLN E 140 -6.46 28.10 29.25
N GLU E 141 -5.67 27.48 28.35
CA GLU E 141 -6.17 27.31 27.00
C GLU E 141 -7.41 26.41 26.96
N ILE E 142 -7.46 25.37 27.79
CA ILE E 142 -8.56 24.42 27.71
C ILE E 142 -9.84 25.06 28.27
N LEU E 143 -9.62 25.94 29.25
CA LEU E 143 -10.71 26.70 29.84
C LEU E 143 -11.35 27.63 28.81
N LYS E 144 -10.56 28.29 27.96
CA LYS E 144 -11.18 29.14 26.93
C LYS E 144 -11.98 28.30 25.95
N ALA E 145 -11.40 27.19 25.50
CA ALA E 145 -12.09 26.31 24.57
C ALA E 145 -13.42 25.85 25.16
N LYS E 146 -13.42 25.48 26.44
CA LYS E 146 -14.66 25.10 27.10
C LYS E 146 -15.70 26.22 26.98
N LYS E 147 -15.37 27.44 27.48
CA LYS E 147 -16.32 28.53 27.38
C LYS E 147 -16.68 28.83 25.92
N LEU E 148 -15.67 28.89 25.05
CA LEU E 148 -15.95 29.17 23.64
C LEU E 148 -16.96 28.18 23.05
N LEU E 149 -16.80 26.88 23.33
CA LEU E 149 -17.68 25.88 22.72
C LEU E 149 -19.08 25.91 23.34
N ASN E 150 -19.16 26.13 24.65
CA ASN E 150 -20.46 26.39 25.25
C ASN E 150 -21.17 27.58 24.58
N GLU E 151 -20.43 28.65 24.27
CA GLU E 151 -21.10 29.80 23.66
C GLU E 151 -21.59 29.44 22.25
N ILE E 152 -20.74 28.79 21.46
CA ILE E 152 -21.15 28.38 20.11
C ILE E 152 -22.41 27.51 20.17
N LEU E 153 -22.53 26.67 21.20
CA LEU E 153 -23.71 25.81 21.27
C LEU E 153 -24.94 26.64 21.60
N ALA E 154 -24.85 27.46 22.63
CA ALA E 154 -25.93 28.39 22.98
C ALA E 154 -26.42 29.21 21.78
N LYS E 155 -25.50 29.74 20.96
CA LYS E 155 -25.92 30.53 19.83
C LYS E 155 -26.82 29.73 18.91
N HIS E 156 -26.37 28.53 18.58
CA HIS E 156 -27.00 27.82 17.48
C HIS E 156 -28.18 26.95 17.91
N THR E 157 -28.38 26.71 19.21
CA THR E 157 -29.57 26.04 19.70
C THR E 157 -30.62 27.00 20.22
N GLY E 158 -30.20 28.15 20.75
CA GLY E 158 -31.10 29.07 21.40
C GLY E 158 -31.19 28.90 22.90
N GLN E 159 -30.41 28.04 23.44
CA GLN E 159 -30.55 27.80 24.86
C GLN E 159 -29.74 28.82 25.66
N PRO E 160 -30.20 29.11 26.85
CA PRO E 160 -29.43 29.96 27.75
C PRO E 160 -28.08 29.31 28.05
N LEU E 161 -27.04 30.13 28.13
CA LEU E 161 -25.70 29.58 28.27
C LEU E 161 -25.51 28.86 29.60
N GLU E 162 -26.15 29.31 30.67
CA GLU E 162 -25.84 28.51 31.86
C GLU E 162 -26.49 27.14 31.79
N LYS E 163 -27.35 26.92 30.88
CA LYS E 163 -27.92 25.58 30.69
C LYS E 163 -26.98 24.67 29.93
N VAL E 164 -26.38 25.15 28.81
CA VAL E 164 -25.42 24.31 28.10
C VAL E 164 -24.25 23.99 29.01
N GLU E 165 -23.79 24.97 29.82
CA GLU E 165 -22.67 24.68 30.71
C GLU E 165 -23.03 23.57 31.71
N LYS E 166 -24.21 23.63 32.25
CA LYS E 166 -24.65 22.61 33.18
C LYS E 166 -24.86 21.27 32.54
N ASP E 167 -25.41 21.28 31.35
CA ASP E 167 -25.71 20.05 30.62
C ASP E 167 -24.45 19.32 30.16
N THR E 168 -23.45 20.07 29.65
CA THR E 168 -22.24 19.46 29.10
C THR E 168 -21.23 19.07 30.16
N ASP E 169 -21.55 19.19 31.45
CA ASP E 169 -20.56 18.86 32.46
C ASP E 169 -20.17 17.38 32.39
N ARG E 170 -21.12 16.51 32.08
CA ARG E 170 -20.73 15.14 31.74
C ARG E 170 -21.35 14.77 30.41
N ASP E 171 -21.21 13.50 30.00
CA ASP E 171 -21.78 13.10 28.71
C ASP E 171 -23.30 13.27 28.75
N TYR E 172 -23.82 13.94 27.73
CA TYR E 172 -25.26 14.26 27.65
C TYR E 172 -25.76 13.68 26.34
N TYR E 173 -26.44 12.54 26.41
CA TYR E 173 -26.89 11.87 25.19
C TYR E 173 -28.30 12.31 24.86
N LEU E 174 -28.54 12.56 23.58
CA LEU E 174 -29.83 13.00 23.09
C LEU E 174 -30.31 12.07 22.00
N SER E 175 -31.56 11.61 22.11
CA SER E 175 -32.20 11.04 20.94
C SER E 175 -32.46 12.12 19.90
N ALA E 176 -32.86 11.70 18.70
CA ALA E 176 -33.08 12.69 17.66
C ALA E 176 -34.25 13.61 18.02
N GLN E 177 -35.32 13.04 18.55
CA GLN E 177 -36.40 13.87 19.05
C GLN E 177 -35.90 14.81 20.14
N GLU E 178 -35.19 14.29 21.14
CA GLU E 178 -34.64 15.14 22.20
C GLU E 178 -33.73 16.23 21.64
N ALA E 179 -33.10 15.96 20.50
CA ALA E 179 -32.22 16.92 19.85
C ALA E 179 -33.03 18.02 19.18
N LEU E 180 -34.18 17.67 18.60
CA LEU E 180 -35.19 18.61 18.16
C LEU E 180 -35.63 19.57 19.28
N GLU E 181 -36.07 19.00 20.35
CA GLU E 181 -36.52 19.76 21.50
C GLU E 181 -35.42 20.61 22.11
N TYR E 182 -34.14 20.25 21.93
CA TYR E 182 -33.01 21.01 22.46
C TYR E 182 -32.57 22.11 21.51
N GLY E 183 -32.93 22.02 20.23
CA GLY E 183 -32.49 23.02 19.29
C GLY E 183 -31.30 22.62 18.44
N LEU E 184 -30.79 21.38 18.58
CA LEU E 184 -29.57 21.02 17.84
C LEU E 184 -29.90 20.76 16.39
N ILE E 185 -31.14 20.40 16.09
CA ILE E 185 -31.54 20.11 14.72
C ILE E 185 -32.93 20.78 14.48
N ASP E 186 -33.41 20.62 13.25
CA ASP E 186 -34.70 21.21 12.90
C ASP E 186 -35.78 20.20 12.54
N GLN E 187 -35.42 19.06 11.97
CA GLN E 187 -36.37 18.01 11.63
C GLN E 187 -35.82 16.62 11.85
N VAL E 188 -36.66 15.76 12.43
CA VAL E 188 -36.36 14.34 12.45
C VAL E 188 -37.01 13.75 11.21
N VAL E 189 -36.18 13.34 10.26
CA VAL E 189 -36.61 12.88 8.93
C VAL E 189 -36.67 11.35 8.88
N THR E 190 -37.84 10.81 8.55
CA THR E 190 -38.03 9.37 8.48
C THR E 190 -38.13 8.83 7.05
N ARG E 191 -39.03 9.38 6.25
CA ARG E 191 -39.26 8.83 4.92
C ARG E 191 -39.05 9.84 3.81
N GLU E 192 -38.56 9.34 2.68
CA GLU E 192 -38.33 10.21 1.58
C GLU E 192 -39.59 10.44 0.82
N GLU E 193 -40.03 11.66 0.79
CA GLU E 193 -41.27 12.03 0.12
C GLU E 193 -41.20 12.10 -1.41
N ALA E 194 -42.34 11.99 -2.07
CA ALA E 194 -42.46 12.01 -3.52
C ALA E 194 -42.12 13.36 -4.12
N LEU E 195 -41.71 13.35 -5.37
CA LEU E 195 -41.46 14.61 -6.05
C LEU E 195 -42.83 15.22 -6.13
N GLU E 196 -42.93 16.53 -5.93
CA GLU E 196 -44.26 17.12 -5.94
C GLU E 196 -44.57 18.13 -7.02
N HIS E 197 -45.81 18.05 -7.50
CA HIS E 197 -46.38 18.95 -8.49
C HIS E 197 -46.91 20.24 -7.86
N HIS E 198 -47.01 21.30 -8.62
CA HIS E 198 -47.51 22.55 -8.07
C HIS E 198 -48.48 23.22 -9.01
N HIS E 199 -49.45 23.96 -8.46
CA HIS E 199 -50.41 24.67 -9.31
C HIS E 199 -49.76 25.91 -9.93
N HIS E 200 -50.00 26.16 -11.22
CA HIS E 200 -49.69 27.46 -11.83
C HIS E 200 -51.02 28.13 -12.20
N HIS E 201 -51.57 28.87 -11.24
CA HIS E 201 -52.86 29.53 -11.45
C HIS E 201 -52.77 30.68 -12.45
N VAL F 2 -8.29 8.93 2.99
CA VAL F 2 -8.99 8.85 1.72
C VAL F 2 -9.46 10.21 1.30
N ILE F 3 -8.82 10.66 0.24
CA ILE F 3 -9.07 11.93 -0.42
C ILE F 3 -9.93 11.68 -1.65
N PRO F 4 -10.88 12.56 -1.94
CA PRO F 4 -11.79 12.32 -3.06
C PRO F 4 -11.26 12.92 -4.36
N TYR F 5 -11.96 12.61 -5.47
CA TYR F 5 -11.51 12.93 -6.81
C TYR F 5 -12.55 13.77 -7.55
N VAL F 6 -12.09 14.47 -8.58
CA VAL F 6 -13.00 15.30 -9.35
C VAL F 6 -12.64 15.09 -10.83
N ILE F 7 -13.58 15.43 -11.73
CA ILE F 7 -13.25 15.54 -13.15
C ILE F 7 -13.65 16.88 -13.74
N GLU F 14 -11.32 14.25 -19.45
CA GLU F 14 -9.91 13.96 -19.67
C GLU F 14 -9.04 14.59 -18.59
N ARG F 15 -9.59 14.62 -17.37
CA ARG F 15 -8.91 15.26 -16.25
C ARG F 15 -9.52 14.72 -14.96
N VAL F 16 -8.77 13.91 -14.22
CA VAL F 16 -9.17 13.43 -12.90
C VAL F 16 -8.11 13.92 -11.91
N TYR F 17 -8.46 14.93 -11.11
CA TYR F 17 -7.61 15.35 -10.00
C TYR F 17 -8.15 14.83 -8.67
N ASP F 18 -7.26 14.70 -7.69
CA ASP F 18 -7.66 14.66 -6.29
C ASP F 18 -7.91 16.08 -5.79
N ILE F 19 -8.63 16.17 -4.67
CA ILE F 19 -9.24 17.44 -4.27
C ILE F 19 -8.18 18.50 -4.03
N TYR F 20 -7.02 18.12 -3.48
CA TYR F 20 -6.01 19.15 -3.23
C TYR F 20 -5.35 19.56 -4.54
N SER F 21 -5.20 18.61 -5.47
CA SER F 21 -4.61 18.91 -6.77
C SER F 21 -5.52 19.81 -7.60
N ARG F 22 -6.85 19.68 -7.44
CA ARG F 22 -7.76 20.56 -8.15
C ARG F 22 -7.72 21.98 -7.60
N LEU F 23 -7.71 22.12 -6.27
CA LEU F 23 -7.57 23.46 -5.73
C LEU F 23 -6.20 24.05 -6.04
N LEU F 24 -5.23 23.23 -6.44
CA LEU F 24 -3.96 23.79 -6.88
C LEU F 24 -4.11 24.50 -8.23
N LYS F 25 -4.99 23.99 -9.11
CA LYS F 25 -5.22 24.67 -10.37
C LYS F 25 -5.85 26.04 -10.15
N ASP F 26 -6.53 26.23 -8.99
CA ASP F 26 -7.04 27.51 -8.51
C ASP F 26 -6.01 28.28 -7.66
N ARG F 27 -4.74 27.88 -7.73
CA ARG F 27 -3.64 28.53 -7.01
C ARG F 27 -3.86 28.52 -5.49
N ILE F 28 -4.38 27.38 -4.99
CA ILE F 28 -4.48 27.10 -3.56
C ILE F 28 -3.53 25.98 -3.17
N ILE F 29 -2.78 26.22 -2.09
CA ILE F 29 -1.85 25.30 -1.47
C ILE F 29 -2.28 25.05 -0.03
N PHE F 30 -2.24 23.80 0.39
CA PHE F 30 -2.51 23.45 1.78
C PHE F 30 -1.23 23.11 2.53
N LEU F 31 -1.08 23.70 3.71
CA LEU F 31 -0.04 23.34 4.66
C LEU F 31 -0.79 22.85 5.89
N GLY F 32 -1.28 21.62 5.84
CA GLY F 32 -2.08 21.08 6.94
C GLY F 32 -1.49 19.98 7.82
N THR F 33 -0.19 19.77 7.74
CA THR F 33 0.44 18.70 8.46
C THR F 33 1.51 19.36 9.31
N PRO F 34 2.20 18.65 10.24
CA PRO F 34 3.42 19.17 10.86
C PRO F 34 4.51 19.29 9.82
N ILE F 35 5.44 20.21 10.07
CA ILE F 35 6.41 20.58 9.04
C ILE F 35 7.71 19.84 9.29
N ASP F 36 8.05 19.01 8.33
CA ASP F 36 9.34 18.37 8.25
C ASP F 36 9.87 18.60 6.84
N ALA F 37 11.10 18.17 6.60
CA ALA F 37 11.70 18.47 5.31
C ALA F 37 10.82 18.05 4.13
N GLN F 38 10.06 16.93 4.26
CA GLN F 38 9.34 16.39 3.12
C GLN F 38 8.18 17.29 2.74
N VAL F 39 7.59 17.90 3.74
CA VAL F 39 6.42 18.72 3.43
C VAL F 39 6.85 20.12 3.03
N ALA F 40 7.90 20.65 3.65
CA ALA F 40 8.53 21.88 3.13
C ALA F 40 8.83 21.75 1.64
N ASN F 41 9.55 20.70 1.24
CA ASN F 41 9.89 20.54 -0.18
C ASN F 41 8.63 20.58 -1.06
N VAL F 42 7.57 19.88 -0.66
CA VAL F 42 6.43 19.80 -1.58
C VAL F 42 5.67 21.14 -1.58
N VAL F 43 5.71 21.90 -0.48
CA VAL F 43 5.10 23.23 -0.50
C VAL F 43 5.93 24.17 -1.37
N VAL F 44 7.23 24.26 -1.09
CA VAL F 44 8.17 25.00 -1.96
C VAL F 44 7.95 24.68 -3.43
N ALA F 45 7.84 23.40 -3.77
CA ALA F 45 7.69 23.05 -5.17
C ALA F 45 6.38 23.58 -5.76
N GLN F 46 5.30 23.58 -4.97
CA GLN F 46 4.04 24.10 -5.50
C GLN F 46 4.13 25.59 -5.75
N LEU F 47 4.75 26.33 -4.82
CA LEU F 47 4.97 27.76 -5.01
C LEU F 47 5.75 28.02 -6.30
N LEU F 48 6.93 27.42 -6.44
CA LEU F 48 7.73 27.57 -7.65
C LEU F 48 6.93 27.32 -8.93
N PHE F 49 6.04 26.34 -8.90
CA PHE F 49 5.25 26.01 -10.08
C PHE F 49 4.19 27.09 -10.35
N LEU F 50 3.49 27.50 -9.29
CA LEU F 50 2.43 28.50 -9.39
C LEU F 50 2.96 29.87 -9.81
N ASP F 51 4.18 30.20 -9.39
CA ASP F 51 4.81 31.44 -9.80
C ASP F 51 5.30 31.37 -11.23
N ALA F 52 5.79 30.20 -11.66
CA ALA F 52 6.13 30.02 -13.06
C ALA F 52 4.90 30.08 -13.95
N GLN F 53 3.75 29.61 -13.49
CA GLN F 53 2.58 29.71 -14.34
C GLN F 53 2.15 31.16 -14.50
N ASN F 54 2.26 31.94 -13.44
CA ASN F 54 1.84 33.35 -13.50
C ASN F 54 2.39 34.16 -12.31
N PRO F 55 3.48 34.89 -12.51
CA PRO F 55 4.15 35.55 -11.38
C PRO F 55 3.39 36.71 -10.79
N ASN F 56 2.22 37.06 -11.32
CA ASN F 56 1.50 38.23 -10.85
C ASN F 56 0.24 37.89 -10.08
N GLN F 57 -0.39 36.74 -10.38
CA GLN F 57 -1.57 36.33 -9.65
C GLN F 57 -1.21 35.91 -8.22
N GLU F 58 -2.19 36.00 -7.34
CA GLU F 58 -1.95 35.66 -5.94
C GLU F 58 -2.05 34.15 -5.75
N ILE F 59 -1.31 33.68 -4.74
CA ILE F 59 -1.41 32.31 -4.26
C ILE F 59 -2.00 32.36 -2.86
N LYS F 60 -3.03 31.55 -2.63
CA LYS F 60 -3.60 31.37 -1.30
C LYS F 60 -2.98 30.13 -0.67
N LEU F 61 -2.46 30.30 0.56
CA LEU F 61 -1.84 29.23 1.36
C LEU F 61 -2.67 29.05 2.63
N TYR F 62 -3.51 28.02 2.66
CA TYR F 62 -4.30 27.67 3.85
C TYR F 62 -3.43 26.93 4.87
N ILE F 63 -3.50 27.34 6.13
CA ILE F 63 -2.58 26.85 7.15
C ILE F 63 -3.38 26.17 8.25
N ASN F 64 -3.10 24.90 8.47
CA ASN F 64 -3.54 24.19 9.69
C ASN F 64 -2.38 23.27 10.08
N SER F 65 -1.51 23.74 10.95
CA SER F 65 -0.28 23.01 11.26
C SER F 65 0.19 23.37 12.66
N PRO F 66 0.75 22.41 13.39
CA PRO F 66 1.31 22.69 14.72
C PRO F 66 2.75 23.13 14.70
N GLY F 67 3.33 23.24 13.52
CA GLY F 67 4.71 23.65 13.47
C GLY F 67 5.63 22.55 12.98
N GLY F 68 6.89 22.59 13.38
CA GLY F 68 7.83 21.62 12.83
C GLY F 68 9.26 22.12 12.94
N GLU F 69 10.08 21.60 12.03
CA GLU F 69 11.51 21.89 12.05
C GLU F 69 11.78 23.30 11.54
N VAL F 70 12.63 24.05 12.26
CA VAL F 70 12.92 25.42 11.83
C VAL F 70 13.51 25.42 10.42
N ASP F 71 14.43 24.50 10.13
CA ASP F 71 15.08 24.56 8.83
C ASP F 71 14.05 24.39 7.72
N ALA F 72 13.16 23.41 7.87
CA ALA F 72 12.13 23.22 6.84
C ALA F 72 11.18 24.40 6.79
N GLY F 73 10.83 24.96 7.94
CA GLY F 73 9.95 26.11 7.94
C GLY F 73 10.56 27.28 7.20
N LEU F 74 11.80 27.63 7.56
CA LEU F 74 12.49 28.71 6.86
C LEU F 74 12.51 28.49 5.35
N ALA F 75 12.68 27.25 4.92
CA ALA F 75 12.61 26.95 3.49
C ALA F 75 11.31 27.49 2.92
N ILE F 76 10.19 27.19 3.58
CA ILE F 76 8.91 27.70 3.10
C ILE F 76 8.89 29.23 3.15
N TYR F 77 9.35 29.80 4.27
CA TYR F 77 9.42 31.24 4.41
C TYR F 77 10.26 31.87 3.31
N ASP F 78 11.53 31.49 3.22
CA ASP F 78 12.40 32.07 2.20
C ASP F 78 11.78 31.96 0.80
N THR F 79 11.13 30.83 0.50
CA THR F 79 10.53 30.70 -0.82
C THR F 79 9.34 31.64 -1.03
N MET F 80 8.60 31.96 0.04
CA MET F 80 7.49 32.90 -0.15
C MET F 80 8.00 34.29 -0.48
N GLN F 81 8.98 34.79 0.28
CA GLN F 81 9.59 36.08 -0.01
C GLN F 81 10.22 36.10 -1.40
N PHE F 82 10.94 35.04 -1.78
CA PHE F 82 11.68 35.05 -3.03
C PHE F 82 10.75 35.10 -4.24
N VAL F 83 9.64 34.39 -4.17
CA VAL F 83 8.78 34.22 -5.33
C VAL F 83 8.02 35.52 -5.62
N ARG F 84 7.88 35.84 -6.88
CA ARG F 84 7.24 37.09 -7.26
C ARG F 84 5.83 37.21 -6.91
N ALA F 85 5.11 36.15 -7.10
CA ALA F 85 3.69 36.17 -6.78
C ALA F 85 3.50 36.44 -5.29
N PRO F 86 2.50 37.24 -4.93
CA PRO F 86 2.23 37.47 -3.50
C PRO F 86 1.39 36.32 -2.95
N VAL F 87 1.76 35.84 -1.76
CA VAL F 87 1.07 34.69 -1.18
C VAL F 87 0.28 35.18 0.00
N SER F 88 -1.04 35.01 -0.08
CA SER F 88 -1.91 35.30 1.05
C SER F 88 -1.96 34.06 1.92
N THR F 89 -1.59 34.22 3.19
CA THR F 89 -1.73 33.19 4.20
C THR F 89 -3.10 33.27 4.90
N ILE F 90 -3.75 32.12 5.06
CA ILE F 90 -5.03 32.02 5.80
C ILE F 90 -4.92 30.88 6.81
N VAL F 91 -4.93 31.20 8.10
CA VAL F 91 -4.97 30.16 9.14
C VAL F 91 -6.41 29.77 9.44
N ILE F 92 -6.73 28.50 9.17
CA ILE F 92 -7.98 27.86 9.59
C ILE F 92 -7.63 26.89 10.71
N GLY F 93 -8.40 26.88 11.78
CA GLY F 93 -7.94 26.08 12.91
C GLY F 93 -6.66 26.53 13.62
N MET F 94 -5.51 25.93 13.31
CA MET F 94 -4.29 26.12 14.11
C MET F 94 -3.08 26.51 13.27
N ALA F 95 -2.33 27.52 13.75
CA ALA F 95 -1.00 27.84 13.19
C ALA F 95 -0.03 28.11 14.34
N ALA F 96 0.86 27.16 14.62
CA ALA F 96 1.74 27.23 15.78
C ALA F 96 3.20 27.16 15.37
N SER F 97 4.07 27.65 16.25
CA SER F 97 5.54 27.55 16.05
C SER F 97 5.88 28.02 14.65
N MET F 98 6.64 27.26 13.84
CA MET F 98 7.01 27.67 12.49
C MET F 98 5.80 28.00 11.63
N ALA F 99 4.65 27.39 11.95
CA ALA F 99 3.47 27.65 11.12
C ALA F 99 2.92 29.04 11.40
N ALA F 100 3.10 29.52 12.63
CA ALA F 100 2.78 30.93 12.91
C ALA F 100 3.67 31.86 12.11
N VAL F 101 4.97 31.59 12.09
CA VAL F 101 5.90 32.41 11.33
C VAL F 101 5.49 32.44 9.86
N ILE F 102 5.14 31.30 9.29
CA ILE F 102 4.75 31.29 7.88
C ILE F 102 3.48 32.12 7.68
N LEU F 103 2.56 32.06 8.63
CA LEU F 103 1.34 32.86 8.57
C LEU F 103 1.67 34.35 8.55
N ALA F 104 2.46 34.78 9.53
CA ALA F 104 2.85 36.17 9.65
C ALA F 104 3.60 36.70 8.43
N ALA F 105 4.13 35.83 7.57
CA ALA F 105 4.99 36.28 6.49
C ALA F 105 4.30 36.29 5.14
N GLY F 106 2.97 36.18 5.15
CA GLY F 106 2.21 36.45 3.94
C GLY F 106 2.33 37.91 3.57
N GLU F 107 1.95 38.20 2.33
CA GLU F 107 1.85 39.57 1.83
C GLU F 107 1.12 40.47 2.80
N LYS F 108 1.70 41.60 3.15
CA LYS F 108 1.07 42.42 4.13
C LYS F 108 -0.25 42.82 3.64
N GLY F 109 -1.20 42.93 4.55
CA GLY F 109 -2.57 43.15 4.15
C GLY F 109 -3.34 41.94 3.63
N ARG F 110 -2.69 40.82 3.37
CA ARG F 110 -3.46 39.68 2.88
C ARG F 110 -3.22 38.45 3.74
N ARG F 111 -2.99 38.66 5.06
CA ARG F 111 -2.85 37.63 6.07
C ARG F 111 -4.15 37.55 6.88
N TYR F 112 -4.84 36.41 6.79
CA TYR F 112 -6.19 36.23 7.33
C TYR F 112 -6.30 35.04 8.28
N ALA F 113 -7.15 35.20 9.31
CA ALA F 113 -7.57 34.14 10.22
C ALA F 113 -9.08 33.95 10.17
N LEU F 114 -9.56 32.69 10.32
CA LEU F 114 -10.98 32.48 10.61
C LEU F 114 -11.25 32.73 12.11
N PRO F 115 -12.52 32.96 12.47
CA PRO F 115 -12.79 33.51 13.82
C PRO F 115 -12.23 32.68 14.96
N HIS F 116 -12.39 31.37 14.90
CA HIS F 116 -11.96 30.55 16.02
C HIS F 116 -10.60 29.91 15.84
N ALA F 117 -9.86 30.27 14.78
CA ALA F 117 -8.49 29.84 14.59
C ALA F 117 -7.56 30.39 15.68
N LYS F 118 -6.39 29.77 15.80
CA LYS F 118 -5.43 30.20 16.79
C LYS F 118 -4.06 30.32 16.17
N VAL F 119 -3.26 31.09 16.89
CA VAL F 119 -1.86 31.27 16.65
C VAL F 119 -1.15 31.02 17.96
N MET F 120 -0.04 30.32 17.87
CA MET F 120 0.79 30.13 19.03
C MET F 120 2.23 30.25 18.58
N ILE F 121 2.98 30.90 19.45
CA ILE F 121 4.37 31.18 19.23
C ILE F 121 5.14 30.86 20.48
N HIS F 122 6.39 30.52 20.28
CA HIS F 122 7.33 30.15 21.34
C HIS F 122 8.70 29.96 20.71
N GLN F 123 9.69 29.78 21.56
CA GLN F 123 11.06 29.61 21.14
C GLN F 123 11.26 28.19 20.69
N PRO F 124 12.37 27.90 19.99
CA PRO F 124 12.57 26.56 19.49
C PRO F 124 12.92 25.59 20.60
N TRP F 125 12.75 24.32 20.28
CA TRP F 125 13.16 23.25 21.16
C TRP F 125 13.89 22.22 20.31
N GLY F 126 14.69 21.40 20.96
CA GLY F 126 15.45 20.41 20.24
C GLY F 126 16.17 19.47 21.17
N GLY F 127 17.22 18.86 20.64
CA GLY F 127 17.96 17.88 21.41
C GLY F 127 19.28 17.58 20.76
N VAL F 128 20.29 17.31 21.59
CA VAL F 128 21.64 17.01 21.14
C VAL F 128 22.21 15.91 22.02
N ARG F 129 22.82 14.94 21.39
CA ARG F 129 23.67 13.99 22.06
C ARG F 129 25.08 14.25 21.57
N GLY F 130 26.07 13.88 22.35
CA GLY F 130 27.42 13.86 21.85
C GLY F 130 28.39 14.25 22.94
N THR F 131 29.61 14.53 22.53
CA THR F 131 30.57 14.97 23.53
C THR F 131 30.34 16.48 23.82
N ALA F 132 30.98 16.95 24.90
CA ALA F 132 30.90 18.35 25.31
C ALA F 132 31.18 19.32 24.16
N SER F 133 32.28 19.10 23.41
CA SER F 133 32.56 19.88 22.20
C SER F 133 31.39 19.85 21.24
N ASP F 134 30.81 18.67 21.02
CA ASP F 134 29.71 18.56 20.07
C ASP F 134 28.47 19.28 20.58
N ILE F 135 28.14 19.13 21.87
CA ILE F 135 27.00 19.85 22.44
C ILE F 135 27.19 21.35 22.35
N ALA F 136 28.38 21.84 22.68
CA ALA F 136 28.61 23.28 22.59
C ALA F 136 28.25 23.83 21.20
N ILE F 137 28.69 23.13 20.14
CA ILE F 137 28.38 23.54 18.78
C ILE F 137 26.88 23.57 18.53
N GLN F 138 26.12 22.54 18.92
CA GLN F 138 24.73 22.65 18.52
C GLN F 138 23.92 23.51 19.48
N ALA F 139 24.39 23.65 20.73
CA ALA F 139 23.83 24.70 21.57
C ALA F 139 23.97 26.08 20.91
N GLN F 140 25.16 26.42 20.40
CA GLN F 140 25.28 27.70 19.68
C GLN F 140 24.31 27.77 18.50
N GLU F 141 24.14 26.66 17.77
CA GLU F 141 23.24 26.71 16.63
C GLU F 141 21.81 27.03 17.04
N ILE F 142 21.34 26.49 18.17
CA ILE F 142 19.94 26.66 18.54
C ILE F 142 19.71 28.08 19.01
N LEU F 143 20.75 28.65 19.61
CA LEU F 143 20.74 30.03 20.04
C LEU F 143 20.59 30.98 18.85
N LYS F 144 21.28 30.73 17.73
CA LYS F 144 21.12 31.60 16.57
C LYS F 144 19.70 31.49 16.03
N ALA F 145 19.19 30.27 15.91
CA ALA F 145 17.84 30.07 15.41
C ALA F 145 16.84 30.81 16.28
N LYS F 146 17.01 30.75 17.60
CA LYS F 146 16.14 31.51 18.49
C LYS F 146 16.17 32.99 18.15
N LYS F 147 17.36 33.59 18.13
CA LYS F 147 17.50 35.01 17.82
C LYS F 147 17.00 35.34 16.41
N LEU F 148 17.33 34.48 15.45
CA LEU F 148 16.88 34.67 14.07
C LEU F 148 15.35 34.67 13.98
N LEU F 149 14.68 33.73 14.65
CA LEU F 149 13.22 33.64 14.51
C LEU F 149 12.51 34.76 15.26
N ASN F 150 13.03 35.15 16.42
CA ASN F 150 12.53 36.37 17.05
C ASN F 150 12.64 37.57 16.12
N GLU F 151 13.75 37.71 15.39
CA GLU F 151 13.86 38.87 14.51
C GLU F 151 12.85 38.81 13.37
N ILE F 152 12.72 37.64 12.74
CA ILE F 152 11.73 37.48 11.67
C ILE F 152 10.33 37.83 12.16
N LEU F 153 10.02 37.51 13.43
CA LEU F 153 8.69 37.81 13.92
C LEU F 153 8.52 39.31 14.10
N ALA F 154 9.47 39.94 14.79
CA ALA F 154 9.48 41.40 14.94
C ALA F 154 9.32 42.13 13.61
N LYS F 155 10.05 41.75 12.57
CA LYS F 155 9.90 42.39 11.28
C LYS F 155 8.45 42.37 10.81
N HIS F 156 7.86 41.21 10.82
CA HIS F 156 6.60 41.04 10.12
C HIS F 156 5.37 41.39 10.95
N THR F 157 5.50 41.56 12.27
CA THR F 157 4.41 42.05 13.09
C THR F 157 4.53 43.53 13.39
N GLY F 158 5.75 44.06 13.46
CA GLY F 158 5.98 45.43 13.87
C GLY F 158 6.30 45.59 15.33
N GLN F 159 6.40 44.52 16.04
CA GLN F 159 6.62 44.65 17.47
C GLN F 159 8.10 44.85 17.76
N PRO F 160 8.37 45.56 18.85
CA PRO F 160 9.76 45.66 19.31
C PRO F 160 10.31 44.28 19.64
N LEU F 161 11.58 44.08 19.32
CA LEU F 161 12.16 42.75 19.47
C LEU F 161 12.24 42.31 20.92
N GLU F 162 12.48 43.24 21.84
CA GLU F 162 12.50 42.86 23.24
C GLU F 162 11.17 42.27 23.70
N LYS F 163 10.12 42.56 23.00
CA LYS F 163 8.78 42.07 23.33
C LYS F 163 8.55 40.65 22.80
N VAL F 164 8.91 40.39 21.52
CA VAL F 164 8.75 39.02 21.02
C VAL F 164 9.62 38.07 21.82
N GLU F 165 10.84 38.50 22.21
CA GLU F 165 11.69 37.60 23.00
C GLU F 165 11.04 37.27 24.34
N LYS F 166 10.46 38.23 25.02
CA LYS F 166 9.79 37.87 26.25
C LYS F 166 8.53 37.11 26.05
N ASP F 167 7.78 37.45 25.06
CA ASP F 167 6.51 36.75 24.82
C ASP F 167 6.73 35.28 24.47
N THR F 168 7.72 34.98 23.62
CA THR F 168 7.95 33.60 23.16
C THR F 168 8.71 32.74 24.16
N ASP F 169 8.99 33.24 25.37
CA ASP F 169 9.76 32.43 26.31
C ASP F 169 9.00 31.15 26.67
N ARG F 170 7.69 31.22 26.79
CA ARG F 170 6.92 29.99 26.88
C ARG F 170 5.82 30.01 25.84
N ASP F 171 4.93 29.02 25.85
CA ASP F 171 3.87 28.98 24.86
C ASP F 171 2.98 30.22 25.01
N TYR F 172 2.75 30.91 23.90
CA TYR F 172 1.98 32.16 23.90
C TYR F 172 0.83 31.97 22.93
N TYR F 173 -0.37 31.72 23.46
CA TYR F 173 -1.51 31.43 22.59
C TYR F 173 -2.27 32.72 22.31
N LEU F 174 -2.68 32.88 21.05
CA LEU F 174 -3.40 34.06 20.61
C LEU F 174 -4.70 33.64 19.96
N SER F 175 -5.80 34.27 20.38
CA SER F 175 -6.99 34.20 19.55
C SER F 175 -6.77 34.97 18.25
N ALA F 176 -7.72 34.82 17.31
CA ALA F 176 -7.54 35.49 16.04
C ALA F 176 -7.60 37.00 16.21
N GLN F 177 -8.51 37.49 17.04
CA GLN F 177 -8.51 38.90 17.36
C GLN F 177 -7.20 39.32 18.00
N GLU F 178 -6.75 38.58 19.02
CA GLU F 178 -5.46 38.90 19.67
C GLU F 178 -4.30 38.87 18.67
N ALA F 179 -4.43 38.06 17.61
CA ALA F 179 -3.41 37.97 16.57
C ALA F 179 -3.43 39.21 15.69
N LEU F 180 -4.64 39.72 15.40
CA LEU F 180 -4.81 41.05 14.80
C LEU F 180 -4.10 42.15 15.58
N GLU F 181 -4.45 42.25 16.84
CA GLU F 181 -3.83 43.26 17.66
C GLU F 181 -2.31 43.10 17.72
N TYR F 182 -1.78 41.88 17.65
CA TYR F 182 -0.36 41.62 17.76
C TYR F 182 0.37 41.90 16.45
N GLY F 183 -0.35 41.93 15.33
CA GLY F 183 0.30 42.14 14.06
C GLY F 183 0.55 40.88 13.25
N LEU F 184 0.19 39.72 13.73
CA LEU F 184 0.41 38.51 12.99
C LEU F 184 -0.41 38.41 11.76
N ILE F 185 -1.59 38.96 11.77
CA ILE F 185 -2.49 38.88 10.64
C ILE F 185 -3.05 40.30 10.36
N ASP F 186 -3.88 40.39 9.33
CA ASP F 186 -4.45 41.68 8.97
C ASP F 186 -5.96 41.75 9.09
N GLN F 187 -6.68 40.64 8.89
CA GLN F 187 -8.12 40.60 9.03
C GLN F 187 -8.61 39.31 9.63
N VAL F 188 -9.56 39.43 10.57
CA VAL F 188 -10.31 38.28 11.03
C VAL F 188 -11.55 38.19 10.13
N VAL F 189 -11.58 37.18 9.27
CA VAL F 189 -12.60 37.00 8.24
C VAL F 189 -13.68 36.02 8.70
N THR F 190 -14.90 36.48 8.81
CA THR F 190 -15.96 35.61 9.25
C THR F 190 -16.78 35.12 8.12
N ARG F 191 -16.87 35.90 7.02
CA ARG F 191 -17.70 35.49 5.91
C ARG F 191 -16.93 35.60 4.65
N GLU F 192 -17.39 34.96 3.61
CA GLU F 192 -16.65 34.88 2.39
C GLU F 192 -16.33 36.16 1.66
N GLU F 193 -17.08 37.23 1.90
CA GLU F 193 -16.79 38.43 1.14
C GLU F 193 -15.56 39.14 1.67
N ALA F 194 -14.48 38.87 0.97
CA ALA F 194 -13.16 39.41 1.22
C ALA F 194 -12.82 40.14 -0.05
N LEU F 195 -13.85 40.59 -0.75
CA LEU F 195 -13.71 41.27 -2.03
C LEU F 195 -13.87 42.78 -1.89
N GLU F 196 -13.34 43.33 -0.79
CA GLU F 196 -13.37 44.75 -0.51
C GLU F 196 -12.06 45.37 -0.94
N VAL G 2 1.57 12.82 0.71
CA VAL G 2 0.49 13.51 0.04
C VAL G 2 1.06 14.45 -1.02
N ILE G 3 1.36 13.91 -2.22
CA ILE G 3 1.85 14.82 -3.25
C ILE G 3 0.70 15.11 -4.22
N PRO G 4 0.56 16.34 -4.69
CA PRO G 4 -0.57 16.70 -5.54
C PRO G 4 -0.25 16.48 -7.02
N TYR G 5 -1.30 16.47 -7.84
CA TYR G 5 -1.12 16.19 -9.27
C TYR G 5 -1.61 17.39 -10.11
N VAL G 6 -1.17 17.45 -11.39
CA VAL G 6 -1.46 18.54 -12.30
C VAL G 6 -1.86 17.91 -13.63
N VAL G 16 -1.23 15.02 -16.44
CA VAL G 16 -1.43 13.99 -15.43
C VAL G 16 -0.06 13.63 -14.80
N TYR G 17 0.67 14.63 -14.31
CA TYR G 17 1.90 14.44 -13.53
C TYR G 17 1.63 14.72 -12.05
N ASP G 18 2.46 14.12 -11.19
CA ASP G 18 2.63 14.62 -9.83
C ASP G 18 3.61 15.80 -9.83
N ILE G 19 3.57 16.57 -8.75
CA ILE G 19 4.16 17.90 -8.75
C ILE G 19 5.67 17.84 -9.02
N TYR G 20 6.34 16.81 -8.49
CA TYR G 20 7.78 16.75 -8.75
C TYR G 20 8.05 16.32 -10.19
N SER G 21 7.19 15.45 -10.74
CA SER G 21 7.36 15.01 -12.12
C SER G 21 7.08 16.13 -13.10
N ARG G 22 6.19 17.06 -12.75
CA ARG G 22 5.93 18.21 -13.63
C ARG G 22 7.11 19.18 -13.61
N LEU G 23 7.67 19.46 -12.42
CA LEU G 23 8.86 20.30 -12.42
C LEU G 23 10.04 19.62 -13.07
N LEU G 24 9.98 18.30 -13.26
CA LEU G 24 11.04 17.65 -14.01
C LEU G 24 10.97 18.01 -15.48
N LYS G 25 9.74 18.21 -16.02
CA LYS G 25 9.60 18.63 -17.40
C LYS G 25 10.17 20.03 -17.61
N ASP G 26 10.31 20.83 -16.53
CA ASP G 26 11.01 22.11 -16.49
C ASP G 26 12.48 21.96 -16.08
N ARG G 27 13.02 20.74 -16.15
CA ARG G 27 14.42 20.45 -15.83
C ARG G 27 14.79 20.83 -14.39
N ILE G 28 13.85 20.57 -13.48
CA ILE G 28 14.06 20.69 -12.03
C ILE G 28 14.06 19.31 -11.38
N ILE G 29 15.07 19.08 -10.54
CA ILE G 29 15.26 17.88 -9.75
C ILE G 29 15.31 18.27 -8.28
N PHE G 30 14.62 17.49 -7.45
CA PHE G 30 14.67 17.69 -6.00
C PHE G 30 15.52 16.62 -5.33
N LEU G 31 16.42 17.08 -4.46
CA LEU G 31 17.18 16.22 -3.56
C LEU G 31 16.78 16.65 -2.16
N GLY G 32 15.67 16.11 -1.68
CA GLY G 32 15.06 16.54 -0.43
C GLY G 32 15.06 15.57 0.72
N THR G 33 15.61 14.41 0.50
CA THR G 33 15.66 13.35 1.46
C THR G 33 17.09 13.15 1.92
N PRO G 34 17.34 12.38 3.01
CA PRO G 34 18.70 11.90 3.27
C PRO G 34 19.16 10.99 2.15
N ILE G 35 20.45 10.93 1.95
CA ILE G 35 21.01 10.29 0.76
C ILE G 35 21.43 8.87 1.09
N ASP G 36 20.77 7.93 0.46
CA ASP G 36 21.15 6.53 0.47
C ASP G 36 21.19 6.08 -0.98
N ALA G 37 21.61 4.84 -1.19
CA ALA G 37 21.78 4.39 -2.56
C ALA G 37 20.53 4.59 -3.40
N GLN G 38 19.34 4.37 -2.79
CA GLN G 38 18.06 4.44 -3.47
C GLN G 38 17.79 5.81 -4.08
N VAL G 39 18.18 6.85 -3.36
CA VAL G 39 17.86 8.20 -3.80
C VAL G 39 18.96 8.74 -4.72
N ALA G 40 20.22 8.38 -4.45
CA ALA G 40 21.28 8.62 -5.43
C ALA G 40 20.89 8.08 -6.81
N ASN G 41 20.52 6.80 -6.89
CA ASN G 41 20.16 6.24 -8.19
C ASN G 41 19.06 7.06 -8.87
N VAL G 42 18.02 7.46 -8.15
CA VAL G 42 16.92 8.13 -8.84
C VAL G 42 17.32 9.56 -9.22
N VAL G 43 18.24 10.18 -8.48
CA VAL G 43 18.73 11.50 -8.89
C VAL G 43 19.62 11.34 -10.13
N VAL G 44 20.63 10.47 -10.05
CA VAL G 44 21.46 10.11 -11.21
C VAL G 44 20.59 9.85 -12.45
N ALA G 45 19.54 9.05 -12.30
CA ALA G 45 18.73 8.73 -13.47
C ALA G 45 18.04 9.95 -14.04
N GLN G 46 17.61 10.88 -13.20
CA GLN G 46 16.95 12.07 -13.73
C GLN G 46 17.93 12.95 -14.49
N LEU G 47 19.15 13.09 -13.96
CA LEU G 47 20.21 13.81 -14.67
C LEU G 47 20.45 13.21 -16.05
N LEU G 48 20.78 11.92 -16.10
CA LEU G 48 21.00 11.22 -17.37
C LEU G 48 19.87 11.47 -18.38
N PHE G 49 18.63 11.49 -17.89
CA PHE G 49 17.50 11.70 -18.80
C PHE G 49 17.44 13.14 -19.30
N LEU G 50 17.62 14.11 -18.39
CA LEU G 50 17.57 15.52 -18.72
C LEU G 50 18.70 15.94 -19.65
N ASP G 51 19.86 15.31 -19.52
CA ASP G 51 20.98 15.58 -20.40
C ASP G 51 20.78 14.94 -21.76
N ALA G 52 20.17 13.76 -21.79
CA ALA G 52 19.78 13.15 -23.07
C ALA G 52 18.72 13.99 -23.78
N GLN G 53 17.79 14.63 -23.07
CA GLN G 53 16.82 15.40 -23.84
C GLN G 53 17.46 16.66 -24.41
N ASN G 54 18.43 17.24 -23.68
CA ASN G 54 19.09 18.45 -24.17
C ASN G 54 20.39 18.75 -23.42
N PRO G 55 21.54 18.38 -23.98
CA PRO G 55 22.81 18.49 -23.25
C PRO G 55 23.30 19.89 -23.02
N ASN G 56 22.58 20.91 -23.49
CA ASN G 56 23.06 22.28 -23.40
C ASN G 56 22.26 23.12 -22.43
N GLN G 57 20.99 22.79 -22.23
CA GLN G 57 20.18 23.53 -21.26
C GLN G 57 20.60 23.21 -19.84
N GLU G 58 20.32 24.14 -18.93
CA GLU G 58 20.71 23.96 -17.55
C GLU G 58 19.69 23.08 -16.83
N ILE G 59 20.20 22.39 -15.81
CA ILE G 59 19.37 21.65 -14.86
C ILE G 59 19.49 22.33 -13.51
N LYS G 60 18.34 22.62 -12.89
CA LYS G 60 18.29 23.14 -11.54
C LYS G 60 18.07 21.97 -10.58
N LEU G 61 18.92 21.88 -9.56
CA LEU G 61 18.88 20.85 -8.51
C LEU G 61 18.65 21.55 -7.16
N TYR G 62 17.41 21.52 -6.68
CA TYR G 62 17.07 22.06 -5.36
C TYR G 62 17.47 21.10 -4.26
N ILE G 63 18.12 21.60 -3.23
CA ILE G 63 18.73 20.76 -2.21
C ILE G 63 18.12 21.09 -0.85
N ASN G 64 17.51 20.10 -0.23
CA ASN G 64 17.16 20.16 1.18
C ASN G 64 17.42 18.76 1.75
N SER G 65 18.61 18.55 2.30
CA SER G 65 19.02 17.20 2.71
C SER G 65 20.03 17.30 3.83
N PRO G 66 20.00 16.37 4.78
CA PRO G 66 21.00 16.34 5.86
C PRO G 66 22.24 15.54 5.52
N GLY G 67 22.30 15.00 4.32
CA GLY G 67 23.46 14.21 3.98
C GLY G 67 23.15 12.75 3.80
N GLY G 68 24.13 11.89 4.01
CA GLY G 68 23.91 10.48 3.76
C GLY G 68 25.21 9.75 3.52
N GLU G 69 25.10 8.66 2.77
CA GLU G 69 26.24 7.79 2.52
C GLU G 69 27.20 8.42 1.51
N VAL G 70 28.50 8.37 1.82
CA VAL G 70 29.48 8.97 0.91
C VAL G 70 29.39 8.31 -0.46
N ASP G 71 29.27 6.98 -0.52
CA ASP G 71 29.30 6.33 -1.83
C ASP G 71 28.14 6.82 -2.68
N ALA G 72 26.94 6.89 -2.09
CA ALA G 72 25.80 7.36 -2.86
C ALA G 72 25.96 8.84 -3.22
N GLY G 73 26.49 9.64 -2.30
CA GLY G 73 26.69 11.04 -2.62
C GLY G 73 27.64 11.23 -3.78
N LEU G 74 28.81 10.58 -3.72
CA LEU G 74 29.76 10.65 -4.83
C LEU G 74 29.11 10.26 -6.14
N ALA G 75 28.24 9.25 -6.13
CA ALA G 75 27.51 8.91 -7.34
C ALA G 75 26.83 10.13 -7.92
N ILE G 76 26.12 10.88 -7.08
CA ILE G 76 25.47 12.10 -7.56
C ILE G 76 26.50 13.09 -8.04
N TYR G 77 27.56 13.30 -7.26
CA TYR G 77 28.64 14.20 -7.65
C TYR G 77 29.25 13.81 -8.98
N ASP G 78 29.78 12.59 -9.08
CA ASP G 78 30.40 12.17 -10.33
C ASP G 78 29.46 12.34 -11.51
N THR G 79 28.17 12.05 -11.32
CA THR G 79 27.24 12.20 -12.44
C THR G 79 27.03 13.67 -12.82
N MET G 80 27.12 14.60 -11.88
CA MET G 80 26.97 16.01 -12.25
C MET G 80 28.14 16.48 -13.11
N GLN G 81 29.37 16.18 -12.68
CA GLN G 81 30.54 16.50 -13.48
C GLN G 81 30.50 15.84 -14.85
N PHE G 82 30.13 14.56 -14.90
CA PHE G 82 30.20 13.81 -16.16
C PHE G 82 29.22 14.34 -17.20
N VAL G 83 28.03 14.74 -16.75
CA VAL G 83 26.96 15.09 -17.67
C VAL G 83 27.26 16.45 -18.31
N ARG G 84 26.93 16.58 -19.62
CA ARG G 84 27.32 17.78 -20.37
C ARG G 84 26.54 18.99 -19.91
N ALA G 85 25.27 18.80 -19.59
CA ALA G 85 24.48 19.93 -19.14
C ALA G 85 25.02 20.48 -17.82
N PRO G 86 25.04 21.80 -17.66
CA PRO G 86 25.50 22.36 -16.39
C PRO G 86 24.35 22.34 -15.38
N VAL G 87 24.67 21.94 -14.15
CA VAL G 87 23.64 21.80 -13.12
C VAL G 87 23.85 22.90 -12.10
N SER G 88 22.85 23.76 -11.97
CA SER G 88 22.85 24.78 -10.93
C SER G 88 22.27 24.15 -9.68
N THR G 89 23.05 24.17 -8.60
CA THR G 89 22.59 23.76 -7.28
C THR G 89 21.99 24.95 -6.51
N ILE G 90 20.84 24.73 -5.87
CA ILE G 90 20.18 25.72 -5.01
C ILE G 90 19.83 25.06 -3.68
N VAL G 91 20.47 25.48 -2.59
CA VAL G 91 20.08 25.00 -1.26
C VAL G 91 18.97 25.86 -0.68
N ILE G 92 17.81 25.24 -0.45
CA ILE G 92 16.70 25.83 0.31
C ILE G 92 16.64 25.10 1.65
N GLY G 93 16.50 25.85 2.73
CA GLY G 93 16.64 25.17 4.02
C GLY G 93 18.01 24.61 4.37
N MET G 94 18.26 23.30 4.17
CA MET G 94 19.46 22.65 4.71
C MET G 94 20.23 21.87 3.65
N ALA G 95 21.57 22.03 3.65
CA ALA G 95 22.46 21.16 2.88
C ALA G 95 23.67 20.79 3.74
N ALA G 96 23.71 19.54 4.24
CA ALA G 96 24.73 19.11 5.19
C ALA G 96 25.49 17.91 4.67
N SER G 97 26.69 17.71 5.22
CA SER G 97 27.52 16.52 4.91
C SER G 97 27.59 16.35 3.39
N MET G 98 27.29 15.17 2.83
CA MET G 98 27.36 14.95 1.39
C MET G 98 26.50 15.94 0.62
N ALA G 99 25.45 16.45 1.25
CA ALA G 99 24.57 17.37 0.52
C ALA G 99 25.24 18.71 0.35
N ALA G 100 26.11 19.09 1.30
CA ALA G 100 26.94 20.28 1.11
C ALA G 100 27.89 20.09 -0.07
N VAL G 101 28.54 18.94 -0.13
CA VAL G 101 29.44 18.66 -1.24
C VAL G 101 28.71 18.76 -2.57
N ILE G 102 27.52 18.19 -2.66
CA ILE G 102 26.79 18.27 -3.92
C ILE G 102 26.44 19.71 -4.26
N LEU G 103 26.12 20.51 -3.25
CA LEU G 103 25.85 21.93 -3.45
C LEU G 103 27.06 22.64 -4.03
N ALA G 104 28.21 22.47 -3.35
CA ALA G 104 29.44 23.11 -3.78
C ALA G 104 29.88 22.70 -5.18
N ALA G 105 29.35 21.61 -5.73
CA ALA G 105 29.86 21.08 -6.99
C ALA G 105 28.95 21.40 -8.16
N GLY G 106 28.01 22.33 -7.97
CA GLY G 106 27.30 22.87 -9.11
C GLY G 106 28.24 23.68 -9.99
N GLU G 107 27.77 23.96 -11.20
CA GLU G 107 28.46 24.84 -12.14
C GLU G 107 28.92 26.11 -11.46
N LYS G 108 30.24 26.38 -11.49
CA LYS G 108 30.75 27.58 -10.84
C LYS G 108 30.00 28.80 -11.36
N GLY G 109 29.66 29.70 -10.44
CA GLY G 109 28.78 30.81 -10.74
C GLY G 109 27.29 30.52 -10.71
N ARG G 110 26.85 29.27 -10.64
CA ARG G 110 25.41 29.01 -10.61
C ARG G 110 25.03 28.19 -9.38
N ARG G 111 25.76 28.37 -8.27
CA ARG G 111 25.50 27.76 -6.98
C ARG G 111 24.86 28.80 -6.06
N TYR G 112 23.61 28.57 -5.66
CA TYR G 112 22.79 29.55 -4.94
C TYR G 112 22.23 29.01 -3.63
N ALA G 113 22.13 29.90 -2.64
CA ALA G 113 21.44 29.67 -1.36
C ALA G 113 20.31 30.68 -1.18
N LEU G 114 19.19 30.25 -0.54
CA LEU G 114 18.22 31.22 -0.04
C LEU G 114 18.70 31.82 1.29
N PRO G 115 18.16 32.96 1.70
CA PRO G 115 18.82 33.73 2.79
C PRO G 115 19.00 32.95 4.07
N HIS G 116 17.99 32.21 4.50
CA HIS G 116 18.09 31.54 5.78
C HIS G 116 18.48 30.08 5.68
N ALA G 117 18.85 29.60 4.50
CA ALA G 117 19.40 28.26 4.31
C ALA G 117 20.74 28.10 5.02
N LYS G 118 21.12 26.84 5.23
CA LYS G 118 22.38 26.55 5.89
C LYS G 118 23.15 25.51 5.11
N VAL G 119 24.43 25.52 5.42
CA VAL G 119 25.39 24.55 4.98
C VAL G 119 26.13 24.06 6.21
N MET G 120 26.35 22.76 6.25
CA MET G 120 27.15 22.18 7.30
C MET G 120 28.02 21.13 6.68
N ILE G 121 29.24 21.13 7.18
CA ILE G 121 30.27 20.23 6.71
C ILE G 121 30.98 19.64 7.90
N HIS G 122 31.50 18.45 7.68
CA HIS G 122 32.22 17.68 8.71
C HIS G 122 32.77 16.43 8.03
N GLN G 123 33.59 15.71 8.78
CA GLN G 123 34.24 14.51 8.29
C GLN G 123 33.25 13.37 8.35
N PRO G 124 33.55 12.26 7.68
CA PRO G 124 32.59 11.15 7.65
C PRO G 124 32.55 10.44 8.99
N TRP G 125 31.46 9.71 9.16
CA TRP G 125 31.29 8.83 10.31
C TRP G 125 30.80 7.50 9.80
N GLY G 126 30.98 6.46 10.61
CA GLY G 126 30.56 5.14 10.20
C GLY G 126 30.73 4.14 11.33
N GLY G 127 30.80 2.88 10.92
CA GLY G 127 30.88 1.82 11.90
C GLY G 127 31.33 0.54 11.25
N VAL G 128 32.08 -0.26 12.01
CA VAL G 128 32.61 -1.54 11.55
C VAL G 128 32.54 -2.55 12.69
N ARG G 129 32.05 -3.72 12.39
CA ARG G 129 32.23 -4.85 13.28
C ARG G 129 33.05 -5.88 12.53
N GLY G 130 33.80 -6.69 13.27
CA GLY G 130 34.50 -7.79 12.67
C GLY G 130 35.77 -8.08 13.44
N THR G 131 36.62 -8.89 12.82
CA THR G 131 37.88 -9.16 13.48
C THR G 131 38.84 -7.97 13.24
N ALA G 132 39.94 -7.98 14.01
CA ALA G 132 40.98 -6.96 13.91
C ALA G 132 41.44 -6.72 12.47
N SER G 133 41.75 -7.80 11.73
CA SER G 133 42.06 -7.69 10.30
C SER G 133 40.95 -6.99 9.53
N ASP G 134 39.69 -7.35 9.82
CA ASP G 134 38.59 -6.74 9.10
C ASP G 134 38.44 -5.27 9.46
N ILE G 135 38.55 -4.92 10.75
CA ILE G 135 38.48 -3.52 11.14
C ILE G 135 39.59 -2.70 10.52
N ALA G 136 40.81 -3.22 10.52
CA ALA G 136 41.91 -2.48 9.90
C ALA G 136 41.57 -2.07 8.45
N ILE G 137 41.04 -3.02 7.67
CA ILE G 137 40.66 -2.73 6.29
C ILE G 137 39.61 -1.63 6.23
N GLN G 138 38.56 -1.69 7.04
CA GLN G 138 37.45 -0.74 7.00
C GLN G 138 37.87 0.63 7.52
N ALA G 139 38.77 0.62 8.51
CA ALA G 139 39.41 1.86 8.99
C ALA G 139 40.20 2.54 7.87
N GLN G 140 41.04 1.79 7.15
CA GLN G 140 41.75 2.41 6.02
C GLN G 140 40.76 3.00 5.01
N GLU G 141 39.66 2.30 4.73
CA GLU G 141 38.72 2.83 3.75
C GLU G 141 38.13 4.17 4.18
N ILE G 142 37.85 4.34 5.48
CA ILE G 142 37.16 5.55 5.93
C ILE G 142 38.14 6.72 5.87
N LEU G 143 39.41 6.40 6.13
CA LEU G 143 40.48 7.37 6.04
C LEU G 143 40.62 7.91 4.60
N LYS G 144 40.53 7.06 3.59
CA LYS G 144 40.62 7.57 2.22
C LYS G 144 39.44 8.48 1.90
N ALA G 145 38.24 8.04 2.29
CA ALA G 145 37.05 8.84 2.05
C ALA G 145 37.19 10.21 2.70
N LYS G 146 37.70 10.24 3.93
CA LYS G 146 37.95 11.53 4.59
C LYS G 146 38.86 12.41 3.74
N LYS G 147 40.06 11.93 3.40
CA LYS G 147 40.95 12.75 2.58
C LYS G 147 40.31 13.07 1.23
N LEU G 148 39.72 12.08 0.58
CA LEU G 148 39.09 12.32 -0.71
C LEU G 148 38.06 13.46 -0.63
N LEU G 149 37.21 13.46 0.40
CA LEU G 149 36.15 14.46 0.47
C LEU G 149 36.70 15.83 0.84
N ASN G 150 37.69 15.88 1.73
CA ASN G 150 38.40 17.14 1.95
C ASN G 150 38.97 17.68 0.64
N GLU G 151 39.54 16.84 -0.21
CA GLU G 151 40.12 17.37 -1.45
C GLU G 151 39.02 17.90 -2.37
N ILE G 152 37.94 17.15 -2.54
CA ILE G 152 36.81 17.61 -3.36
C ILE G 152 36.31 18.97 -2.87
N LEU G 153 36.31 19.19 -1.56
CA LEU G 153 35.81 20.46 -1.04
C LEU G 153 36.77 21.57 -1.39
N ALA G 154 38.06 21.38 -1.08
CA ALA G 154 39.10 22.34 -1.45
C ALA G 154 39.04 22.72 -2.93
N LYS G 155 38.84 21.74 -3.84
CA LYS G 155 38.79 21.99 -5.27
C LYS G 155 37.69 22.99 -5.61
N HIS G 156 36.53 22.79 -5.02
CA HIS G 156 35.35 23.52 -5.48
C HIS G 156 35.06 24.80 -4.69
N THR G 157 35.71 25.00 -3.55
CA THR G 157 35.60 26.26 -2.83
C THR G 157 36.79 27.18 -3.09
N GLY G 158 37.97 26.62 -3.35
CA GLY G 158 39.18 27.40 -3.47
C GLY G 158 39.99 27.48 -2.20
N GLN G 159 39.57 26.83 -1.19
CA GLN G 159 40.29 26.97 0.07
C GLN G 159 41.48 26.04 0.11
N PRO G 160 42.51 26.45 0.84
CA PRO G 160 43.64 25.56 1.07
C PRO G 160 43.17 24.32 1.81
N LEU G 161 43.76 23.18 1.44
CA LEU G 161 43.28 21.91 1.97
C LEU G 161 43.53 21.80 3.48
N GLU G 162 44.63 22.37 3.95
CA GLU G 162 44.87 22.31 5.39
C GLU G 162 43.74 22.98 6.17
N LYS G 163 43.01 23.86 5.55
CA LYS G 163 41.91 24.59 6.19
C LYS G 163 40.63 23.77 6.22
N VAL G 164 40.25 23.13 5.09
CA VAL G 164 39.06 22.29 5.11
C VAL G 164 39.24 21.15 6.10
N GLU G 165 40.46 20.57 6.18
CA GLU G 165 40.68 19.49 7.13
C GLU G 165 40.47 19.97 8.56
N LYS G 166 40.97 21.17 8.91
CA LYS G 166 40.78 21.58 10.30
C LYS G 166 39.36 22.06 10.54
N ASP G 167 38.71 22.63 9.53
CA ASP G 167 37.34 23.09 9.70
C ASP G 167 36.36 21.93 9.87
N THR G 168 36.51 20.85 9.08
CA THR G 168 35.58 19.73 9.11
C THR G 168 35.83 18.76 10.26
N ASP G 169 36.75 19.06 11.18
CA ASP G 169 37.03 18.10 12.25
C ASP G 169 35.79 17.90 13.12
N ARG G 170 35.01 18.95 13.35
CA ARG G 170 33.71 18.74 13.96
C ARG G 170 32.65 19.41 13.09
N ASP G 171 31.40 19.43 13.57
CA ASP G 171 30.34 20.06 12.77
C ASP G 171 30.66 21.54 12.58
N TYR G 172 30.60 21.99 11.33
CA TYR G 172 30.95 23.37 10.97
C TYR G 172 29.73 23.96 10.27
N TYR G 173 28.96 24.77 10.98
CA TYR G 173 27.73 25.31 10.41
C TYR G 173 28.01 26.67 9.77
N LEU G 174 27.43 26.88 8.60
CA LEU G 174 27.61 28.11 7.85
C LEU G 174 26.26 28.71 7.54
N SER G 175 26.11 30.01 7.82
CA SER G 175 24.98 30.72 7.22
C SER G 175 25.21 30.86 5.71
N ALA G 176 24.18 31.33 5.01
CA ALA G 176 24.33 31.43 3.56
C ALA G 176 25.38 32.46 3.20
N GLN G 177 25.38 33.60 3.89
CA GLN G 177 26.45 34.56 3.70
C GLN G 177 27.81 33.93 3.99
N GLU G 178 27.95 33.29 5.15
CA GLU G 178 29.22 32.63 5.50
C GLU G 178 29.62 31.59 4.45
N ALA G 179 28.63 31.00 3.77
CA ALA G 179 28.89 30.02 2.73
C ALA G 179 29.42 30.70 1.47
N LEU G 180 28.89 31.89 1.15
CA LEU G 180 29.46 32.78 0.14
C LEU G 180 30.94 33.08 0.41
N GLU G 181 31.26 33.56 1.57
CA GLU G 181 32.64 33.90 1.86
C GLU G 181 33.54 32.69 1.95
N TYR G 182 32.96 31.50 2.17
CA TYR G 182 33.77 30.28 2.20
C TYR G 182 33.99 29.72 0.80
N GLY G 183 33.16 30.10 -0.17
CA GLY G 183 33.30 29.55 -1.49
C GLY G 183 32.34 28.41 -1.83
N LEU G 184 31.42 28.06 -0.92
CA LEU G 184 30.56 26.91 -1.20
C LEU G 184 29.48 27.27 -2.20
N ILE G 185 29.15 28.55 -2.29
CA ILE G 185 28.12 29.00 -3.22
C ILE G 185 28.62 30.29 -3.92
N ASP G 186 27.79 30.81 -4.80
CA ASP G 186 28.17 32.01 -5.55
C ASP G 186 27.26 33.21 -5.27
N GLN G 187 25.98 33.00 -4.99
CA GLN G 187 25.06 34.08 -4.69
C GLN G 187 24.06 33.70 -3.61
N VAL G 188 23.84 34.63 -2.69
CA VAL G 188 22.72 34.52 -1.77
C VAL G 188 21.55 35.24 -2.43
N VAL G 189 20.55 34.48 -2.87
CA VAL G 189 19.43 34.98 -3.65
C VAL G 189 18.21 35.23 -2.74
N THR G 190 17.70 36.45 -2.76
CA THR G 190 16.55 36.83 -1.94
C THR G 190 15.27 37.01 -2.73
N ARG G 191 15.27 37.74 -3.89
CA ARG G 191 14.11 37.81 -4.74
C ARG G 191 14.50 37.48 -6.18
N GLU G 192 13.49 37.29 -6.99
CA GLU G 192 13.53 36.48 -8.21
C GLU G 192 13.94 37.26 -9.46
N GLU G 193 14.56 38.44 -9.38
CA GLU G 193 14.97 39.23 -10.57
C GLU G 193 14.28 38.87 -11.88
#